data_8JD5
#
_entry.id   8JD5
#
_cell.length_a   1.00
_cell.length_b   1.00
_cell.length_c   1.00
_cell.angle_alpha   90.00
_cell.angle_beta   90.00
_cell.angle_gamma   90.00
#
_symmetry.space_group_name_H-M   'P 1'
#
loop_
_entity.id
_entity.type
_entity.pdbx_description
1 polymer 'Metabotropic glutamate receptor 2'
2 polymer 'Metabotropic glutamate receptor 4'
3 polymer 'Guanine nucleotide-binding protein G(i) subunit alpha-1'
4 polymer 'Guanine nucleotide-binding protein G(I)/G(S)/G(T) subunit beta-1'
5 polymer 'Guanine nucleotide-binding protein G(I)/G(S)/G(O) subunit gamma-2'
6 polymer scFv
7 non-polymer 1-butyl-3-chloranyl-4-(4-phenylpiperidin-1-yl)pyridin-2-one
8 non-polymer 'GLUTAMIC ACID'
9 non-polymer CHOLESTEROL
10 non-polymer DI-PALMITOYL-3-SN-PHOSPHATIDYLETHANOLAMINE
11 non-polymer 2-acetamido-2-deoxy-beta-D-glucopyranose
12 non-polymer 5-methyl-N-(4-methylpyrimidin-2-yl)-4-(1H-pyrazol-4-yl)-1,3-thiazol-2-amine
#
loop_
_entity_poly.entity_id
_entity_poly.type
_entity_poly.pdbx_seq_one_letter_code
_entity_poly.pdbx_strand_id
1 'polypeptide(L)'
;DYKDDDDGAPEGPAKKVLTLEGDLVLGGLFPVHQKGGPAEDCGPVNEHRGIQRLEAMLFALDRINRDPHLLPGVRLGAHI
LDSCSKDTHALEQALDFVRASLSRGADGSRHICPDGSYATHGDAPTAITGVIGGSYSDVSIQVANLLRLFQIPQISYAST
SAKLSDKSRYDYFARTVPPDFFQAKAMAEILRFFNWTYVSTVASEGDYGETGIEAFELEARARNICVATSEKVGRAMSRA
AFEGVVRALLQKPSARVAVLFTRSEDARELLAASQRLNASFTWVASDGWGALESVVAGSEGAAEGAITIELASYPISDFA
SYFQSLDPWNNSRNPWFREFWEQRFRCSFRQRDCAAHSLRAVPFEQESKIMFVVNAVYAMAHALHNMHRALCPNTTRLCD
AMRPVNGRRLYKDFVLNVKFDAPFRPADTHNEVRFDRFGDGIGRYNIFTYLRAGSGRYRYQKVGYWAEGLTLDTSLIPWA
SPSAGPLPASRCSEPCLQNEVKSVQPGEVCCWLCIPCQPYEYRLDEFTCADCGLGYWPNASLTGCFELPQEYIRWGDAWA
VGPVTIACLGALATLFVLGVFVRHNATPVVKASGRELCYILLGGVFLCYCMTFIFIAKPSTAVCTLRRLGLGTAFSVCYS
ALLTKTNRIARIFGGAREGAQRPRFISPASQVAICLALISGQLLIVVAWLVVEAPGTGKETAPERREVVTLRCNHRDASM
LGSLAYNVLLIALCTLYAFKTRKCPENFNEAKFIGFTMYTTCIIWLAFLPIFYVTSSDYRVQTTTMCVSVSLSGSVVLGC
LFAPKLHIILFQPQKNVVSHRAPTSRFGSAAARASSSLGQGSGSQFVPTVCNGREVVDSTTSSLLEVLFQ
;
2
2 'polypeptide(L)'
;DYKDDDDGAPWSHPQFEKGSGSWSHPQFEKKPKGHPHMNSIRIDGDITLGGLFPVHGRGSEGKPCGELKKEKGIHRLEAM
LFALDRINNDPDLLPNITLGARILDTCSRDTHALEQSLTFVQALIEKDGTEVRCGSGGPPIITKPERVVGVIGASGSSVS
IMVANILRLFKIPQISYASTAPDLSDNSRYDFFSRVVPSDTYQAQAMVDIVRALKWNYVSTVASEGSYGESGVEAFIQKS
REDGGVCIAQSVKIPREPKAGEFDKIIRRLLETSNARAVIIFANEDDIRRVLEAARRANQTGHFFWMGSDSWGSKIAPVL
HLEEVAEGAVTILPKRMSVRGFDRYFSSRTLDNNRRNIWFAEFWEDNFHCKLSRHALKKGSHVKKCTNRERIGQDSAYEQ
EGKVQFVIDAVYAMGHALHAMHRDLCPGRVGLCPRMDPVDGTQLLKYIRNVNFSGIAGNPVTFNENGDAPGRYDIYQYQL
RNDSAEYKVIGSWTDHLHLRIERMHWPGSGQQLPRSICSLPCQPGERKKTVKGMPCCWHCEPCTGYQYQVDRYTCKTCPY
DMRPTENRTGCRPIPIIKLEWGSPWAVLPLFLAVVGIAATLFVVITFVRYNDTPIVKASGRELSYVLLAGIFLCYATTFL
MIAEPDLGTCSLRRIFLGLGMSISYAALLTKTNRIYRIFEQGKRSVSAPRFISPASQLAITFSLISLQLLGICVWFVVDP
SHSVVDFQDQRTLDPRFARGVLKCDISDLSLICLLGYSMLLMVTCTVYAIKTRGVPETFNEAKPIGFTMYTTCIVWLAFI
PIFFGTSQSADKLYIQTTTLTVSVSLSASVSLGMLYMPKVYIILFHPEQNVPKRKRSLKAVVTAATMSNKFTQKGNFRPN
GEAKSELCENLEAPALATKQTYVTYTNHAILEVLFQ
;
4
3 'polypeptide(L)'
;MGCTLSAEDKAAVERSKMIDRNLREDGEKAAREVKLLLLGAGESGKNTIVKQMKIIHEAGYSEEECKQYKAVVYSNTIQS
IIAIIRAMGRLKIDFGDSARADDARQLFVLAGAAEEGFMTAELAGVIKRLWKDSGVQACFNRSREYQLNDSAAYYLNDLD
RIAQPNYIPTQQDVLRTRVKTTGIVETHFTFKDLHFKMFDVGAQRSERKKWIHCFEGVTAIIFCVALSDYDLVLAEDEEM
NRMHASMKLFDSICNNKWFTDTSIILFLNKKDLFEEKIKKSPLTICYPEYAGSNTYEEAAAYIQCQFEDLNKRKDTKEIY
THFTCSTDTKNVQFVFDAVTDVIIKNNLKDCGLF
;
A
4 'polypeptide(L)'
;MHHHHHHGSLLQSELDQLRQEAEQLKNQIRDARKACADATLSQITNNIDPVGRIQMRTRRTLRGHLAKIYAMHWGTDSRL
LVSASQDGKLIIWDSYTTNKVHAIPLRSSWVMTCAYAPSGNYVACGGLDNICSIYNLKTREGNVRVSRELAGHTGYLSCC
RFLDDNQIVTSSGDTTCALWDIETGQQTTTFTGHTGDVMSLSLAPDTRLFVSGACDASAKLWDVREGMCRQTFTGHESDI
NAICFFPNGNAFATGSDDATCRLFDLRADQELMTYSHDNIICGITSVSFSKSGRLLLAGYDDFNCNVWDALKADRAGVLA
GHDNRVSCLGVTDDGMAVATGSWDSFLKIWN
;
B
5 'polypeptide(L)' MASNNTASIAQARKLVEQLKMEANIDRIKVSKAAADLMAYCEAHAKEDPLLTPVPASENPFREKKFFCAIL C
6 'polypeptide(L)'
;DVQLVESGGGLVQPGGSRKLSCSASGFAFSSFGMHWVRQAPEKGLEWVAYISSGSGTIYYADTVKGRFTISRDDPKNTLF
LQMTSLRSEDTAMYYCVRSIYYYGSSPFDFWGQGTTLTVSSGGGGSGGGGSGGGGSDIVMTQATSSVPVTPGESVSISCR
SSKSLLHSNGNTYLYWFLQRPGQSPQLLIYRMSNLASGVPDRFSGSGSGTAFTLTISRLEAEDVGVYYCMQHLEYPLTFG
AGTKLELKAAALEVLFQ
;
H
#
loop_
_chem_comp.id
_chem_comp.type
_chem_comp.name
_chem_comp.formula
BQI non-polymer 5-methyl-N-(4-methylpyrimidin-2-yl)-4-(1H-pyrazol-4-yl)-1,3-thiazol-2-amine 'C12 H12 N6 S'
CLR non-polymer CHOLESTEROL 'C27 H46 O'
HZR non-polymer 1-butyl-3-chloranyl-4-(4-phenylpiperidin-1-yl)pyridin-2-one 'C20 H25 Cl N2 O'
NAG D-saccharide, beta linking 2-acetamido-2-deoxy-beta-D-glucopyranose 'C8 H15 N O6'
PEF non-polymer DI-PALMITOYL-3-SN-PHOSPHATIDYLETHANOLAMINE 'C37 H74 N O8 P'
#
# COMPACT_ATOMS: atom_id res chain seq x y z
N LYS A 15 -41.73 92.31 16.66
CA LYS A 15 -42.89 92.06 17.51
C LYS A 15 -42.63 92.53 18.94
N LYS A 16 -42.22 91.60 19.81
CA LYS A 16 -41.93 91.89 21.20
C LYS A 16 -40.43 91.74 21.42
N VAL A 17 -39.79 92.80 21.94
CA VAL A 17 -38.36 92.81 22.19
C VAL A 17 -38.09 93.51 23.50
N LEU A 18 -36.95 93.18 24.11
CA LEU A 18 -36.50 93.87 25.32
C LEU A 18 -35.78 95.16 24.93
N THR A 19 -36.04 96.22 25.70
CA THR A 19 -35.55 97.55 25.37
C THR A 19 -34.83 98.17 26.57
N LEU A 20 -33.91 97.41 27.16
CA LEU A 20 -33.06 97.95 28.21
C LEU A 20 -32.15 99.02 27.63
N GLU A 21 -31.96 100.10 28.38
CA GLU A 21 -31.22 101.26 27.91
C GLU A 21 -29.97 101.48 28.73
N GLY A 22 -29.01 102.16 28.10
CA GLY A 22 -27.75 102.47 28.76
C GLY A 22 -26.85 103.25 27.85
N ASP A 23 -25.59 103.42 28.28
CA ASP A 23 -24.62 104.12 27.45
C ASP A 23 -24.38 103.36 26.15
N LEU A 24 -24.23 102.05 26.23
CA LEU A 24 -24.14 101.19 25.05
C LEU A 24 -24.95 99.94 25.30
N VAL A 25 -25.73 99.54 24.31
CA VAL A 25 -26.65 98.41 24.43
C VAL A 25 -25.96 97.16 23.89
N LEU A 26 -26.39 96.01 24.39
CA LEU A 26 -25.82 94.71 24.03
C LEU A 26 -26.92 93.83 23.44
N GLY A 27 -26.66 93.27 22.27
CA GLY A 27 -27.65 92.47 21.59
C GLY A 27 -27.81 91.08 22.18
N GLY A 28 -28.87 90.41 21.73
CA GLY A 28 -29.15 89.05 22.16
C GLY A 28 -30.16 88.40 21.25
N LEU A 29 -30.07 87.08 21.14
CA LEU A 29 -30.96 86.32 20.27
C LEU A 29 -31.19 84.95 20.91
N PHE A 30 -32.37 84.73 21.46
CA PHE A 30 -32.68 83.49 22.16
C PHE A 30 -33.88 82.79 21.52
N PRO A 31 -33.90 81.46 21.53
CA PRO A 31 -35.06 80.71 21.00
C PRO A 31 -36.16 80.55 22.04
N VAL A 32 -36.95 81.62 22.21
CA VAL A 32 -37.98 81.63 23.23
C VAL A 32 -39.09 80.64 22.90
N HIS A 33 -39.57 80.66 21.66
CA HIS A 33 -40.70 79.83 21.24
C HIS A 33 -40.22 78.61 20.46
N GLN A 34 -41.15 77.68 20.25
CA GLN A 34 -40.88 76.49 19.45
C GLN A 34 -41.36 76.69 18.02
N LYS A 35 -40.71 75.99 17.09
CA LYS A 35 -41.07 76.09 15.69
C LYS A 35 -42.48 75.56 15.46
N GLY A 36 -43.25 76.29 14.64
CA GLY A 36 -44.63 75.93 14.39
C GLY A 36 -44.84 75.15 13.10
N GLY A 37 -43.82 75.07 12.26
CA GLY A 37 -43.92 74.37 11.00
C GLY A 37 -44.98 74.95 10.09
N PRO A 38 -45.90 74.11 9.61
CA PRO A 38 -46.98 74.61 8.75
C PRO A 38 -47.91 75.58 9.45
N ALA A 39 -47.92 75.59 10.77
CA ALA A 39 -48.71 76.55 11.55
C ALA A 39 -47.97 77.88 11.59
N GLU A 40 -48.39 78.77 12.50
CA GLU A 40 -47.77 80.07 12.67
C GLU A 40 -46.26 79.95 12.89
N ASP A 41 -45.54 81.06 12.73
CA ASP A 41 -44.07 81.02 12.68
C ASP A 41 -43.48 80.30 13.89
N CYS A 42 -43.91 80.70 15.10
CA CYS A 42 -43.45 80.03 16.31
C CYS A 42 -44.40 80.35 17.45
N GLY A 43 -44.81 79.31 18.18
CA GLY A 43 -45.85 79.43 19.17
C GLY A 43 -45.37 79.23 20.60
N PRO A 44 -45.57 78.02 21.14
CA PRO A 44 -45.33 77.79 22.56
C PRO A 44 -43.89 78.07 22.97
N VAL A 45 -43.72 78.60 24.18
CA VAL A 45 -42.43 79.04 24.69
C VAL A 45 -41.59 77.83 25.13
N ASN A 46 -40.31 78.07 25.37
CA ASN A 46 -39.41 77.06 25.91
C ASN A 46 -39.18 77.33 27.39
N GLU A 47 -39.43 76.32 28.22
CA GLU A 47 -39.32 76.47 29.67
C GLU A 47 -37.90 76.23 30.19
N HIS A 48 -37.01 75.68 29.38
CA HIS A 48 -35.65 75.40 29.81
C HIS A 48 -34.58 76.07 28.96
N ARG A 49 -34.74 76.05 27.64
CA ARG A 49 -33.82 76.75 26.74
C ARG A 49 -34.33 78.11 26.32
N GLY A 50 -35.47 78.53 26.84
CA GLY A 50 -36.07 79.81 26.51
C GLY A 50 -35.90 80.83 27.62
N ILE A 51 -36.95 80.97 28.45
CA ILE A 51 -36.95 81.98 29.52
C ILE A 51 -35.78 81.76 30.46
N GLN A 52 -35.45 80.51 30.76
CA GLN A 52 -34.34 80.23 31.68
C GLN A 52 -33.03 80.79 31.14
N ARG A 53 -32.77 80.60 29.84
CA ARG A 53 -31.60 81.23 29.24
C ARG A 53 -31.80 82.73 29.05
N LEU A 54 -33.04 83.15 28.79
CA LEU A 54 -33.32 84.58 28.62
C LEU A 54 -33.07 85.35 29.92
N GLU A 55 -33.50 84.79 31.05
CA GLU A 55 -33.25 85.44 32.34
C GLU A 55 -31.81 85.30 32.80
N ALA A 56 -31.06 84.34 32.25
CA ALA A 56 -29.66 84.20 32.61
C ALA A 56 -28.85 85.41 32.15
N MET A 57 -29.12 85.90 30.94
CA MET A 57 -28.43 87.09 30.46
C MET A 57 -28.78 88.31 31.29
N LEU A 58 -30.05 88.48 31.63
CA LEU A 58 -30.47 89.60 32.46
C LEU A 58 -29.86 89.51 33.85
N PHE A 59 -29.79 88.30 34.42
CA PHE A 59 -29.14 88.13 35.71
C PHE A 59 -27.66 88.47 35.64
N ALA A 60 -26.99 88.04 34.57
CA ALA A 60 -25.57 88.38 34.40
C ALA A 60 -25.38 89.87 34.18
N LEU A 61 -26.27 90.50 33.39
CA LEU A 61 -26.14 91.93 33.14
C LEU A 61 -26.35 92.75 34.42
N ASP A 62 -27.28 92.32 35.26
CA ASP A 62 -27.53 93.04 36.51
C ASP A 62 -26.31 93.02 37.42
N ARG A 63 -25.63 91.88 37.51
CA ARG A 63 -24.43 91.79 38.34
C ARG A 63 -23.31 92.66 37.79
N ILE A 64 -23.14 92.70 36.47
CA ILE A 64 -22.11 93.52 35.86
C ILE A 64 -22.38 95.00 36.12
N ASN A 65 -23.65 95.42 35.97
CA ASN A 65 -24.00 96.81 36.19
C ASN A 65 -23.81 97.23 37.64
N ARG A 66 -23.75 96.28 38.57
CA ARG A 66 -23.52 96.58 39.99
C ARG A 66 -22.15 96.09 40.46
N ASP A 67 -21.23 95.81 39.52
CA ASP A 67 -19.90 95.35 39.87
C ASP A 67 -18.94 96.52 39.81
N PRO A 68 -18.35 96.96 40.93
CA PRO A 68 -17.41 98.08 40.89
C PRO A 68 -16.13 97.78 40.11
N HIS A 69 -15.77 96.51 39.93
CA HIS A 69 -14.54 96.13 39.25
C HIS A 69 -14.78 95.70 37.81
N LEU A 70 -15.98 95.90 37.27
CA LEU A 70 -16.29 95.51 35.90
C LEU A 70 -17.16 96.60 35.28
N LEU A 71 -16.53 97.43 34.43
CA LEU A 71 -17.20 98.50 33.70
C LEU A 71 -17.97 99.41 34.64
N PRO A 72 -17.28 100.23 35.45
CA PRO A 72 -17.98 101.11 36.39
C PRO A 72 -18.59 102.30 35.67
N GLY A 73 -19.90 102.49 35.85
CA GLY A 73 -20.59 103.61 35.25
C GLY A 73 -20.92 103.45 33.78
N VAL A 74 -20.84 102.23 33.26
CA VAL A 74 -21.12 102.00 31.84
C VAL A 74 -22.60 101.69 31.60
N ARG A 75 -23.21 100.89 32.48
CA ARG A 75 -24.64 100.57 32.42
C ARG A 75 -24.97 99.90 31.08
N LEU A 76 -24.44 98.68 30.92
CA LEU A 76 -24.67 97.89 29.72
C LEU A 76 -26.17 97.68 29.50
N GLY A 77 -26.62 97.88 28.26
CA GLY A 77 -28.01 97.69 27.90
C GLY A 77 -28.26 96.30 27.34
N ALA A 78 -29.52 96.09 26.94
CA ALA A 78 -29.95 94.82 26.37
C ALA A 78 -30.91 95.07 25.23
N HIS A 79 -30.73 94.33 24.14
CA HIS A 79 -31.59 94.38 22.96
C HIS A 79 -31.90 92.97 22.49
N ILE A 80 -32.31 92.11 23.43
CA ILE A 80 -32.53 90.70 23.12
C ILE A 80 -33.69 90.56 22.15
N LEU A 81 -33.41 89.95 21.00
CA LEU A 81 -34.42 89.67 19.99
C LEU A 81 -34.99 88.28 20.21
N ASP A 82 -35.77 87.79 19.25
CA ASP A 82 -36.36 86.46 19.33
C ASP A 82 -36.11 85.73 18.02
N SER A 83 -35.58 84.50 18.12
CA SER A 83 -35.38 83.64 16.96
C SER A 83 -36.33 82.46 16.91
N CYS A 84 -36.71 81.93 18.08
CA CYS A 84 -37.66 80.83 18.22
C CYS A 84 -37.41 79.71 17.20
N SER A 85 -36.17 79.22 17.18
CA SER A 85 -35.79 78.01 16.45
C SER A 85 -36.17 78.09 14.97
N LYS A 86 -35.89 79.23 14.34
CA LYS A 86 -36.15 79.41 12.92
C LYS A 86 -35.07 80.29 12.32
N ASP A 87 -34.32 79.75 11.36
CA ASP A 87 -33.26 80.52 10.74
C ASP A 87 -33.80 81.71 9.96
N THR A 88 -34.90 81.52 9.22
CA THR A 88 -35.50 82.61 8.47
C THR A 88 -36.04 83.69 9.40
N HIS A 89 -36.72 83.29 10.47
CA HIS A 89 -37.23 84.27 11.43
C HIS A 89 -36.12 85.02 12.13
N ALA A 90 -35.03 84.31 12.48
CA ALA A 90 -33.91 84.96 13.15
C ALA A 90 -33.27 86.02 12.26
N LEU A 91 -33.10 85.71 10.98
CA LEU A 91 -32.50 86.68 10.07
C LEU A 91 -33.46 87.82 9.73
N GLU A 92 -34.77 87.53 9.74
CA GLU A 92 -35.74 88.58 9.44
C GLU A 92 -35.69 89.69 10.48
N GLN A 93 -35.60 89.33 11.76
CA GLN A 93 -35.49 90.31 12.83
C GLN A 93 -34.05 90.71 13.13
N ALA A 94 -33.07 90.04 12.53
CA ALA A 94 -31.67 90.43 12.71
C ALA A 94 -31.36 91.80 12.12
N LEU A 95 -32.25 92.35 11.28
CA LEU A 95 -32.06 93.68 10.75
C LEU A 95 -32.10 94.75 11.83
N ASP A 96 -32.78 94.48 12.95
CA ASP A 96 -32.79 95.43 14.06
C ASP A 96 -31.40 95.60 14.65
N PHE A 97 -30.56 94.56 14.58
CA PHE A 97 -29.20 94.67 15.06
C PHE A 97 -28.33 95.55 14.17
N VAL A 98 -28.76 95.81 12.94
CA VAL A 98 -27.96 96.54 11.97
C VAL A 98 -28.64 97.84 11.53
N ARG A 99 -29.71 98.25 12.22
CA ARG A 99 -30.38 99.50 11.85
C ARG A 99 -29.46 100.69 12.07
N ALA A 100 -28.73 100.71 13.19
CA ALA A 100 -27.81 101.82 13.45
C ALA A 100 -26.67 101.85 12.43
N SER A 101 -26.13 100.68 12.08
CA SER A 101 -25.03 100.60 11.13
C SER A 101 -25.55 100.38 9.72
N ALA A 127 -27.07 101.29 18.27
CA ALA A 127 -25.66 100.92 18.20
C ALA A 127 -25.41 99.60 18.90
N ILE A 128 -25.35 98.52 18.12
CA ILE A 128 -25.12 97.19 18.66
C ILE A 128 -23.61 96.94 18.69
N THR A 129 -23.04 96.98 19.89
CA THR A 129 -21.61 96.72 20.04
C THR A 129 -21.30 95.23 19.93
N GLY A 130 -22.25 94.37 20.26
CA GLY A 130 -22.04 92.94 20.17
C GLY A 130 -23.36 92.20 20.26
N VAL A 131 -23.33 90.96 19.80
CA VAL A 131 -24.51 90.09 19.77
C VAL A 131 -24.19 88.81 20.51
N ILE A 132 -25.04 88.44 21.46
CA ILE A 132 -24.88 87.21 22.23
C ILE A 132 -26.11 86.35 21.96
N GLY A 133 -25.99 85.42 21.03
CA GLY A 133 -27.12 84.58 20.68
C GLY A 133 -26.72 83.50 19.72
N GLY A 134 -27.73 82.80 19.20
CA GLY A 134 -27.51 81.70 18.29
C GLY A 134 -27.44 80.36 18.97
N SER A 135 -28.47 80.04 19.76
CA SER A 135 -28.52 78.76 20.45
C SER A 135 -28.61 77.58 19.48
N TYR A 136 -29.08 77.82 18.26
CA TYR A 136 -29.20 76.79 17.26
C TYR A 136 -28.15 76.99 16.18
N SER A 137 -27.59 75.89 15.66
CA SER A 137 -26.53 75.99 14.66
C SER A 137 -27.03 76.67 13.39
N ASP A 138 -28.23 76.30 12.94
CA ASP A 138 -28.78 76.92 11.73
C ASP A 138 -29.03 78.41 11.96
N VAL A 139 -29.56 78.77 13.12
CA VAL A 139 -29.83 80.17 13.43
C VAL A 139 -28.52 80.96 13.48
N SER A 140 -27.51 80.41 14.16
CA SER A 140 -26.26 81.13 14.34
C SER A 140 -25.52 81.35 13.02
N ILE A 141 -25.60 80.39 12.10
CA ILE A 141 -24.90 80.53 10.82
C ILE A 141 -25.46 81.69 10.03
N GLN A 142 -26.79 81.79 9.96
CA GLN A 142 -27.42 82.85 9.16
C GLN A 142 -27.12 84.24 9.73
N VAL A 143 -27.17 84.38 11.06
CA VAL A 143 -26.92 85.67 11.68
C VAL A 143 -25.45 86.06 11.53
N ALA A 144 -24.54 85.09 11.60
CA ALA A 144 -23.12 85.39 11.53
C ALA A 144 -22.74 86.02 10.20
N ASN A 145 -23.32 85.52 9.10
CA ASN A 145 -23.00 86.08 7.78
C ASN A 145 -23.45 87.53 7.69
N LEU A 146 -24.64 87.85 8.19
CA LEU A 146 -25.14 89.22 8.10
C LEU A 146 -24.32 90.17 8.97
N LEU A 147 -23.98 89.75 10.20
CA LEU A 147 -23.24 90.61 11.10
C LEU A 147 -21.78 90.79 10.67
N ARG A 148 -21.26 89.87 9.86
CA ARG A 148 -19.87 90.00 9.41
C ARG A 148 -19.68 91.19 8.49
N LEU A 149 -20.70 91.54 7.71
CA LEU A 149 -20.59 92.65 6.76
C LEU A 149 -20.44 93.98 7.48
N PHE A 150 -21.06 94.15 8.64
CA PHE A 150 -21.01 95.40 9.39
C PHE A 150 -20.04 95.33 10.57
N GLN A 151 -19.19 94.32 10.63
CA GLN A 151 -18.18 94.16 11.68
C GLN A 151 -18.82 94.23 13.06
N ILE A 152 -19.74 93.31 13.31
CA ILE A 152 -20.43 93.20 14.59
C ILE A 152 -19.98 91.89 15.25
N PRO A 153 -19.19 91.95 16.32
CA PRO A 153 -18.77 90.71 17.00
C PRO A 153 -19.97 89.94 17.54
N GLN A 154 -19.88 88.63 17.46
CA GLN A 154 -20.97 87.74 17.90
C GLN A 154 -20.41 86.64 18.78
N ILE A 155 -21.12 86.33 19.85
CA ILE A 155 -20.80 85.22 20.74
C ILE A 155 -22.01 84.30 20.81
N SER A 156 -21.77 83.01 20.65
CA SER A 156 -22.81 82.00 20.74
C SER A 156 -22.58 81.16 21.98
N TYR A 157 -23.60 81.11 22.85
CA TYR A 157 -23.51 80.33 24.07
C TYR A 157 -23.76 78.84 23.85
N ALA A 158 -24.34 78.48 22.70
CA ALA A 158 -24.58 77.07 22.39
C ALA A 158 -24.57 76.93 20.86
N SER A 159 -23.42 76.53 20.32
CA SER A 159 -23.31 76.24 18.89
C SER A 159 -22.13 75.29 18.73
N THR A 160 -22.43 74.00 18.58
CA THR A 160 -21.40 72.98 18.53
C THR A 160 -21.01 72.56 17.12
N SER A 161 -21.58 73.20 16.09
CA SER A 161 -21.28 72.82 14.73
C SER A 161 -19.80 73.03 14.42
N ALA A 162 -19.19 72.06 13.74
CA ALA A 162 -17.77 72.11 13.41
C ALA A 162 -17.55 72.79 12.06
N LYS A 163 -18.15 73.97 11.89
CA LYS A 163 -17.89 74.81 10.72
C LYS A 163 -17.68 76.28 11.06
N LEU A 164 -18.19 76.75 12.21
CA LEU A 164 -17.96 78.13 12.60
C LEU A 164 -16.51 78.39 12.98
N SER A 165 -15.72 77.34 13.24
CA SER A 165 -14.31 77.52 13.53
C SER A 165 -13.52 77.98 12.31
N ASP A 166 -14.07 77.79 11.11
CA ASP A 166 -13.41 78.24 9.88
C ASP A 166 -13.43 79.76 9.83
N LYS A 167 -12.28 80.38 10.07
CA LYS A 167 -12.21 81.84 10.10
C LYS A 167 -12.27 82.46 8.70
N SER A 168 -12.07 81.66 7.64
CA SER A 168 -12.17 82.20 6.29
C SER A 168 -13.59 82.68 6.00
N ARG A 169 -14.60 81.93 6.44
CA ARG A 169 -15.98 82.30 6.21
C ARG A 169 -16.56 83.12 7.36
N TYR A 170 -16.21 82.77 8.60
CA TYR A 170 -16.69 83.47 9.79
C TYR A 170 -15.47 83.95 10.58
N ASP A 171 -15.00 85.14 10.24
CA ASP A 171 -13.84 85.74 10.90
C ASP A 171 -14.21 86.63 12.07
N TYR A 172 -15.50 86.76 12.39
CA TYR A 172 -15.96 87.59 13.49
C TYR A 172 -16.82 86.79 14.46
N PHE A 173 -16.52 85.50 14.62
CA PHE A 173 -17.33 84.60 15.42
C PHE A 173 -16.48 84.01 16.54
N ALA A 174 -17.03 84.02 17.76
CA ALA A 174 -16.40 83.40 18.91
C ALA A 174 -17.47 82.71 19.74
N ARG A 175 -17.07 81.68 20.47
CA ARG A 175 -18.02 80.92 21.29
C ARG A 175 -17.25 80.20 22.38
N THR A 176 -17.99 79.80 23.42
CA THR A 176 -17.42 79.10 24.57
C THR A 176 -17.56 77.59 24.49
N VAL A 177 -18.58 77.09 23.79
CA VAL A 177 -18.83 75.66 23.70
C VAL A 177 -17.85 75.02 22.73
N PRO A 178 -17.47 73.76 22.94
CA PRO A 178 -16.59 73.10 21.98
C PRO A 178 -17.33 72.79 20.69
N PRO A 179 -16.62 72.68 19.58
CA PRO A 179 -17.25 72.31 18.30
C PRO A 179 -17.58 70.82 18.29
N ASP A 180 -18.15 70.38 17.16
CA ASP A 180 -18.41 68.96 16.97
C ASP A 180 -17.15 68.28 16.44
N PHE A 181 -16.03 68.50 17.11
CA PHE A 181 -14.78 67.81 16.83
C PHE A 181 -14.39 66.87 17.96
N PHE A 182 -14.32 67.37 19.19
CA PHE A 182 -14.17 66.51 20.35
C PHE A 182 -15.52 66.15 20.94
N GLN A 183 -16.45 65.74 20.08
CA GLN A 183 -17.74 65.21 20.49
C GLN A 183 -18.09 63.91 19.78
N ALA A 184 -17.74 63.78 18.51
CA ALA A 184 -17.95 62.52 17.80
C ALA A 184 -16.98 61.46 18.30
N LYS A 185 -15.76 61.85 18.66
CA LYS A 185 -14.80 60.89 19.20
C LYS A 185 -15.30 60.31 20.52
N ALA A 186 -15.91 61.13 21.36
CA ALA A 186 -16.45 60.64 22.63
C ALA A 186 -17.54 59.59 22.39
N MET A 187 -18.43 59.84 21.43
CA MET A 187 -19.46 58.86 21.10
C MET A 187 -18.88 57.68 20.33
N ALA A 188 -17.88 57.91 19.47
CA ALA A 188 -17.24 56.80 18.77
C ALA A 188 -16.50 55.90 19.75
N GLU A 189 -15.82 56.49 20.74
CA GLU A 189 -15.11 55.68 21.73
C GLU A 189 -16.08 54.91 22.63
N ILE A 190 -17.24 55.50 22.95
CA ILE A 190 -18.25 54.80 23.73
C ILE A 190 -18.74 53.56 22.98
N LEU A 191 -18.97 53.73 21.67
CA LEU A 191 -19.36 52.58 20.85
C LEU A 191 -18.26 51.51 20.84
N ARG A 192 -17.00 51.94 20.74
CA ARG A 192 -15.90 51.00 20.82
C ARG A 192 -15.77 50.40 22.22
N PHE A 193 -16.08 51.19 23.25
CA PHE A 193 -16.01 50.68 24.61
C PHE A 193 -16.98 49.54 24.84
N PHE A 194 -18.19 49.66 24.30
CA PHE A 194 -19.20 48.60 24.38
C PHE A 194 -19.11 47.63 23.21
N ASN A 195 -18.11 47.78 22.35
CA ASN A 195 -17.90 46.90 21.19
C ASN A 195 -19.11 46.91 20.26
N TRP A 196 -19.73 48.07 20.11
CA TRP A 196 -20.84 48.25 19.19
C TRP A 196 -20.26 48.58 17.81
N THR A 197 -20.31 47.61 16.90
CA THR A 197 -19.72 47.76 15.58
C THR A 197 -20.73 48.17 14.51
N TYR A 198 -21.84 47.46 14.40
CA TYR A 198 -22.87 47.76 13.41
C TYR A 198 -23.89 48.69 14.03
N VAL A 199 -23.88 49.97 13.61
CA VAL A 199 -24.77 50.97 14.16
C VAL A 199 -25.44 51.72 13.01
N SER A 200 -26.58 52.35 13.34
CA SER A 200 -27.32 53.17 12.40
C SER A 200 -27.36 54.60 12.89
N THR A 201 -27.21 55.55 11.98
CA THR A 201 -27.14 56.96 12.31
C THR A 201 -28.36 57.70 11.78
N VAL A 202 -28.92 58.58 12.61
CA VAL A 202 -30.04 59.42 12.25
C VAL A 202 -29.58 60.87 12.25
N ALA A 203 -29.81 61.57 11.15
CA ALA A 203 -29.33 62.93 10.96
C ALA A 203 -30.50 63.90 10.86
N SER A 204 -30.31 65.09 11.41
CA SER A 204 -31.30 66.16 11.32
C SER A 204 -30.87 67.14 10.24
N GLU A 205 -31.78 67.43 9.31
CA GLU A 205 -31.46 68.33 8.21
C GLU A 205 -31.13 69.72 8.74
N GLY A 206 -30.05 70.29 8.23
CA GLY A 206 -29.58 71.58 8.66
C GLY A 206 -28.07 71.63 8.62
N ASP A 207 -27.51 72.55 9.42
CA ASP A 207 -26.06 72.71 9.53
C ASP A 207 -25.50 72.09 10.79
N TYR A 208 -26.30 71.34 11.53
CA TYR A 208 -25.86 70.68 12.76
C TYR A 208 -25.80 69.17 12.63
N GLY A 209 -26.88 68.54 12.17
CA GLY A 209 -26.86 67.09 12.00
C GLY A 209 -25.90 66.63 10.93
N GLU A 210 -25.88 67.33 9.79
CA GLU A 210 -25.00 66.93 8.69
C GLU A 210 -23.54 67.04 9.09
N THR A 211 -23.17 68.11 9.79
CA THR A 211 -21.79 68.27 10.25
C THR A 211 -21.42 67.18 11.26
N GLY A 212 -22.34 66.84 12.15
CA GLY A 212 -22.06 65.80 13.13
C GLY A 212 -21.88 64.43 12.50
N ILE A 213 -22.69 64.11 11.50
CA ILE A 213 -22.58 62.81 10.83
C ILE A 213 -21.23 62.68 10.13
N GLU A 214 -20.81 63.74 9.42
CA GLU A 214 -19.53 63.69 8.72
C GLU A 214 -18.37 63.51 9.69
N ALA A 215 -18.41 64.23 10.83
CA ALA A 215 -17.38 64.05 11.84
C ALA A 215 -17.44 62.65 12.44
N PHE A 216 -18.65 62.14 12.69
CA PHE A 216 -18.78 60.80 13.27
C PHE A 216 -18.41 59.72 12.25
N GLU A 217 -18.74 59.93 10.98
CA GLU A 217 -18.47 58.91 9.97
C GLU A 217 -16.98 58.65 9.81
N LEU A 218 -16.17 59.73 9.78
CA LEU A 218 -14.73 59.55 9.61
C LEU A 218 -14.11 58.95 10.86
N GLU A 219 -14.63 59.28 12.04
CA GLU A 219 -14.12 58.67 13.27
C GLU A 219 -14.54 57.21 13.37
N ALA A 220 -15.75 56.88 12.94
CA ALA A 220 -16.20 55.49 12.98
C ALA A 220 -15.36 54.62 12.05
N ARG A 221 -15.05 55.12 10.85
CA ARG A 221 -14.22 54.36 9.92
C ARG A 221 -12.81 54.14 10.48
N ALA A 222 -12.25 55.17 11.12
CA ALA A 222 -10.91 55.05 11.69
C ALA A 222 -10.88 54.15 12.91
N ARG A 223 -12.02 53.85 13.50
CA ARG A 223 -12.10 52.99 14.68
C ARG A 223 -12.73 51.64 14.37
N ASN A 224 -12.78 51.26 13.09
CA ASN A 224 -13.32 49.97 12.66
C ASN A 224 -14.77 49.78 13.12
N ILE A 225 -15.57 50.83 12.98
CA ILE A 225 -16.99 50.80 13.33
C ILE A 225 -17.79 50.79 12.04
N CYS A 226 -18.60 49.75 11.87
CA CYS A 226 -19.43 49.62 10.67
C CYS A 226 -20.58 50.61 10.71
N VAL A 227 -21.00 51.07 9.53
CA VAL A 227 -22.06 52.05 9.41
C VAL A 227 -23.17 51.44 8.57
N ALA A 228 -24.39 51.43 9.12
CA ALA A 228 -25.56 50.92 8.42
C ALA A 228 -26.22 52.06 7.64
N THR A 229 -27.43 51.83 7.15
CA THR A 229 -28.15 52.86 6.41
C THR A 229 -28.40 54.07 7.29
N SER A 230 -28.15 55.25 6.74
CA SER A 230 -28.33 56.51 7.45
C SER A 230 -29.58 57.21 6.95
N GLU A 231 -30.44 57.63 7.88
CA GLU A 231 -31.69 58.29 7.56
C GLU A 231 -31.63 59.74 8.02
N LYS A 232 -32.08 60.64 7.15
CA LYS A 232 -32.07 62.08 7.43
C LYS A 232 -33.51 62.57 7.57
N VAL A 233 -33.77 63.33 8.63
CA VAL A 233 -35.09 63.89 8.91
C VAL A 233 -35.05 65.38 8.60
N GLY A 234 -36.08 65.86 7.92
CA GLY A 234 -36.15 67.25 7.53
C GLY A 234 -36.48 68.18 8.69
N ARG A 235 -36.34 69.48 8.43
CA ARG A 235 -36.64 70.47 9.45
C ARG A 235 -38.13 70.53 9.75
N ALA A 236 -38.97 70.33 8.74
CA ALA A 236 -40.42 70.37 8.90
C ALA A 236 -41.01 69.21 8.11
N MET A 237 -41.37 68.13 8.81
CA MET A 237 -41.95 66.95 8.19
C MET A 237 -43.18 66.51 8.98
N SER A 238 -44.08 65.81 8.30
CA SER A 238 -45.29 65.32 8.94
C SER A 238 -44.97 64.21 9.93
N ARG A 239 -45.90 63.98 10.86
CA ARG A 239 -45.70 62.94 11.86
C ARG A 239 -45.70 61.55 11.23
N ALA A 240 -46.37 61.39 10.09
CA ALA A 240 -46.34 60.11 9.39
C ALA A 240 -44.97 59.81 8.83
N ALA A 241 -44.22 60.85 8.43
CA ALA A 241 -42.87 60.64 7.92
C ALA A 241 -41.92 60.17 9.02
N PHE A 242 -42.14 60.63 10.26
CA PHE A 242 -41.30 60.17 11.36
C PHE A 242 -41.43 58.68 11.60
N GLU A 243 -42.59 58.10 11.25
CA GLU A 243 -42.73 56.65 11.33
C GLU A 243 -41.95 55.97 10.21
N GLY A 244 -41.72 56.66 9.10
CA GLY A 244 -40.97 56.07 8.01
C GLY A 244 -39.52 55.82 8.35
N VAL A 245 -38.87 56.77 9.01
CA VAL A 245 -37.44 56.63 9.30
C VAL A 245 -37.21 55.54 10.34
N VAL A 246 -38.10 55.42 11.34
CA VAL A 246 -37.94 54.37 12.33
C VAL A 246 -38.20 53.00 11.70
N ARG A 247 -39.04 52.95 10.67
CA ARG A 247 -39.20 51.70 9.92
C ARG A 247 -37.92 51.32 9.19
N ALA A 248 -37.23 52.32 8.62
CA ALA A 248 -35.97 52.05 7.94
C ALA A 248 -34.92 51.53 8.92
N LEU A 249 -34.88 52.10 10.12
CA LEU A 249 -33.96 51.59 11.15
C LEU A 249 -34.31 50.16 11.55
N LEU A 250 -35.59 49.80 11.45
CA LEU A 250 -36.02 48.43 11.75
C LEU A 250 -35.76 47.47 10.60
N GLN A 251 -35.20 47.98 9.51
CA GLN A 251 -34.94 47.14 8.31
C GLN A 251 -33.50 46.67 8.30
N LYS A 252 -32.83 46.72 9.45
CA LYS A 252 -31.47 46.14 9.57
C LYS A 252 -31.47 45.67 11.00
N PRO A 253 -32.17 44.58 11.32
CA PRO A 253 -32.35 44.21 12.72
C PRO A 253 -31.10 43.84 13.52
N SER A 254 -29.94 43.87 12.92
CA SER A 254 -28.78 43.60 13.80
C SER A 254 -28.20 44.96 14.21
N ALA A 255 -28.90 46.06 13.92
CA ALA A 255 -28.48 47.42 14.31
C ALA A 255 -29.29 47.83 15.53
N ARG A 256 -29.08 47.18 16.66
CA ARG A 256 -29.83 47.61 17.83
C ARG A 256 -29.35 48.94 18.40
N VAL A 257 -28.25 49.50 17.89
CA VAL A 257 -27.70 50.75 18.40
C VAL A 257 -27.92 51.83 17.35
N ALA A 258 -28.55 52.93 17.76
CA ALA A 258 -28.82 54.06 16.89
C ALA A 258 -28.08 55.28 17.41
N VAL A 259 -27.27 55.89 16.55
CA VAL A 259 -26.57 57.12 16.88
C VAL A 259 -27.43 58.29 16.41
N LEU A 260 -27.73 59.21 17.32
CA LEU A 260 -28.73 60.24 17.09
C LEU A 260 -28.06 61.61 17.02
N PHE A 261 -28.29 62.32 15.93
CA PHE A 261 -27.83 63.70 15.74
C PHE A 261 -29.06 64.54 15.37
N THR A 262 -29.77 65.03 16.39
CA THR A 262 -30.99 65.79 16.16
C THR A 262 -31.08 66.92 17.18
N ARG A 263 -31.87 67.93 16.85
CA ARG A 263 -32.17 69.02 17.76
C ARG A 263 -33.20 68.56 18.80
N SER A 264 -33.53 69.45 19.73
CA SER A 264 -34.48 69.10 20.77
C SER A 264 -35.87 68.82 20.21
N GLU A 265 -36.28 69.59 19.19
CA GLU A 265 -37.60 69.43 18.60
C GLU A 265 -37.69 68.26 17.63
N ASP A 266 -36.58 67.62 17.30
CA ASP A 266 -36.58 66.48 16.38
C ASP A 266 -36.33 65.15 17.05
N ALA A 267 -35.87 65.14 18.30
CA ALA A 267 -35.66 63.89 19.03
C ALA A 267 -36.89 63.42 19.77
N ARG A 268 -37.76 64.35 20.19
CA ARG A 268 -38.99 63.98 20.87
C ARG A 268 -39.96 63.27 19.93
N GLU A 269 -40.01 63.71 18.66
CA GLU A 269 -40.90 63.08 17.70
C GLU A 269 -40.49 61.64 17.43
N LEU A 270 -39.18 61.38 17.32
CA LEU A 270 -38.71 60.02 17.13
C LEU A 270 -39.05 59.13 18.32
N LEU A 271 -38.91 59.67 19.53
CA LEU A 271 -39.31 58.91 20.72
C LEU A 271 -40.82 58.67 20.73
N ALA A 272 -41.61 59.67 20.35
CA ALA A 272 -43.05 59.47 20.23
C ALA A 272 -43.38 58.46 19.15
N ALA A 273 -42.60 58.44 18.07
CA ALA A 273 -42.76 57.45 17.02
C ALA A 273 -42.24 56.08 17.41
N SER A 274 -41.61 55.96 18.58
CA SER A 274 -41.12 54.67 19.05
C SER A 274 -42.13 53.92 19.90
N GLN A 275 -42.94 54.63 20.69
CA GLN A 275 -44.03 53.97 21.41
C GLN A 275 -45.03 53.37 20.43
N ARG A 276 -45.51 54.17 19.48
CA ARG A 276 -46.30 53.63 18.38
C ARG A 276 -45.38 52.82 17.46
N LEU A 277 -45.88 51.68 17.00
CA LEU A 277 -45.05 50.69 16.31
C LEU A 277 -43.83 50.32 17.16
N ASN A 278 -44.16 49.67 18.28
CA ASN A 278 -43.20 49.43 19.35
C ASN A 278 -41.93 48.76 18.85
N ALA A 279 -40.79 49.29 19.28
CA ALA A 279 -39.49 48.73 18.93
C ALA A 279 -38.51 49.04 20.06
N SER A 280 -37.43 48.26 20.12
CA SER A 280 -36.41 48.40 21.15
C SER A 280 -35.11 48.85 20.48
N PHE A 281 -34.77 50.12 20.65
CA PHE A 281 -33.55 50.70 20.10
C PHE A 281 -32.85 51.51 21.19
N THR A 282 -31.65 51.09 21.56
CA THR A 282 -30.83 51.91 22.45
C THR A 282 -30.30 53.13 21.69
N TRP A 283 -30.17 54.24 22.41
CA TRP A 283 -29.88 55.52 21.80
C TRP A 283 -28.54 56.06 22.30
N VAL A 284 -27.70 56.49 21.36
CA VAL A 284 -26.51 57.27 21.65
C VAL A 284 -26.81 58.69 21.18
N ALA A 285 -26.94 59.62 22.12
CA ALA A 285 -27.48 60.94 21.83
C ALA A 285 -26.37 61.98 21.75
N SER A 286 -26.62 63.01 20.95
CA SER A 286 -25.71 64.13 20.80
C SER A 286 -26.09 65.23 21.79
N ASP A 287 -25.53 66.43 21.60
CA ASP A 287 -25.81 67.55 22.50
C ASP A 287 -27.26 68.00 22.41
N GLY A 288 -27.97 67.67 21.34
CA GLY A 288 -29.35 68.12 21.20
C GLY A 288 -30.26 67.52 22.26
N TRP A 289 -30.08 66.25 22.57
CA TRP A 289 -30.92 65.60 23.59
C TRP A 289 -30.71 66.24 24.95
N GLY A 290 -29.47 66.34 25.39
CA GLY A 290 -29.16 66.97 26.66
C GLY A 290 -29.73 66.20 27.85
N ALA A 291 -29.74 66.88 29.00
CA ALA A 291 -30.31 66.33 30.22
C ALA A 291 -31.67 66.94 30.55
N LEU A 292 -32.24 67.71 29.64
CA LEU A 292 -33.54 68.32 29.88
C LEU A 292 -34.64 67.27 29.91
N GLU A 293 -35.57 67.44 30.86
CA GLU A 293 -36.67 66.49 31.05
C GLU A 293 -37.94 66.92 30.32
N SER A 294 -37.82 67.21 29.03
CA SER A 294 -38.99 67.46 28.18
C SER A 294 -38.95 66.73 26.85
N VAL A 295 -37.78 66.32 26.37
CA VAL A 295 -37.71 65.52 25.15
C VAL A 295 -38.07 64.07 25.44
N VAL A 296 -37.96 63.62 26.69
CA VAL A 296 -38.30 62.26 27.07
C VAL A 296 -39.65 62.17 27.78
N ALA A 297 -40.18 63.28 28.28
CA ALA A 297 -41.48 63.25 28.95
C ALA A 297 -42.56 62.80 27.97
N GLY A 298 -43.50 62.00 28.47
CA GLY A 298 -44.48 61.37 27.62
C GLY A 298 -44.02 60.00 27.17
N SER A 299 -43.44 59.92 25.99
CA SER A 299 -42.87 58.68 25.48
C SER A 299 -41.57 58.36 26.23
N GLU A 300 -41.68 58.01 27.51
CA GLU A 300 -40.53 57.79 28.37
C GLU A 300 -40.09 56.33 28.45
N GLY A 301 -40.80 55.41 27.80
CA GLY A 301 -40.46 54.01 27.88
C GLY A 301 -39.62 53.51 26.73
N ALA A 302 -39.46 54.34 25.70
CA ALA A 302 -38.73 53.96 24.50
C ALA A 302 -37.28 54.42 24.50
N ALA A 303 -36.80 55.03 25.57
CA ALA A 303 -35.43 55.49 25.68
C ALA A 303 -34.82 55.03 26.99
N GLU A 304 -35.17 53.82 27.43
CA GLU A 304 -34.66 53.31 28.70
C GLU A 304 -33.15 53.12 28.66
N GLY A 305 -32.64 52.57 27.56
CA GLY A 305 -31.20 52.36 27.41
C GLY A 305 -30.54 53.45 26.59
N ALA A 306 -30.93 54.69 26.80
CA ALA A 306 -30.41 55.81 26.02
C ALA A 306 -29.23 56.46 26.74
N ILE A 307 -28.15 56.67 26.01
CA ILE A 307 -26.96 57.34 26.52
C ILE A 307 -26.87 58.71 25.86
N THR A 308 -26.81 59.76 26.67
CA THR A 308 -26.78 61.13 26.19
C THR A 308 -25.51 61.82 26.66
N ILE A 309 -24.87 62.55 25.75
CA ILE A 309 -23.67 63.32 26.04
C ILE A 309 -24.03 64.79 26.01
N GLU A 310 -23.76 65.49 27.10
CA GLU A 310 -23.97 66.93 27.20
C GLU A 310 -22.65 67.62 27.48
N LEU A 311 -22.70 68.93 27.71
CA LEU A 311 -21.53 69.72 28.05
C LEU A 311 -21.43 69.87 29.56
N ALA A 312 -20.26 69.54 30.10
CA ALA A 312 -20.06 69.60 31.55
C ALA A 312 -20.13 71.04 32.03
N SER A 313 -20.86 71.26 33.12
CA SER A 313 -21.01 72.57 33.73
C SER A 313 -21.44 72.39 35.17
N TYR A 314 -21.64 73.50 35.86
CA TYR A 314 -22.08 73.49 37.25
C TYR A 314 -23.28 74.40 37.43
N PRO A 315 -24.19 74.05 38.35
CA PRO A 315 -25.32 74.93 38.63
C PRO A 315 -24.86 76.24 39.28
N ILE A 316 -25.62 77.29 39.04
CA ILE A 316 -25.36 78.60 39.61
C ILE A 316 -26.30 78.80 40.79
N SER A 317 -25.72 78.89 41.99
CA SER A 317 -26.54 79.07 43.19
C SER A 317 -27.24 80.42 43.18
N ASP A 318 -26.53 81.48 42.76
CA ASP A 318 -27.13 82.81 42.73
C ASP A 318 -28.28 82.88 41.72
N PHE A 319 -28.12 82.25 40.55
CA PHE A 319 -29.17 82.28 39.55
C PHE A 319 -30.41 81.51 40.00
N ALA A 320 -30.22 80.50 40.85
CA ALA A 320 -31.37 79.73 41.33
C ALA A 320 -32.32 80.60 42.14
N SER A 321 -31.78 81.47 43.01
CA SER A 321 -32.62 82.38 43.77
C SER A 321 -33.25 83.45 42.88
N TYR A 322 -32.52 83.90 41.86
CA TYR A 322 -33.04 84.94 40.98
C TYR A 322 -34.26 84.44 40.20
N PHE A 323 -34.15 83.26 39.59
CA PHE A 323 -35.25 82.75 38.79
C PHE A 323 -36.44 82.35 39.67
N GLN A 324 -36.17 81.75 40.84
CA GLN A 324 -37.24 81.32 41.72
C GLN A 324 -38.03 82.52 42.25
N SER A 325 -37.34 83.60 42.61
CA SER A 325 -38.00 84.80 43.15
C SER A 325 -38.40 85.72 42.00
N LEU A 326 -39.37 85.26 41.23
CA LEU A 326 -39.90 86.02 40.10
C LEU A 326 -41.42 85.94 40.10
N ASP A 327 -42.06 87.02 39.66
CA ASP A 327 -43.51 87.10 39.58
C ASP A 327 -43.89 87.74 38.26
N PRO A 328 -45.04 87.37 37.68
CA PRO A 328 -45.47 87.99 36.42
C PRO A 328 -45.74 89.48 36.53
N TRP A 329 -46.01 89.99 37.74
CA TRP A 329 -46.30 91.40 37.93
C TRP A 329 -45.04 92.23 38.11
N ASN A 330 -44.19 91.84 39.06
CA ASN A 330 -42.97 92.59 39.34
C ASN A 330 -42.02 92.55 38.15
N ASN A 331 -41.87 91.39 37.50
CA ASN A 331 -40.94 91.23 36.39
C ASN A 331 -41.62 91.72 35.11
N SER A 332 -41.56 93.03 34.92
CA SER A 332 -42.08 93.67 33.71
C SER A 332 -41.01 93.82 32.63
N ARG A 333 -39.75 93.47 32.92
CA ARG A 333 -38.69 93.60 31.92
C ARG A 333 -38.87 92.58 30.80
N ASN A 334 -39.37 91.38 31.12
CA ASN A 334 -39.49 90.32 30.14
C ASN A 334 -40.91 90.31 29.58
N PRO A 335 -41.12 90.67 28.31
CA PRO A 335 -42.47 90.57 27.74
C PRO A 335 -42.99 89.15 27.63
N TRP A 336 -42.11 88.15 27.60
CA TRP A 336 -42.51 86.76 27.46
C TRP A 336 -42.76 86.07 28.79
N PHE A 337 -42.52 86.74 29.92
CA PHE A 337 -42.74 86.11 31.21
C PHE A 337 -44.21 85.84 31.45
N ARG A 338 -45.09 86.74 30.99
CA ARG A 338 -46.52 86.52 31.14
C ARG A 338 -46.97 85.28 30.37
N GLU A 339 -46.46 85.09 29.15
CA GLU A 339 -46.77 83.88 28.40
C GLU A 339 -46.18 82.65 29.06
N PHE A 340 -44.98 82.78 29.63
CA PHE A 340 -44.36 81.66 30.32
C PHE A 340 -45.17 81.22 31.53
N TRP A 341 -45.88 82.15 32.17
CA TRP A 341 -46.73 81.83 33.31
C TRP A 341 -48.01 81.10 32.91
N GLU A 342 -48.30 80.99 31.61
CA GLU A 342 -49.48 80.30 31.14
C GLU A 342 -49.24 78.80 30.95
N GLN A 343 -48.14 78.43 30.29
CA GLN A 343 -47.82 77.02 30.11
C GLN A 343 -47.42 76.39 31.43
N ARG A 344 -46.34 76.86 32.03
CA ARG A 344 -45.98 76.48 33.38
C ARG A 344 -46.90 77.20 34.37
N PHE A 345 -47.33 76.48 35.41
CA PHE A 345 -48.34 76.98 36.34
C PHE A 345 -49.61 77.35 35.58
N ARG A 346 -50.24 76.31 35.02
CA ARG A 346 -51.36 76.46 34.10
C ARG A 346 -52.49 77.30 34.69
N CYS A 347 -52.73 78.46 34.10
CA CYS A 347 -53.80 79.37 34.49
C CYS A 347 -53.99 80.38 33.36
N SER A 348 -54.80 81.40 33.59
CA SER A 348 -55.06 82.43 32.59
C SER A 348 -55.09 83.79 33.26
N PHE A 349 -54.86 84.82 32.46
CA PHE A 349 -54.87 86.20 32.93
C PHE A 349 -56.18 86.91 32.64
N ARG A 350 -57.19 86.19 32.17
CA ARG A 350 -58.49 86.77 31.84
C ARG A 350 -59.58 86.40 32.85
N GLN A 351 -59.56 85.19 33.39
CA GLN A 351 -60.55 84.73 34.35
C GLN A 351 -60.11 84.92 35.80
N ARG A 352 -59.25 85.92 36.05
CA ARG A 352 -58.74 86.21 37.39
C ARG A 352 -58.08 84.98 38.01
N ASP A 353 -57.34 84.24 37.19
CA ASP A 353 -56.56 83.11 37.65
C ASP A 353 -55.13 83.58 37.97
N CYS A 354 -54.22 82.63 38.16
CA CYS A 354 -52.82 82.91 38.48
C CYS A 354 -52.77 83.68 39.81
N ALA A 355 -51.73 84.50 39.99
CA ALA A 355 -51.54 85.35 41.16
C ALA A 355 -51.44 84.57 42.46
N ALA A 356 -51.34 83.25 42.40
CA ALA A 356 -51.21 82.43 43.60
C ALA A 356 -50.03 81.47 43.53
N HIS A 357 -49.72 80.93 42.36
CA HIS A 357 -48.58 80.03 42.24
C HIS A 357 -47.27 80.79 42.33
N SER A 358 -46.27 80.15 42.92
CA SER A 358 -44.95 80.73 43.09
C SER A 358 -43.89 79.72 42.65
N LEU A 359 -42.84 80.22 41.99
CA LEU A 359 -41.76 79.36 41.53
C LEU A 359 -40.90 78.84 42.69
N ARG A 360 -41.00 79.46 43.87
CA ARG A 360 -40.20 79.06 45.00
C ARG A 360 -40.72 77.79 45.68
N ALA A 361 -41.90 77.31 45.31
CA ALA A 361 -42.46 76.12 45.92
C ALA A 361 -42.07 74.85 45.18
N VAL A 362 -42.30 74.81 43.87
CA VAL A 362 -41.97 73.64 43.05
C VAL A 362 -40.45 73.54 42.91
N PRO A 363 -39.90 72.35 42.73
CA PRO A 363 -38.44 72.24 42.50
C PRO A 363 -38.04 72.92 41.21
N PHE A 364 -36.82 73.45 41.21
CA PHE A 364 -36.28 74.17 40.07
C PHE A 364 -35.17 73.35 39.42
N GLU A 365 -35.27 73.12 38.12
CA GLU A 365 -34.28 72.37 37.35
C GLU A 365 -33.53 73.35 36.46
N GLN A 366 -32.28 73.63 36.83
CA GLN A 366 -31.46 74.57 36.06
C GLN A 366 -30.93 73.91 34.79
N GLU A 367 -30.98 74.64 33.69
CA GLU A 367 -30.47 74.14 32.43
C GLU A 367 -28.96 73.93 32.52
N SER A 368 -28.47 72.89 31.86
CA SER A 368 -27.05 72.54 31.91
C SER A 368 -26.17 73.55 31.18
N LYS A 369 -26.74 74.46 30.40
CA LYS A 369 -25.98 75.43 29.62
C LYS A 369 -26.17 76.85 30.12
N ILE A 370 -26.70 77.03 31.35
CA ILE A 370 -26.80 78.36 31.92
C ILE A 370 -25.42 78.95 32.17
N MET A 371 -24.45 78.10 32.54
CA MET A 371 -23.08 78.58 32.77
C MET A 371 -22.50 79.20 31.51
N PHE A 372 -22.78 78.59 30.35
CA PHE A 372 -22.28 79.15 29.09
C PHE A 372 -22.91 80.50 28.78
N VAL A 373 -24.20 80.65 29.11
CA VAL A 373 -24.89 81.91 28.83
C VAL A 373 -24.29 83.05 29.66
N VAL A 374 -24.08 82.81 30.95
CA VAL A 374 -23.51 83.85 31.81
C VAL A 374 -22.02 84.05 31.51
N ASN A 375 -21.34 83.06 30.95
CA ASN A 375 -19.96 83.24 30.54
C ASN A 375 -19.85 84.08 29.28
N ALA A 376 -20.81 83.94 28.36
CA ALA A 376 -20.80 84.73 27.14
C ALA A 376 -20.98 86.21 27.44
N VAL A 377 -21.86 86.54 28.38
CA VAL A 377 -22.07 87.95 28.73
C VAL A 377 -20.81 88.53 29.36
N TYR A 378 -20.18 87.78 30.26
CA TYR A 378 -18.94 88.23 30.89
C TYR A 378 -17.75 88.17 29.96
N ALA A 379 -17.88 87.53 28.79
CA ALA A 379 -16.76 87.42 27.87
C ALA A 379 -16.36 88.79 27.34
N MET A 380 -17.33 89.56 26.83
CA MET A 380 -17.06 90.91 26.37
C MET A 380 -17.16 91.95 27.49
N ALA A 381 -17.72 91.59 28.64
CA ALA A 381 -17.76 92.52 29.76
C ALA A 381 -16.35 92.84 30.24
N HIS A 382 -15.48 91.83 30.34
CA HIS A 382 -14.09 92.09 30.67
C HIS A 382 -13.34 92.68 29.49
N ALA A 383 -13.69 92.28 28.27
CA ALA A 383 -13.04 92.83 27.08
C ALA A 383 -13.33 94.31 26.94
N LEU A 384 -14.58 94.72 27.18
CA LEU A 384 -14.92 96.15 27.15
C LEU A 384 -14.17 96.90 28.24
N HIS A 385 -14.06 96.31 29.42
CA HIS A 385 -13.27 96.93 30.49
C HIS A 385 -11.81 97.04 30.10
N ASN A 386 -11.26 95.98 29.47
CA ASN A 386 -9.89 96.04 28.98
C ASN A 386 -9.75 97.09 27.88
N MET A 387 -10.72 97.15 26.97
CA MET A 387 -10.70 98.17 25.92
C MET A 387 -10.84 99.56 26.51
N HIS A 388 -11.69 99.70 27.53
CA HIS A 388 -11.87 101.00 28.19
C HIS A 388 -10.59 101.43 28.89
N ARG A 389 -9.88 100.49 29.52
CA ARG A 389 -8.67 100.83 30.25
C ARG A 389 -7.57 101.31 29.31
N ALA A 390 -7.52 100.81 28.09
CA ALA A 390 -6.47 101.17 27.15
C ALA A 390 -6.84 102.35 26.26
N LEU A 391 -8.06 102.35 25.73
CA LEU A 391 -8.44 103.40 24.80
C LEU A 391 -8.70 104.73 25.50
N CYS A 392 -9.29 104.68 26.69
CA CYS A 392 -9.63 105.89 27.46
C CYS A 392 -9.09 105.76 28.87
N PRO A 393 -7.78 105.93 29.07
CA PRO A 393 -7.18 105.86 30.40
C PRO A 393 -7.23 107.20 31.14
N ASN A 394 -8.40 107.84 31.12
CA ASN A 394 -8.58 109.13 31.78
C ASN A 394 -9.66 109.09 32.86
N THR A 395 -10.82 108.52 32.55
CA THR A 395 -11.92 108.43 33.51
C THR A 395 -12.77 107.22 33.16
N THR A 396 -13.59 106.81 34.12
CA THR A 396 -14.43 105.62 33.94
C THR A 396 -15.75 105.97 33.26
N ARG A 397 -15.68 106.74 32.19
CA ARG A 397 -16.83 107.12 31.38
C ARG A 397 -16.44 107.02 29.91
N LEU A 398 -17.36 107.40 29.03
CA LEU A 398 -17.08 107.44 27.61
C LEU A 398 -16.14 108.60 27.30
N CYS A 399 -15.09 108.32 26.53
CA CYS A 399 -14.08 109.32 26.19
C CYS A 399 -14.25 109.87 24.78
N ASP A 400 -15.43 109.69 24.18
CA ASP A 400 -15.79 110.14 22.84
C ASP A 400 -15.05 109.41 21.73
N ALA A 401 -14.15 108.49 22.06
CA ALA A 401 -13.46 107.68 21.06
C ALA A 401 -14.05 106.28 20.93
N MET A 402 -14.68 105.77 21.99
CA MET A 402 -15.31 104.46 21.96
C MET A 402 -16.78 104.52 21.54
N ARG A 403 -17.32 105.71 21.30
CA ARG A 403 -18.70 105.82 20.85
C ARG A 403 -18.94 105.11 19.52
N PRO A 404 -18.13 105.31 18.47
CA PRO A 404 -18.26 104.47 17.27
C PRO A 404 -17.55 103.14 17.47
N VAL A 405 -18.32 102.08 17.63
CA VAL A 405 -17.76 100.76 17.88
C VAL A 405 -17.39 100.11 16.56
N ASN A 406 -16.15 99.62 16.48
CA ASN A 406 -15.64 98.95 15.29
C ASN A 406 -15.28 97.51 15.61
N GLY A 407 -15.64 96.60 14.70
CA GLY A 407 -15.34 95.20 14.92
C GLY A 407 -13.89 94.83 14.71
N ARG A 408 -13.16 95.61 13.92
CA ARG A 408 -11.76 95.30 13.65
C ARG A 408 -10.91 95.42 14.90
N ARG A 409 -11.02 96.54 15.62
CA ARG A 409 -10.24 96.73 16.83
C ARG A 409 -10.79 95.95 18.00
N LEU A 410 -12.10 95.72 18.04
CA LEU A 410 -12.72 95.05 19.19
C LEU A 410 -12.51 93.54 19.14
N TYR A 411 -13.01 92.88 18.10
CA TYR A 411 -12.98 91.43 18.05
C TYR A 411 -11.56 90.90 17.99
N LYS A 412 -10.69 91.54 17.20
CA LYS A 412 -9.31 91.07 17.09
C LYS A 412 -8.58 91.20 18.42
N ASP A 413 -8.91 92.23 19.21
CA ASP A 413 -8.42 92.31 20.58
C ASP A 413 -9.23 91.45 21.53
N PHE A 414 -10.43 91.03 21.13
CA PHE A 414 -11.27 90.16 21.94
C PHE A 414 -10.94 88.68 21.76
N VAL A 415 -10.55 88.27 20.55
CA VAL A 415 -10.13 86.89 20.33
C VAL A 415 -8.82 86.60 21.04
N LEU A 416 -8.10 87.64 21.47
CA LEU A 416 -6.84 87.48 22.18
C LEU A 416 -7.14 87.07 23.64
N ASN A 417 -6.11 87.12 24.48
CA ASN A 417 -6.24 86.66 25.86
C ASN A 417 -7.24 87.49 26.65
N VAL A 418 -8.38 86.88 26.98
CA VAL A 418 -9.38 87.49 27.85
C VAL A 418 -9.52 86.54 29.02
N LYS A 419 -8.41 85.89 29.38
CA LYS A 419 -8.41 84.89 30.44
C LYS A 419 -8.80 85.51 31.77
N PHE A 420 -9.90 85.02 32.34
CA PHE A 420 -10.39 85.52 33.61
C PHE A 420 -11.19 84.43 34.31
N ASP A 421 -11.33 84.57 35.63
CA ASP A 421 -12.02 83.57 36.43
C ASP A 421 -13.48 83.48 36.06
N ALA A 422 -13.99 82.25 35.96
CA ALA A 422 -15.38 82.03 35.58
C ALA A 422 -16.32 82.62 36.64
N PRO A 423 -17.32 83.40 36.24
CA PRO A 423 -18.24 83.97 37.23
C PRO A 423 -19.03 82.90 37.94
N PHE A 424 -19.32 83.15 39.22
CA PHE A 424 -20.10 82.24 40.06
C PHE A 424 -19.47 80.85 40.11
N ARG A 425 -18.16 80.79 40.06
CA ARG A 425 -17.47 79.50 40.06
C ARG A 425 -17.60 78.84 41.42
N PRO A 426 -17.91 77.54 41.47
CA PRO A 426 -17.98 76.85 42.76
C PRO A 426 -16.60 76.66 43.38
N ALA A 427 -16.61 76.34 44.66
CA ALA A 427 -15.36 76.16 45.40
C ALA A 427 -14.64 74.90 44.96
N ASP A 428 -13.34 74.86 45.23
CA ASP A 428 -12.48 73.73 44.89
C ASP A 428 -12.52 73.41 43.40
N THR A 429 -12.54 74.45 42.57
CA THR A 429 -12.54 74.30 41.13
C THR A 429 -11.55 75.30 40.52
N HIS A 430 -11.04 74.94 39.35
CA HIS A 430 -10.06 75.76 38.64
C HIS A 430 -10.52 76.06 37.22
N ASN A 431 -11.82 76.28 37.05
CA ASN A 431 -12.35 76.63 35.74
C ASN A 431 -11.94 78.05 35.36
N GLU A 432 -11.68 78.25 34.07
CA GLU A 432 -11.25 79.55 33.56
C GLU A 432 -11.81 79.75 32.17
N VAL A 433 -12.35 80.94 31.92
CA VAL A 433 -12.93 81.27 30.62
C VAL A 433 -11.83 81.80 29.71
N ARG A 434 -11.66 81.16 28.56
CA ARG A 434 -10.65 81.59 27.60
C ARG A 434 -11.08 81.12 26.21
N PHE A 435 -10.47 81.72 25.19
CA PHE A 435 -10.75 81.40 23.80
C PHE A 435 -9.46 81.04 23.08
N ASP A 436 -9.53 79.99 22.27
CA ASP A 436 -8.37 79.55 21.49
C ASP A 436 -8.22 80.41 20.24
N ARG A 437 -7.31 80.03 19.36
CA ARG A 437 -7.11 80.77 18.11
C ARG A 437 -8.33 80.69 17.21
N PHE A 438 -9.17 79.66 17.35
CA PHE A 438 -10.38 79.52 16.57
C PHE A 438 -11.60 80.09 17.26
N GLY A 439 -11.44 80.72 18.43
CA GLY A 439 -12.56 81.26 19.16
C GLY A 439 -13.49 80.21 19.73
N ASP A 440 -12.93 79.10 20.22
CA ASP A 440 -13.72 78.02 20.81
C ASP A 440 -13.31 77.84 22.28
N GLY A 441 -13.89 76.82 22.91
CA GLY A 441 -13.61 76.49 24.28
C GLY A 441 -12.92 75.14 24.42
N ILE A 442 -12.62 74.79 25.67
CA ILE A 442 -11.95 73.54 25.95
C ILE A 442 -12.94 72.38 25.80
N GLY A 443 -12.41 71.23 25.41
CA GLY A 443 -13.25 70.06 25.16
C GLY A 443 -13.57 69.27 26.40
N ARG A 444 -14.47 69.80 27.24
CA ARG A 444 -14.90 69.13 28.45
C ARG A 444 -16.33 68.65 28.26
N TYR A 445 -16.54 67.35 28.42
CA TYR A 445 -17.85 66.72 28.21
C TYR A 445 -18.16 65.81 29.39
N ASN A 446 -19.38 65.27 29.36
CA ASN A 446 -19.83 64.34 30.39
C ASN A 446 -20.86 63.39 29.79
N ILE A 447 -21.06 62.26 30.46
CA ILE A 447 -21.89 61.17 29.96
C ILE A 447 -23.11 61.05 30.86
N PHE A 448 -24.30 60.94 30.26
CA PHE A 448 -25.53 60.77 30.99
C PHE A 448 -26.26 59.54 30.48
N THR A 449 -26.97 58.87 31.40
CA THR A 449 -27.78 57.71 31.07
C THR A 449 -29.16 57.86 31.72
N TYR A 450 -30.12 57.10 31.20
CA TYR A 450 -31.52 57.25 31.57
C TYR A 450 -31.88 56.16 32.58
N LEU A 451 -32.38 56.57 33.74
CA LEU A 451 -32.68 55.65 34.84
C LEU A 451 -34.18 55.44 34.97
N ARG A 452 -34.54 54.29 35.52
CA ARG A 452 -35.93 53.93 35.83
C ARG A 452 -36.02 53.33 37.23
N ALA A 453 -35.36 53.99 38.19
CA ALA A 453 -35.33 53.50 39.56
C ALA A 453 -36.73 53.51 40.18
N GLY A 454 -37.00 52.52 41.01
CA GLY A 454 -38.30 52.42 41.65
C GLY A 454 -38.53 53.56 42.64
N SER A 455 -39.80 53.96 42.75
CA SER A 455 -40.23 55.04 43.65
C SER A 455 -39.52 56.35 43.34
N GLY A 456 -39.06 56.51 42.09
CA GLY A 456 -38.39 57.73 41.68
C GLY A 456 -38.70 58.12 40.25
N ARG A 457 -39.70 57.43 39.66
CA ARG A 457 -40.10 57.65 38.28
C ARG A 457 -38.91 57.48 37.33
N TYR A 458 -38.35 58.60 36.86
CA TYR A 458 -37.20 58.58 35.97
C TYR A 458 -36.28 59.73 36.32
N ARG A 459 -34.99 59.54 36.06
CA ARG A 459 -33.99 60.52 36.46
C ARG A 459 -32.75 60.35 35.58
N TYR A 460 -32.13 61.48 35.24
CA TYR A 460 -30.87 61.48 34.51
C TYR A 460 -29.71 61.43 35.51
N GLN A 461 -28.78 60.51 35.28
CA GLN A 461 -27.64 60.30 36.17
C GLN A 461 -26.34 60.44 35.39
N LYS A 462 -25.41 61.21 35.94
CA LYS A 462 -24.08 61.36 35.34
C LYS A 462 -23.24 60.14 35.70
N VAL A 463 -22.74 59.44 34.68
CA VAL A 463 -21.97 58.22 34.88
C VAL A 463 -20.52 58.35 34.43
N GLY A 464 -20.11 59.51 33.95
CA GLY A 464 -18.74 59.68 33.51
C GLY A 464 -18.55 61.00 32.82
N TYR A 465 -17.29 61.26 32.47
CA TYR A 465 -16.90 62.49 31.78
C TYR A 465 -15.93 62.14 30.66
N TRP A 466 -15.53 63.15 29.91
CA TRP A 466 -14.60 62.99 28.78
C TRP A 466 -13.47 64.01 28.93
N ALA A 467 -12.44 63.63 29.70
CA ALA A 467 -11.25 64.46 29.85
C ALA A 467 -10.16 63.95 28.89
N GLU A 468 -10.44 64.11 27.60
CA GLU A 468 -9.60 63.57 26.53
C GLU A 468 -9.41 62.07 26.69
N GLY A 469 -10.48 61.39 27.09
CA GLY A 469 -10.43 59.96 27.34
C GLY A 469 -11.60 59.49 28.19
N LEU A 470 -12.15 58.33 27.87
CA LEU A 470 -13.31 57.81 28.59
C LEU A 470 -12.94 57.46 30.02
N THR A 471 -13.85 57.77 30.94
CA THR A 471 -13.66 57.47 32.35
C THR A 471 -14.92 56.91 33.01
N LEU A 472 -16.00 56.74 32.25
CA LEU A 472 -17.26 56.29 32.81
C LEU A 472 -17.15 54.88 33.38
N ASP A 473 -17.95 54.61 34.40
CA ASP A 473 -17.99 53.31 35.07
C ASP A 473 -19.11 52.45 34.50
N THR A 474 -18.98 51.14 34.71
CA THR A 474 -19.93 50.17 34.19
C THR A 474 -21.00 49.79 35.21
N SER A 475 -20.75 49.99 36.51
CA SER A 475 -21.66 49.54 37.54
C SER A 475 -22.87 50.45 37.72
N LEU A 476 -22.91 51.61 37.06
CA LEU A 476 -24.02 52.53 37.21
C LEU A 476 -25.08 52.40 36.11
N ILE A 477 -24.70 51.87 34.95
CA ILE A 477 -25.67 51.72 33.85
C ILE A 477 -26.55 50.51 34.14
N PRO A 478 -27.89 50.67 34.11
CA PRO A 478 -28.76 49.55 34.48
C PRO A 478 -28.57 48.30 33.62
N TRP A 479 -28.35 48.46 32.31
CA TRP A 479 -28.21 47.32 31.42
C TRP A 479 -26.77 46.84 31.27
N ALA A 480 -25.81 47.54 31.87
CA ALA A 480 -24.41 47.14 31.84
C ALA A 480 -23.95 46.51 33.15
N SER A 481 -24.85 46.33 34.11
CA SER A 481 -24.47 45.73 35.38
C SER A 481 -24.15 44.25 35.20
N PRO A 482 -23.20 43.72 35.98
CA PRO A 482 -22.88 42.28 35.83
C PRO A 482 -24.04 41.36 36.12
N SER A 483 -24.91 41.72 37.07
CA SER A 483 -26.08 40.91 37.40
C SER A 483 -27.31 41.36 36.62
N ALA A 484 -27.16 41.48 35.30
CA ALA A 484 -28.26 41.88 34.44
C ALA A 484 -28.37 41.08 33.15
N GLY A 485 -27.36 40.29 32.79
CA GLY A 485 -27.37 39.57 31.54
C GLY A 485 -26.41 40.18 30.53
N PRO A 486 -26.35 39.62 29.33
CA PRO A 486 -25.46 40.17 28.30
C PRO A 486 -25.89 41.58 27.92
N LEU A 487 -24.90 42.44 27.68
CA LEU A 487 -25.18 43.81 27.28
C LEU A 487 -25.74 43.84 25.86
N PRO A 488 -26.61 44.81 25.55
CA PRO A 488 -27.14 44.92 24.19
C PRO A 488 -26.05 45.26 23.18
N ALA A 489 -25.82 44.35 22.25
CA ALA A 489 -24.80 44.75 21.29
C ALA A 489 -25.30 44.71 19.85
N SER A 490 -24.53 45.31 18.97
CA SER A 490 -24.95 45.43 17.57
C SER A 490 -23.78 45.06 16.69
N ARG A 491 -23.61 43.76 16.45
CA ARG A 491 -22.49 43.25 15.62
C ARG A 491 -23.15 42.75 14.35
N CYS A 492 -22.46 42.81 13.23
CA CYS A 492 -23.16 42.49 11.95
C CYS A 492 -23.03 41.02 11.67
N SER A 493 -21.89 40.47 12.04
CA SER A 493 -21.66 39.02 11.84
C SER A 493 -21.17 38.45 13.16
N GLU A 494 -22.01 37.68 13.84
CA GLU A 494 -21.55 37.01 15.08
C GLU A 494 -20.12 36.58 14.77
N PRO A 495 -19.11 36.87 15.61
CA PRO A 495 -17.76 36.39 15.28
C PRO A 495 -17.72 34.87 15.22
N CYS A 496 -16.84 34.36 14.38
CA CYS A 496 -16.67 32.92 14.18
C CYS A 496 -15.32 32.47 14.75
N LEU A 497 -15.33 31.39 15.51
CA LEU A 497 -14.14 30.89 16.17
C LEU A 497 -13.26 30.12 15.20
N GLN A 498 -12.04 29.81 15.65
CA GLN A 498 -11.05 29.15 14.81
C GLN A 498 -11.30 27.66 14.65
N ASN A 499 -12.26 27.08 15.37
CA ASN A 499 -12.48 25.64 15.32
C ASN A 499 -13.15 25.25 14.00
N GLU A 500 -12.33 25.00 12.97
CA GLU A 500 -12.79 24.52 11.67
C GLU A 500 -13.73 25.53 11.01
N VAL A 501 -13.60 26.81 11.35
CA VAL A 501 -14.40 27.87 10.74
C VAL A 501 -13.47 29.03 10.40
N LYS A 502 -13.51 29.50 9.16
CA LYS A 502 -12.63 30.56 8.69
C LYS A 502 -13.42 31.56 7.87
N SER A 503 -13.03 32.83 7.97
CA SER A 503 -13.70 33.90 7.24
C SER A 503 -13.35 33.86 5.76
N VAL A 504 -14.20 34.50 4.96
CA VAL A 504 -14.03 34.50 3.51
C VAL A 504 -14.02 35.92 2.97
N GLN A 505 -15.04 36.70 3.32
CA GLN A 505 -15.26 38.00 2.69
C GLN A 505 -14.15 38.99 3.05
N PRO A 506 -13.44 39.56 2.08
CA PRO A 506 -12.43 40.58 2.37
C PRO A 506 -12.93 42.01 2.34
N GLY A 507 -14.25 42.23 2.35
CA GLY A 507 -14.79 43.56 2.20
C GLY A 507 -15.11 44.26 3.51
N GLU A 508 -16.39 44.33 3.85
CA GLU A 508 -16.80 44.98 5.10
C GLU A 508 -16.13 44.32 6.30
N VAL A 509 -15.65 45.15 7.22
CA VAL A 509 -14.89 44.67 8.37
C VAL A 509 -15.79 44.50 9.58
N CYS A 510 -17.10 44.47 9.34
CA CYS A 510 -18.08 44.32 10.43
C CYS A 510 -18.81 42.98 10.41
N CYS A 511 -19.29 42.54 9.25
CA CYS A 511 -19.98 41.25 9.15
C CYS A 511 -19.49 40.49 7.92
N TRP A 512 -18.17 40.36 7.82
CA TRP A 512 -17.55 39.45 6.86
C TRP A 512 -18.25 38.09 6.85
N LEU A 513 -18.43 37.54 5.66
CA LEU A 513 -19.07 36.23 5.50
C LEU A 513 -18.09 35.15 5.93
N CYS A 514 -18.43 34.44 7.00
CA CYS A 514 -17.57 33.41 7.57
C CYS A 514 -18.21 32.04 7.38
N ILE A 515 -17.45 31.09 6.85
CA ILE A 515 -17.96 29.76 6.55
C ILE A 515 -17.08 28.73 7.26
N PRO A 516 -17.59 27.54 7.57
CA PRO A 516 -16.74 26.52 8.18
C PRO A 516 -15.68 26.02 7.22
N CYS A 517 -14.54 25.64 7.78
CA CYS A 517 -13.42 25.09 7.02
C CYS A 517 -13.28 23.62 7.34
N GLN A 518 -12.89 22.83 6.33
CA GLN A 518 -12.92 21.39 6.45
C GLN A 518 -11.94 20.89 7.52
N PRO A 519 -12.24 19.77 8.18
CA PRO A 519 -11.37 19.30 9.26
C PRO A 519 -9.96 18.94 8.82
N TYR A 520 -9.74 18.64 7.55
CA TYR A 520 -8.42 18.28 7.03
C TYR A 520 -7.68 19.47 6.45
N GLU A 521 -7.94 20.67 6.98
CA GLU A 521 -7.34 21.90 6.50
C GLU A 521 -6.39 22.46 7.55
N TYR A 522 -5.86 23.66 7.29
CA TYR A 522 -4.89 24.28 8.20
C TYR A 522 -5.60 25.05 9.31
N ARG A 523 -6.47 26.00 8.94
CA ARG A 523 -7.32 26.72 9.89
C ARG A 523 -6.51 27.43 10.96
N LEU A 524 -5.41 28.07 10.56
CA LEU A 524 -4.61 28.88 11.47
C LEU A 524 -4.85 30.38 11.26
N ASP A 525 -4.67 30.85 10.04
CA ASP A 525 -4.96 32.25 9.72
C ASP A 525 -6.45 32.42 9.43
N GLU A 526 -6.86 33.68 9.29
CA GLU A 526 -8.26 33.97 9.03
C GLU A 526 -8.72 33.46 7.68
N PHE A 527 -7.87 33.60 6.66
CA PHE A 527 -8.25 33.29 5.28
C PHE A 527 -7.47 32.12 4.69
N THR A 528 -6.56 31.50 5.43
CA THR A 528 -5.60 30.59 4.81
C THR A 528 -6.19 29.20 4.57
N CYS A 529 -6.50 28.48 5.63
CA CYS A 529 -6.81 27.04 5.55
C CYS A 529 -5.73 26.37 4.70
N ALA A 530 -6.07 25.27 4.02
CA ALA A 530 -5.19 24.63 3.03
C ALA A 530 -3.86 24.20 3.65
N ASP A 531 -3.96 23.24 4.56
CA ASP A 531 -2.77 22.68 5.19
C ASP A 531 -1.90 21.95 4.18
N CYS A 532 -0.71 21.55 4.64
CA CYS A 532 0.22 20.83 3.78
C CYS A 532 -0.39 19.51 3.33
N GLY A 533 -0.24 19.20 2.04
CA GLY A 533 -0.76 17.97 1.48
C GLY A 533 -0.17 16.73 2.09
N LEU A 534 -1.04 15.78 2.48
CA LEU A 534 -0.62 14.51 3.08
C LEU A 534 0.24 14.73 4.31
N GLY A 535 -0.13 15.73 5.13
CA GLY A 535 0.59 16.01 6.35
C GLY A 535 -0.08 15.43 7.58
N TYR A 536 -0.71 16.29 8.37
CA TYR A 536 -1.45 15.89 9.56
C TYR A 536 -2.93 16.05 9.26
N TRP A 537 -3.61 14.93 9.02
CA TRP A 537 -5.01 14.97 8.61
C TRP A 537 -5.93 15.59 9.66
N PRO A 538 -5.88 15.20 10.94
CA PRO A 538 -6.81 15.81 11.91
C PRO A 538 -6.58 17.31 12.10
N ASN A 539 -5.36 17.71 12.42
CA ASN A 539 -5.04 19.11 12.61
C ASN A 539 -3.54 19.28 12.48
N ALA A 540 -3.11 20.41 11.90
CA ALA A 540 -1.70 20.65 11.66
C ALA A 540 -1.27 22.06 12.01
N SER A 541 -2.04 22.80 12.81
CA SER A 541 -1.71 24.20 13.06
C SER A 541 -1.90 24.64 14.51
N LEU A 542 -2.28 23.75 15.44
CA LEU A 542 -2.46 24.14 16.82
C LEU A 542 -1.44 23.50 17.75
N THR A 543 -1.41 22.16 17.84
CA THR A 543 -0.39 21.49 18.66
C THR A 543 -0.26 20.05 18.17
N GLY A 544 0.76 19.81 17.34
CA GLY A 544 1.23 18.47 16.98
C GLY A 544 0.18 17.39 16.83
N CYS A 545 -0.94 17.71 16.18
CA CYS A 545 -2.05 16.76 16.07
C CYS A 545 -1.81 15.77 14.92
N PHE A 546 -0.71 15.03 15.04
CA PHE A 546 -0.36 14.04 14.03
C PHE A 546 -1.24 12.80 14.18
N GLU A 547 -1.62 12.22 13.04
CA GLU A 547 -2.38 10.98 13.06
C GLU A 547 -1.47 9.81 13.42
N LEU A 548 -2.08 8.69 13.80
CA LEU A 548 -1.34 7.53 14.22
C LEU A 548 -1.60 6.35 13.31
N PRO A 549 -0.56 5.64 12.86
CA PRO A 549 -0.76 4.42 12.05
C PRO A 549 -1.15 3.23 12.91
N GLN A 550 -2.45 3.14 13.20
CA GLN A 550 -2.97 2.11 14.09
C GLN A 550 -2.69 0.72 13.54
N GLU A 551 -1.82 -0.02 14.22
CA GLU A 551 -1.43 -1.35 13.78
C GLU A 551 -2.39 -2.39 14.36
N TYR A 552 -2.20 -3.64 13.91
CA TYR A 552 -3.03 -4.74 14.36
C TYR A 552 -2.58 -5.32 15.69
N ILE A 553 -1.47 -4.82 16.25
CA ILE A 553 -0.93 -5.39 17.49
C ILE A 553 -1.67 -4.78 18.69
N ARG A 554 -2.56 -5.57 19.29
CA ARG A 554 -3.16 -5.22 20.56
C ARG A 554 -3.18 -6.35 21.58
N TRP A 555 -3.23 -7.61 21.14
CA TRP A 555 -3.21 -8.81 21.98
C TRP A 555 -4.41 -8.90 22.92
N GLY A 556 -5.32 -7.93 22.85
CA GLY A 556 -6.55 -7.97 23.63
C GLY A 556 -7.74 -7.48 22.82
N ASP A 557 -7.48 -7.04 21.59
CA ASP A 557 -8.52 -6.48 20.74
C ASP A 557 -9.50 -7.56 20.31
N ALA A 558 -10.67 -7.12 19.83
CA ALA A 558 -11.68 -8.04 19.34
C ALA A 558 -11.14 -8.90 18.21
N TRP A 559 -10.52 -8.27 17.21
CA TRP A 559 -9.85 -9.01 16.14
C TRP A 559 -8.39 -9.29 16.46
N ALA A 560 -8.10 -9.75 17.69
CA ALA A 560 -6.76 -10.18 18.03
C ALA A 560 -6.73 -11.35 19.00
N VAL A 561 -7.88 -11.90 19.41
CA VAL A 561 -7.94 -12.90 20.46
C VAL A 561 -8.44 -14.25 19.95
N GLY A 562 -9.39 -14.23 19.01
CA GLY A 562 -9.95 -15.45 18.47
C GLY A 562 -8.92 -16.35 17.83
N PRO A 563 -8.19 -15.84 16.83
CA PRO A 563 -7.11 -16.64 16.24
C PRO A 563 -6.03 -17.05 17.23
N VAL A 564 -5.73 -16.19 18.21
CA VAL A 564 -4.70 -16.52 19.19
C VAL A 564 -5.18 -17.62 20.12
N THR A 565 -6.44 -17.55 20.56
CA THR A 565 -6.95 -18.54 21.51
C THR A 565 -6.97 -19.95 20.90
N ILE A 566 -7.44 -20.06 19.66
CA ILE A 566 -7.49 -21.38 19.02
C ILE A 566 -6.08 -21.89 18.73
N ALA A 567 -5.17 -20.99 18.36
CA ALA A 567 -3.79 -21.40 18.09
C ALA A 567 -3.12 -21.93 19.35
N CYS A 568 -3.35 -21.27 20.49
CA CYS A 568 -2.78 -21.74 21.74
C CYS A 568 -3.29 -23.13 22.12
N LEU A 569 -4.60 -23.36 21.96
CA LEU A 569 -5.15 -24.68 22.23
C LEU A 569 -4.60 -25.71 21.25
N GLY A 570 -4.47 -25.34 19.97
CA GLY A 570 -3.93 -26.27 19.00
C GLY A 570 -2.49 -26.63 19.25
N ALA A 571 -1.70 -25.66 19.73
CA ALA A 571 -0.29 -25.93 20.02
C ALA A 571 -0.14 -26.99 21.11
N LEU A 572 -0.97 -26.91 22.15
CA LEU A 572 -0.94 -27.94 23.18
C LEU A 572 -1.42 -29.28 22.65
N ALA A 573 -2.38 -29.27 21.72
CA ALA A 573 -2.86 -30.52 21.12
C ALA A 573 -1.77 -31.19 20.31
N THR A 574 -0.96 -30.40 19.59
CA THR A 574 0.13 -30.97 18.82
C THR A 574 1.16 -31.64 19.72
N LEU A 575 1.47 -31.02 20.86
CA LEU A 575 2.40 -31.62 21.81
C LEU A 575 1.82 -32.90 22.43
N PHE A 576 0.50 -33.00 22.52
CA PHE A 576 -0.12 -34.21 23.05
C PHE A 576 0.19 -35.41 22.16
N VAL A 577 0.11 -35.23 20.84
CA VAL A 577 0.42 -36.33 19.92
C VAL A 577 1.91 -36.63 19.94
N LEU A 578 2.74 -35.60 19.96
CA LEU A 578 4.19 -35.82 19.97
C LEU A 578 4.63 -36.52 21.24
N GLY A 579 4.09 -36.10 22.39
CA GLY A 579 4.49 -36.72 23.65
C GLY A 579 4.03 -38.16 23.77
N VAL A 580 2.82 -38.45 23.29
CA VAL A 580 2.30 -39.82 23.37
C VAL A 580 3.06 -40.74 22.42
N PHE A 581 3.37 -40.25 21.21
CA PHE A 581 4.00 -41.10 20.20
C PHE A 581 5.36 -41.60 20.66
N VAL A 582 6.19 -40.71 21.22
CA VAL A 582 7.50 -41.14 21.70
C VAL A 582 7.37 -42.04 22.91
N ARG A 583 6.41 -41.75 23.80
CA ARG A 583 6.21 -42.59 24.98
C ARG A 583 5.71 -43.97 24.59
N HIS A 584 4.80 -44.05 23.63
CA HIS A 584 4.22 -45.31 23.17
C HIS A 584 4.86 -45.80 21.87
N ASN A 585 6.16 -45.57 21.71
CA ASN A 585 6.84 -45.99 20.49
C ASN A 585 6.88 -47.51 20.34
N ALA A 586 6.84 -48.24 21.47
CA ALA A 586 6.85 -49.70 21.41
C ALA A 586 5.58 -50.28 20.81
N THR A 587 4.48 -49.54 20.84
CA THR A 587 3.24 -50.04 20.28
C THR A 587 3.35 -50.10 18.75
N PRO A 588 3.03 -51.23 18.12
CA PRO A 588 3.26 -51.35 16.68
C PRO A 588 2.36 -50.48 15.82
N VAL A 589 1.23 -49.99 16.35
CA VAL A 589 0.30 -49.23 15.51
C VAL A 589 0.89 -47.87 15.15
N VAL A 590 1.58 -47.22 16.10
CA VAL A 590 2.15 -45.91 15.82
C VAL A 590 3.32 -46.03 14.83
N LYS A 591 4.08 -47.12 14.91
CA LYS A 591 5.22 -47.31 14.01
C LYS A 591 4.81 -47.89 12.66
N ALA A 592 3.52 -48.18 12.46
CA ALA A 592 3.07 -48.66 11.16
C ALA A 592 3.31 -47.63 10.07
N SER A 593 3.03 -46.37 10.37
CA SER A 593 3.36 -45.28 9.45
C SER A 593 4.85 -44.94 9.56
N GLY A 594 5.32 -44.13 8.61
CA GLY A 594 6.71 -43.71 8.63
C GLY A 594 7.05 -42.88 9.84
N ARG A 595 7.83 -43.46 10.77
CA ARG A 595 8.15 -42.76 12.00
C ARG A 595 8.99 -41.52 11.75
N GLU A 596 9.97 -41.61 10.84
CA GLU A 596 10.80 -40.46 10.53
C GLU A 596 9.99 -39.33 9.91
N LEU A 597 9.08 -39.67 9.00
CA LEU A 597 8.26 -38.65 8.34
C LEU A 597 7.06 -38.23 9.18
N CYS A 598 6.72 -38.99 10.22
CA CYS A 598 5.61 -38.59 11.09
C CYS A 598 5.97 -37.38 11.93
N TYR A 599 7.22 -37.32 12.42
CA TYR A 599 7.65 -36.17 13.21
C TYR A 599 7.73 -34.92 12.35
N ILE A 600 8.12 -35.06 11.08
CA ILE A 600 8.12 -33.92 10.16
C ILE A 600 6.70 -33.40 9.97
N LEU A 601 5.74 -34.30 9.75
CA LEU A 601 4.36 -33.88 9.65
C LEU A 601 3.84 -33.30 10.95
N LEU A 602 4.19 -33.92 12.08
CA LEU A 602 3.82 -33.37 13.38
C LEU A 602 4.48 -32.02 13.62
N GLY A 603 5.75 -31.89 13.23
CA GLY A 603 6.43 -30.61 13.36
C GLY A 603 5.79 -29.53 12.51
N GLY A 604 5.38 -29.89 11.29
CA GLY A 604 4.77 -28.90 10.41
C GLY A 604 3.49 -28.30 11.00
N VAL A 605 2.70 -29.13 11.69
CA VAL A 605 1.52 -28.62 12.39
C VAL A 605 1.93 -27.64 13.47
N PHE A 606 2.98 -27.97 14.22
CA PHE A 606 3.46 -27.07 15.27
C PHE A 606 3.98 -25.76 14.69
N LEU A 607 4.71 -25.84 13.57
CA LEU A 607 5.13 -24.62 12.88
C LEU A 607 3.93 -23.87 12.32
N CYS A 608 2.90 -24.60 11.87
CA CYS A 608 1.70 -23.93 11.37
C CYS A 608 1.03 -23.09 12.44
N TYR A 609 0.91 -23.63 13.65
CA TYR A 609 0.30 -22.89 14.74
C TYR A 609 1.20 -21.75 15.22
N CYS A 610 2.51 -21.98 15.27
CA CYS A 610 3.44 -20.93 15.68
C CYS A 610 3.49 -19.80 14.65
N MET A 611 3.41 -20.13 13.36
CA MET A 611 3.44 -19.11 12.32
C MET A 611 2.18 -18.24 12.34
N THR A 612 1.11 -18.71 12.96
CA THR A 612 -0.13 -17.93 13.02
C THR A 612 0.10 -16.57 13.67
N PHE A 613 0.92 -16.54 14.73
CA PHE A 613 1.25 -15.28 15.39
C PHE A 613 2.11 -14.38 14.50
N ILE A 614 2.77 -14.93 13.49
CA ILE A 614 3.67 -14.15 12.66
C ILE A 614 2.91 -13.16 11.78
N PHE A 615 1.65 -13.46 11.43
CA PHE A 615 0.90 -12.56 10.58
C PHE A 615 0.71 -11.18 11.19
N ILE A 616 0.78 -11.05 12.52
CA ILE A 616 0.71 -9.74 13.13
C ILE A 616 2.12 -9.33 13.55
N ALA A 617 2.66 -10.04 14.55
CA ALA A 617 4.07 -10.01 14.95
C ALA A 617 4.73 -8.64 14.86
N LYS A 618 4.00 -7.56 15.21
CA LYS A 618 4.53 -6.21 15.14
C LYS A 618 5.10 -5.92 13.75
N PRO A 619 4.25 -5.71 12.75
CA PRO A 619 4.73 -5.71 11.36
C PRO A 619 5.82 -4.67 11.13
N SER A 620 6.85 -5.08 10.39
CA SER A 620 8.00 -4.25 10.06
C SER A 620 8.74 -4.92 8.91
N THR A 621 9.89 -4.36 8.55
CA THR A 621 10.65 -4.89 7.43
C THR A 621 11.21 -6.28 7.75
N ALA A 622 11.72 -6.47 8.96
CA ALA A 622 12.35 -7.75 9.31
C ALA A 622 11.33 -8.87 9.41
N VAL A 623 10.20 -8.61 10.07
CA VAL A 623 9.16 -9.62 10.20
C VAL A 623 8.56 -9.93 8.83
N CYS A 624 8.45 -8.91 7.97
CA CYS A 624 7.82 -9.08 6.66
C CYS A 624 8.59 -10.06 5.78
N THR A 625 9.91 -10.13 5.94
CA THR A 625 10.73 -10.99 5.09
C THR A 625 10.39 -12.46 5.32
N LEU A 626 10.24 -12.87 6.58
CA LEU A 626 9.99 -14.27 6.89
C LEU A 626 8.51 -14.64 6.91
N ARG A 627 7.61 -13.67 6.73
CA ARG A 627 6.20 -14.01 6.56
C ARG A 627 5.97 -14.80 5.28
N ARG A 628 6.61 -14.37 4.18
CA ARG A 628 6.51 -15.13 2.94
C ARG A 628 7.17 -16.50 3.09
N LEU A 629 8.33 -16.55 3.74
CA LEU A 629 8.99 -17.83 3.99
C LEU A 629 8.16 -18.71 4.93
N GLY A 630 7.58 -18.10 5.97
CA GLY A 630 6.84 -18.90 6.94
C GLY A 630 5.59 -19.53 6.35
N LEU A 631 4.84 -18.76 5.57
CA LEU A 631 3.61 -19.30 4.99
C LEU A 631 3.90 -20.35 3.94
N GLY A 632 4.95 -20.14 3.13
CA GLY A 632 5.29 -21.11 2.11
C GLY A 632 5.76 -22.44 2.67
N THR A 633 6.60 -22.40 3.70
CA THR A 633 7.20 -23.63 4.20
C THR A 633 6.22 -24.47 4.99
N ALA A 634 5.35 -23.84 5.79
CA ALA A 634 4.46 -24.61 6.66
C ALA A 634 3.48 -25.45 5.86
N PHE A 635 2.94 -24.89 4.77
CA PHE A 635 2.04 -25.65 3.90
C PHE A 635 2.79 -26.47 2.87
N SER A 636 4.12 -26.41 2.85
CA SER A 636 4.94 -27.31 2.04
C SER A 636 5.52 -28.46 2.85
N VAL A 637 5.88 -28.21 4.11
CA VAL A 637 6.39 -29.28 4.96
C VAL A 637 5.30 -30.29 5.26
N CYS A 638 4.09 -29.81 5.59
CA CYS A 638 3.00 -30.71 5.93
C CYS A 638 2.60 -31.59 4.76
N TYR A 639 2.55 -31.02 3.56
CA TYR A 639 2.06 -31.73 2.39
C TYR A 639 3.17 -32.44 1.61
N SER A 640 4.41 -32.38 2.09
CA SER A 640 5.49 -33.16 1.49
C SER A 640 5.79 -34.44 2.26
N ALA A 641 5.60 -34.43 3.59
CA ALA A 641 5.77 -35.65 4.37
C ALA A 641 4.73 -36.69 3.98
N LEU A 642 3.50 -36.25 3.71
CA LEU A 642 2.45 -37.17 3.29
C LEU A 642 2.80 -37.80 1.94
N LEU A 643 3.37 -37.02 1.03
CA LEU A 643 3.75 -37.56 -0.27
C LEU A 643 4.81 -38.64 -0.13
N THR A 644 5.81 -38.41 0.72
CA THR A 644 6.86 -39.41 0.93
C THR A 644 6.29 -40.66 1.60
N LYS A 645 5.41 -40.50 2.58
CA LYS A 645 4.79 -41.65 3.22
C LYS A 645 3.96 -42.47 2.24
N THR A 646 3.16 -41.79 1.41
CA THR A 646 2.36 -42.50 0.42
C THR A 646 3.24 -43.18 -0.62
N ASN A 647 4.30 -42.49 -1.07
CA ASN A 647 5.20 -43.08 -2.04
C ASN A 647 5.93 -44.30 -1.47
N ARG A 648 6.37 -44.21 -0.22
CA ARG A 648 7.09 -45.32 0.40
C ARG A 648 6.20 -46.55 0.53
N ILE A 649 4.95 -46.36 0.96
CA ILE A 649 4.03 -47.49 1.11
C ILE A 649 3.69 -48.08 -0.25
N ALA A 650 3.39 -47.22 -1.23
CA ALA A 650 3.00 -47.72 -2.55
C ALA A 650 4.14 -48.47 -3.22
N ARG A 651 5.36 -47.95 -3.13
CA ARG A 651 6.49 -48.60 -3.79
C ARG A 651 6.83 -49.93 -3.13
N ILE A 652 6.74 -50.00 -1.80
CA ILE A 652 7.03 -51.25 -1.09
C ILE A 652 6.02 -52.33 -1.48
N PHE A 653 4.74 -51.98 -1.48
CA PHE A 653 3.70 -52.91 -1.90
C PHE A 653 3.61 -53.06 -3.41
N GLY A 654 4.29 -52.21 -4.16
CA GLY A 654 4.35 -52.30 -5.61
C GLY A 654 5.47 -53.16 -6.15
N GLY A 655 6.18 -53.87 -5.28
CA GLY A 655 7.28 -54.72 -5.70
C GLY A 655 6.84 -56.12 -6.06
N ALA A 656 5.53 -56.30 -6.30
CA ALA A 656 5.02 -57.62 -6.68
C ALA A 656 5.62 -58.08 -8.00
N ARG A 657 5.79 -57.16 -8.95
CA ARG A 657 6.41 -57.52 -10.22
C ARG A 657 7.85 -57.98 -10.02
N GLU A 658 8.59 -57.30 -9.14
CA GLU A 658 9.95 -57.70 -8.81
C GLU A 658 9.90 -58.79 -7.74
N GLY A 659 11.06 -59.13 -7.17
CA GLY A 659 11.09 -60.15 -6.14
C GLY A 659 12.43 -60.31 -5.47
N ALA A 660 12.42 -60.49 -4.14
CA ALA A 660 13.61 -60.77 -3.34
C ALA A 660 14.65 -59.66 -3.41
N GLN A 661 14.23 -58.44 -3.75
CA GLN A 661 15.14 -57.30 -3.82
C GLN A 661 14.60 -56.15 -3.01
N ARG A 662 15.51 -55.33 -2.48
CA ARG A 662 15.15 -54.19 -1.67
C ARG A 662 15.14 -52.94 -2.51
N PRO A 663 14.02 -52.24 -2.65
CA PRO A 663 14.01 -51.00 -3.43
C PRO A 663 14.88 -49.94 -2.78
N ARG A 664 15.41 -49.04 -3.61
CA ARG A 664 16.28 -47.98 -3.13
C ARG A 664 15.45 -46.82 -2.59
N PHE A 665 16.13 -45.94 -1.87
CA PHE A 665 15.61 -44.69 -1.30
C PHE A 665 14.59 -44.90 -0.19
N ILE A 666 14.29 -46.13 0.18
CA ILE A 666 13.34 -46.43 1.26
C ILE A 666 14.17 -46.79 2.50
N SER A 667 14.42 -45.78 3.33
CA SER A 667 15.17 -45.95 4.56
C SER A 667 14.84 -44.78 5.48
N PRO A 668 14.93 -44.96 6.80
CA PRO A 668 14.66 -43.82 7.70
C PRO A 668 15.57 -42.63 7.46
N ALA A 669 16.85 -42.88 7.15
CA ALA A 669 17.77 -41.79 6.87
C ALA A 669 17.52 -41.17 5.49
N SER A 670 17.24 -42.00 4.49
CA SER A 670 17.06 -41.48 3.14
C SER A 670 15.72 -40.77 2.97
N GLN A 671 14.68 -41.23 3.68
CA GLN A 671 13.37 -40.60 3.55
C GLN A 671 13.37 -39.17 4.09
N VAL A 672 14.14 -38.91 5.15
CA VAL A 672 14.23 -37.54 5.67
C VAL A 672 14.90 -36.63 4.64
N ALA A 673 15.96 -37.12 3.99
CA ALA A 673 16.65 -36.32 2.99
C ALA A 673 15.75 -36.04 1.79
N ILE A 674 15.01 -37.07 1.32
CA ILE A 674 14.15 -36.87 0.16
C ILE A 674 12.94 -36.02 0.54
N CYS A 675 12.55 -36.01 1.81
CA CYS A 675 11.47 -35.14 2.25
C CYS A 675 11.87 -33.67 2.16
N LEU A 676 13.11 -33.36 2.54
CA LEU A 676 13.59 -31.98 2.48
C LEU A 676 13.85 -31.52 1.06
N ALA A 677 14.01 -32.45 0.12
CA ALA A 677 14.22 -32.08 -1.28
C ALA A 677 12.99 -31.36 -1.84
N LEU A 678 11.80 -31.87 -1.54
CA LEU A 678 10.57 -31.21 -1.98
C LEU A 678 10.36 -29.89 -1.24
N ILE A 679 10.73 -29.84 0.04
CA ILE A 679 10.61 -28.60 0.81
C ILE A 679 11.55 -27.53 0.23
N SER A 680 12.80 -27.91 -0.06
CA SER A 680 13.76 -26.95 -0.57
C SER A 680 13.38 -26.40 -1.94
N GLY A 681 12.56 -27.14 -2.71
CA GLY A 681 12.09 -26.62 -3.97
C GLY A 681 11.24 -25.36 -3.80
N GLN A 682 10.40 -25.35 -2.77
CA GLN A 682 9.59 -24.16 -2.49
C GLN A 682 10.45 -22.98 -2.06
N LEU A 683 11.52 -23.24 -1.29
CA LEU A 683 12.38 -22.16 -0.84
C LEU A 683 13.02 -21.44 -2.02
N LEU A 684 13.44 -22.19 -3.05
CA LEU A 684 14.08 -21.57 -4.20
C LEU A 684 13.13 -20.63 -4.92
N ILE A 685 11.85 -21.01 -5.03
CA ILE A 685 10.86 -20.14 -5.67
C ILE A 685 10.67 -18.86 -4.86
N VAL A 686 10.56 -18.99 -3.54
CA VAL A 686 10.34 -17.81 -2.69
C VAL A 686 11.59 -16.94 -2.65
N VAL A 687 12.77 -17.55 -2.53
CA VAL A 687 14.01 -16.78 -2.47
C VAL A 687 14.24 -16.03 -3.77
N ALA A 688 14.00 -16.68 -4.91
CA ALA A 688 14.18 -16.01 -6.19
C ALA A 688 13.23 -14.82 -6.33
N TRP A 689 11.97 -15.00 -5.91
CA TRP A 689 11.02 -13.89 -5.93
C TRP A 689 11.43 -12.80 -4.95
N LEU A 690 11.95 -13.19 -3.78
CA LEU A 690 12.36 -12.21 -2.78
C LEU A 690 13.52 -11.37 -3.30
N VAL A 691 14.46 -11.99 -4.02
CA VAL A 691 15.59 -11.24 -4.58
C VAL A 691 15.09 -10.24 -5.62
N VAL A 692 14.16 -10.65 -6.48
CA VAL A 692 13.61 -9.75 -7.48
C VAL A 692 12.88 -8.58 -6.83
N GLU A 693 12.07 -8.87 -5.82
CA GLU A 693 11.35 -7.83 -5.09
C GLU A 693 12.27 -7.20 -4.05
N ALA A 694 11.71 -6.34 -3.19
CA ALA A 694 12.48 -5.68 -2.15
C ALA A 694 11.70 -5.74 -0.85
N PRO A 695 12.30 -6.24 0.23
CA PRO A 695 11.61 -6.26 1.53
C PRO A 695 11.78 -4.94 2.24
N GLY A 696 10.66 -4.27 2.51
CA GLY A 696 10.73 -2.98 3.17
C GLY A 696 9.34 -2.49 3.55
N THR A 697 9.29 -1.23 3.98
CA THR A 697 8.05 -0.60 4.41
C THR A 697 7.51 0.27 3.29
N GLY A 698 6.30 -0.06 2.83
CA GLY A 698 5.64 0.73 1.80
C GLY A 698 4.34 1.33 2.27
N LYS A 699 4.33 1.82 3.51
CA LYS A 699 3.11 2.37 4.10
C LYS A 699 2.63 3.59 3.31
N GLU A 700 1.33 3.63 3.04
CA GLU A 700 0.72 4.73 2.30
C GLU A 700 -0.45 5.28 3.09
N THR A 701 -0.79 6.54 2.81
CA THR A 701 -1.88 7.23 3.49
C THR A 701 -3.14 7.14 2.64
N ALA A 702 -4.24 6.74 3.26
CA ALA A 702 -5.50 6.62 2.54
C ALA A 702 -6.01 8.01 2.14
N PRO A 703 -6.65 8.14 0.98
CA PRO A 703 -7.17 9.45 0.57
C PRO A 703 -8.27 9.99 1.47
N GLU A 704 -8.92 9.13 2.26
CA GLU A 704 -9.99 9.58 3.15
C GLU A 704 -9.48 10.40 4.32
N ARG A 705 -8.16 10.41 4.56
CA ARG A 705 -7.56 11.16 5.66
C ARG A 705 -8.12 10.74 7.02
N ARG A 706 -8.46 9.46 7.16
CA ARG A 706 -9.00 8.93 8.40
C ARG A 706 -8.73 7.44 8.44
N GLU A 707 -8.31 6.96 9.62
CA GLU A 707 -7.99 5.55 9.83
C GLU A 707 -6.92 5.07 8.83
N VAL A 708 -5.73 5.67 8.95
CA VAL A 708 -4.63 5.33 8.06
C VAL A 708 -4.22 3.88 8.28
N VAL A 709 -3.93 3.18 7.18
CA VAL A 709 -3.57 1.78 7.23
C VAL A 709 -2.21 1.62 7.90
N THR A 710 -1.89 0.40 8.32
CA THR A 710 -0.64 0.12 9.01
C THR A 710 0.51 0.03 8.01
N LEU A 711 1.68 -0.39 8.49
CA LEU A 711 2.86 -0.54 7.65
C LEU A 711 2.68 -1.75 6.75
N ARG A 712 2.42 -1.50 5.47
CA ARG A 712 2.17 -2.56 4.50
C ARG A 712 3.35 -2.68 3.55
N CYS A 713 3.78 -3.92 3.31
CA CYS A 713 4.93 -4.16 2.42
C CYS A 713 4.52 -4.13 0.95
N ASN A 714 3.65 -5.04 0.56
CA ASN A 714 3.32 -5.25 -0.85
C ASN A 714 2.00 -6.00 -0.92
N HIS A 715 1.54 -6.23 -2.14
CA HIS A 715 0.33 -7.00 -2.35
C HIS A 715 0.54 -8.45 -1.95
N ARG A 716 -0.48 -9.03 -1.32
CA ARG A 716 -0.46 -10.42 -0.89
C ARG A 716 -1.06 -11.36 -1.93
N ASP A 717 -1.44 -10.85 -3.10
CA ASP A 717 -2.11 -11.66 -4.11
C ASP A 717 -1.12 -12.23 -5.13
N ALA A 718 -0.39 -11.35 -5.82
CA ALA A 718 0.50 -11.78 -6.90
C ALA A 718 1.93 -12.03 -6.46
N SER A 719 2.42 -11.30 -5.45
CA SER A 719 3.77 -11.51 -4.98
C SER A 719 3.95 -12.81 -4.21
N MET A 720 2.86 -13.49 -3.87
CA MET A 720 2.92 -14.71 -3.08
C MET A 720 2.21 -15.87 -3.75
N LEU A 721 1.66 -15.67 -4.95
CA LEU A 721 0.96 -16.73 -5.66
C LEU A 721 1.88 -17.88 -6.06
N GLY A 722 3.20 -17.64 -6.10
CA GLY A 722 4.11 -18.71 -6.49
C GLY A 722 4.08 -19.90 -5.53
N SER A 723 3.95 -19.63 -4.24
CA SER A 723 3.86 -20.72 -3.27
C SER A 723 2.58 -21.53 -3.47
N LEU A 724 1.47 -20.85 -3.79
CA LEU A 724 0.21 -21.55 -4.02
C LEU A 724 0.30 -22.49 -5.21
N ALA A 725 0.92 -22.03 -6.30
CA ALA A 725 1.01 -22.86 -7.49
C ALA A 725 1.83 -24.12 -7.25
N TYR A 726 2.94 -23.99 -6.52
CA TYR A 726 3.78 -25.15 -6.24
C TYR A 726 3.05 -26.16 -5.34
N ASN A 727 2.33 -25.66 -4.32
CA ASN A 727 1.64 -26.55 -3.41
C ASN A 727 0.52 -27.31 -4.11
N VAL A 728 -0.22 -26.64 -5.00
CA VAL A 728 -1.33 -27.29 -5.69
C VAL A 728 -0.82 -28.44 -6.56
N LEU A 729 0.34 -28.26 -7.19
CA LEU A 729 0.88 -29.29 -8.07
C LEU A 729 1.16 -30.59 -7.31
N LEU A 730 1.74 -30.49 -6.11
CA LEU A 730 2.04 -31.69 -5.34
C LEU A 730 0.82 -32.25 -4.63
N ILE A 731 -0.23 -31.46 -4.45
CA ILE A 731 -1.47 -31.98 -3.86
C ILE A 731 -2.09 -33.03 -4.78
N ALA A 732 -2.12 -32.75 -6.09
CA ALA A 732 -2.63 -33.74 -7.04
C ALA A 732 -1.78 -35.00 -7.04
N LEU A 733 -0.46 -34.85 -6.93
CA LEU A 733 0.41 -36.02 -6.85
C LEU A 733 0.12 -36.84 -5.60
N CYS A 734 -0.11 -36.17 -4.46
CA CYS A 734 -0.46 -36.89 -3.24
C CYS A 734 -1.79 -37.61 -3.40
N THR A 735 -2.78 -36.94 -3.99
CA THR A 735 -4.07 -37.59 -4.24
C THR A 735 -3.93 -38.75 -5.21
N LEU A 736 -3.17 -38.56 -6.28
CA LEU A 736 -2.96 -39.63 -7.26
C LEU A 736 -2.25 -40.82 -6.63
N TYR A 737 -1.24 -40.56 -5.80
CA TYR A 737 -0.52 -41.63 -5.13
C TYR A 737 -1.40 -42.32 -4.09
N ALA A 738 -2.37 -41.60 -3.52
CA ALA A 738 -3.29 -42.19 -2.56
C ALA A 738 -4.33 -43.10 -3.23
N PHE A 739 -4.47 -43.02 -4.55
CA PHE A 739 -5.41 -43.89 -5.25
C PHE A 739 -4.93 -45.33 -5.32
N LYS A 740 -3.64 -45.57 -5.09
CA LYS A 740 -3.09 -46.91 -5.09
C LYS A 740 -2.83 -47.45 -3.70
N THR A 741 -2.91 -46.62 -2.67
CA THR A 741 -2.68 -47.04 -1.29
C THR A 741 -3.93 -47.67 -0.67
N ARG A 742 -5.08 -47.58 -1.35
CA ARG A 742 -6.31 -48.13 -0.79
C ARG A 742 -6.21 -49.64 -0.57
N LYS A 743 -5.55 -50.34 -1.48
CA LYS A 743 -5.37 -51.79 -1.37
C LYS A 743 -4.19 -52.09 -0.45
N CYS A 744 -4.39 -51.80 0.83
CA CYS A 744 -3.41 -52.03 1.87
C CYS A 744 -4.07 -52.66 3.07
N PRO A 745 -3.32 -53.42 3.88
CA PRO A 745 -3.93 -54.11 5.02
C PRO A 745 -4.34 -53.19 6.16
N GLU A 746 -5.36 -52.36 5.92
CA GLU A 746 -6.01 -51.57 6.95
C GLU A 746 -5.07 -50.56 7.60
N ASN A 747 -4.08 -51.05 8.35
CA ASN A 747 -3.17 -50.16 9.07
C ASN A 747 -2.35 -49.31 8.11
N PHE A 748 -1.87 -49.90 7.03
CA PHE A 748 -1.15 -49.15 6.01
C PHE A 748 -2.08 -48.46 5.02
N ASN A 749 -3.39 -48.67 5.13
CA ASN A 749 -4.37 -48.05 4.25
C ASN A 749 -4.92 -46.81 4.93
N GLU A 750 -4.48 -45.63 4.49
CA GLU A 750 -4.97 -44.37 4.99
C GLU A 750 -5.53 -43.50 3.88
N ALA A 751 -5.92 -44.11 2.76
CA ALA A 751 -6.43 -43.33 1.63
C ALA A 751 -7.76 -42.65 1.97
N LYS A 752 -8.57 -43.26 2.83
CA LYS A 752 -9.82 -42.62 3.24
C LYS A 752 -9.56 -41.33 3.99
N PHE A 753 -8.58 -41.33 4.90
CA PHE A 753 -8.27 -40.12 5.64
C PHE A 753 -7.52 -39.11 4.78
N ILE A 754 -6.66 -39.59 3.89
CA ILE A 754 -5.93 -38.69 3.00
C ILE A 754 -6.89 -37.98 2.05
N GLY A 755 -7.88 -38.71 1.52
CA GLY A 755 -8.85 -38.10 0.63
C GLY A 755 -9.64 -36.99 1.30
N PHE A 756 -10.04 -37.21 2.55
CA PHE A 756 -10.76 -36.16 3.29
C PHE A 756 -9.88 -34.94 3.51
N THR A 757 -8.60 -35.16 3.85
CA THR A 757 -7.68 -34.03 4.05
C THR A 757 -7.47 -33.27 2.75
N MET A 758 -7.30 -34.00 1.64
CA MET A 758 -7.11 -33.35 0.34
C MET A 758 -8.38 -32.67 -0.16
N TYR A 759 -9.53 -33.00 0.39
CA TYR A 759 -10.79 -32.37 0.01
C TYR A 759 -11.21 -31.25 0.96
N THR A 760 -11.08 -31.47 2.27
CA THR A 760 -11.45 -30.42 3.23
C THR A 760 -10.57 -29.19 3.05
N THR A 761 -9.26 -29.39 2.88
CA THR A 761 -8.36 -28.26 2.70
C THR A 761 -8.69 -27.49 1.43
N CYS A 762 -8.97 -28.20 0.34
CA CYS A 762 -9.31 -27.53 -0.91
C CYS A 762 -10.62 -26.75 -0.78
N ILE A 763 -11.61 -27.32 -0.09
CA ILE A 763 -12.87 -26.62 0.11
C ILE A 763 -12.67 -25.35 0.91
N ILE A 764 -11.82 -25.41 1.95
CA ILE A 764 -11.54 -24.23 2.75
C ILE A 764 -10.93 -23.12 1.90
N TRP A 765 -9.95 -23.47 1.06
CA TRP A 765 -9.30 -22.46 0.24
C TRP A 765 -10.16 -22.05 -0.96
N LEU A 766 -10.96 -22.97 -1.50
CA LEU A 766 -11.85 -22.60 -2.60
C LEU A 766 -12.90 -21.60 -2.13
N ALA A 767 -13.46 -21.82 -0.94
CA ALA A 767 -14.44 -20.89 -0.37
C ALA A 767 -13.79 -19.66 0.23
N PHE A 768 -12.46 -19.65 0.37
CA PHE A 768 -11.77 -18.50 0.93
C PHE A 768 -11.65 -17.34 -0.05
N LEU A 769 -11.78 -17.61 -1.35
CA LEU A 769 -11.65 -16.53 -2.35
C LEU A 769 -12.70 -15.45 -2.17
N PRO A 770 -14.00 -15.75 -2.02
CA PRO A 770 -14.96 -14.65 -1.75
C PRO A 770 -14.64 -13.88 -0.49
N ILE A 771 -14.16 -14.55 0.57
CA ILE A 771 -13.92 -13.86 1.84
C ILE A 771 -12.83 -12.81 1.68
N PHE A 772 -11.73 -13.16 1.00
CA PHE A 772 -10.63 -12.22 0.86
C PHE A 772 -10.97 -11.11 -0.12
N TYR A 773 -11.77 -11.39 -1.15
CA TYR A 773 -12.09 -10.42 -2.19
C TYR A 773 -13.33 -9.59 -1.87
N VAL A 774 -13.93 -9.77 -0.69
CA VAL A 774 -15.07 -8.97 -0.25
C VAL A 774 -14.66 -8.04 0.89
N THR A 775 -14.11 -8.58 1.97
CA THR A 775 -13.67 -7.79 3.11
C THR A 775 -12.27 -7.26 2.82
N SER A 776 -12.20 -6.31 1.90
CA SER A 776 -10.93 -5.71 1.49
C SER A 776 -10.86 -4.23 1.84
N SER A 777 -11.73 -3.76 2.73
CA SER A 777 -11.74 -2.36 3.16
C SER A 777 -11.01 -2.15 4.48
N ASP A 778 -11.38 -2.91 5.50
CA ASP A 778 -10.72 -2.83 6.81
C ASP A 778 -9.64 -3.90 6.90
N TYR A 779 -8.39 -3.45 7.07
CA TYR A 779 -7.26 -4.38 7.03
C TYR A 779 -7.22 -5.27 8.27
N ARG A 780 -7.65 -4.76 9.42
CA ARG A 780 -7.60 -5.56 10.65
C ARG A 780 -8.49 -6.79 10.57
N VAL A 781 -9.52 -6.75 9.72
CA VAL A 781 -10.41 -7.90 9.57
C VAL A 781 -9.92 -8.84 8.48
N GLN A 782 -9.37 -8.29 7.38
CA GLN A 782 -8.84 -9.14 6.33
C GLN A 782 -7.68 -9.99 6.83
N THR A 783 -6.83 -9.42 7.68
CA THR A 783 -5.70 -10.17 8.23
C THR A 783 -6.18 -11.25 9.19
N THR A 784 -7.32 -11.03 9.85
CA THR A 784 -7.89 -12.07 10.71
C THR A 784 -8.21 -13.32 9.91
N THR A 785 -8.60 -13.16 8.64
CA THR A 785 -8.86 -14.32 7.79
C THR A 785 -7.59 -15.14 7.55
N MET A 786 -6.42 -14.48 7.55
CA MET A 786 -5.17 -15.20 7.39
C MET A 786 -4.93 -16.18 8.54
N CYS A 787 -5.22 -15.75 9.77
CA CYS A 787 -4.88 -16.52 10.96
C CYS A 787 -5.90 -17.58 11.33
N VAL A 788 -7.07 -17.58 10.69
CA VAL A 788 -8.13 -18.53 11.00
C VAL A 788 -8.15 -19.69 10.01
N SER A 789 -8.05 -19.38 8.71
CA SER A 789 -8.03 -20.44 7.70
C SER A 789 -6.79 -21.31 7.82
N VAL A 790 -5.64 -20.69 8.10
CA VAL A 790 -4.41 -21.46 8.28
C VAL A 790 -4.54 -22.40 9.48
N SER A 791 -5.11 -21.90 10.58
CA SER A 791 -5.30 -22.75 11.76
C SER A 791 -6.26 -23.90 11.46
N LEU A 792 -7.32 -23.63 10.70
CA LEU A 792 -8.26 -24.68 10.34
C LEU A 792 -7.60 -25.73 9.46
N SER A 793 -6.74 -25.31 8.53
CA SER A 793 -6.05 -26.26 7.67
C SER A 793 -5.14 -27.17 8.48
N GLY A 794 -4.44 -26.62 9.46
CA GLY A 794 -3.58 -27.44 10.30
C GLY A 794 -4.36 -28.41 11.16
N SER A 795 -5.52 -27.98 11.67
CA SER A 795 -6.34 -28.87 12.49
C SER A 795 -6.90 -30.03 11.67
N VAL A 796 -7.26 -29.78 10.42
CA VAL A 796 -7.80 -30.84 9.57
C VAL A 796 -6.76 -31.92 9.33
N VAL A 797 -5.51 -31.52 9.06
CA VAL A 797 -4.46 -32.49 8.79
C VAL A 797 -4.22 -33.36 10.03
N LEU A 798 -4.14 -32.73 11.20
CA LEU A 798 -3.93 -33.48 12.43
C LEU A 798 -5.15 -34.31 12.79
N GLY A 799 -6.35 -33.73 12.64
CA GLY A 799 -7.56 -34.43 13.04
C GLY A 799 -7.86 -35.64 12.17
N CYS A 800 -7.64 -35.52 10.86
CA CYS A 800 -8.01 -36.60 9.96
C CYS A 800 -7.05 -37.78 10.01
N LEU A 801 -5.76 -37.54 10.27
CA LEU A 801 -4.76 -38.58 10.23
C LEU A 801 -4.30 -39.04 11.61
N PHE A 802 -3.87 -38.11 12.46
CA PHE A 802 -3.27 -38.49 13.74
C PHE A 802 -4.32 -38.95 14.74
N ALA A 803 -5.50 -38.31 14.74
CA ALA A 803 -6.53 -38.68 15.70
C ALA A 803 -6.99 -40.12 15.57
N PRO A 804 -7.30 -40.65 14.37
CA PRO A 804 -7.67 -42.07 14.30
C PRO A 804 -6.58 -43.00 14.80
N LYS A 805 -5.31 -42.67 14.54
CA LYS A 805 -4.22 -43.48 15.06
C LYS A 805 -4.09 -43.33 16.57
N LEU A 806 -4.29 -42.11 17.08
CA LEU A 806 -4.22 -41.88 18.52
C LEU A 806 -5.37 -42.55 19.26
N HIS A 807 -6.49 -42.78 18.56
CA HIS A 807 -7.64 -43.41 19.21
C HIS A 807 -7.31 -44.83 19.65
N ILE A 808 -6.60 -45.59 18.80
CA ILE A 808 -6.22 -46.95 19.15
C ILE A 808 -5.17 -46.94 20.27
N ILE A 809 -4.25 -45.98 20.23
CA ILE A 809 -3.15 -45.96 21.20
C ILE A 809 -3.67 -45.69 22.61
N LEU A 810 -4.57 -44.73 22.77
CA LEU A 810 -5.02 -44.29 24.09
C LEU A 810 -6.46 -44.66 24.40
N PHE A 811 -7.40 -44.35 23.50
CA PHE A 811 -8.81 -44.54 23.81
C PHE A 811 -9.18 -46.00 23.86
N GLN A 812 -8.67 -46.82 22.94
CA GLN A 812 -8.97 -48.25 22.88
C GLN A 812 -7.68 -49.05 22.82
N PRO A 813 -7.00 -49.20 23.97
CA PRO A 813 -5.75 -49.99 23.97
C PRO A 813 -5.98 -51.47 23.76
N GLN A 814 -4.91 -52.25 23.88
CA GLN A 814 -4.91 -53.71 23.89
C GLN A 814 -5.21 -54.34 22.54
N LYS A 815 -5.23 -53.56 21.46
CA LYS A 815 -5.35 -54.16 20.13
C LYS A 815 -3.99 -54.39 19.51
N ASN A 816 -3.24 -53.32 19.27
CA ASN A 816 -1.84 -53.36 18.81
C ASN A 816 -1.62 -54.44 17.77
N VAL A 817 -2.40 -54.39 16.69
CA VAL A 817 -2.30 -55.36 15.60
C VAL A 817 -2.00 -54.61 14.31
N VAL A 818 -0.89 -54.97 13.67
CA VAL A 818 -0.56 -54.51 12.32
C VAL A 818 -0.19 -55.75 11.49
N SER A 819 -0.73 -55.82 10.28
CA SER A 819 -0.58 -57.01 9.46
C SER A 819 0.06 -56.66 8.12
N HIS A 820 0.71 -57.66 7.52
CA HIS A 820 1.34 -57.52 6.22
C HIS A 820 0.29 -57.72 5.12
N ARG A 821 0.74 -57.84 3.88
CA ARG A 821 -0.14 -58.11 2.75
C ARG A 821 -0.53 -59.60 2.81
N ALA A 822 -1.44 -59.90 3.73
CA ALA A 822 -1.88 -61.27 3.95
C ALA A 822 -3.03 -61.61 3.02
N PRO A 823 -2.88 -62.60 2.12
CA PRO A 823 -3.99 -62.99 1.24
C PRO A 823 -4.85 -64.10 1.79
N THR A 824 -4.47 -64.73 2.90
CA THR A 824 -5.25 -65.82 3.47
C THR A 824 -5.69 -65.47 4.89
N ASN B 39 -15.43 97.30 -8.22
CA ASN B 39 -15.58 97.41 -9.66
C ASN B 39 -17.01 97.13 -10.09
N SER B 40 -17.62 98.09 -10.78
CA SER B 40 -19.00 97.97 -11.25
C SER B 40 -19.10 98.44 -12.69
N ILE B 41 -20.10 97.92 -13.39
CA ILE B 41 -20.33 98.23 -14.80
C ILE B 41 -21.70 98.89 -14.91
N ARG B 42 -22.05 99.71 -13.93
CA ARG B 42 -23.37 100.32 -13.87
C ARG B 42 -23.68 101.10 -15.14
N ILE B 43 -24.90 100.91 -15.66
CA ILE B 43 -25.42 101.69 -16.77
C ILE B 43 -26.54 102.58 -16.24
N ASP B 44 -26.47 103.87 -16.57
CA ASP B 44 -27.51 104.80 -16.15
C ASP B 44 -28.83 104.45 -16.84
N GLY B 45 -29.91 104.49 -16.07
CA GLY B 45 -31.22 104.16 -16.61
C GLY B 45 -32.31 104.52 -15.63
N ASP B 46 -33.55 104.40 -16.11
CA ASP B 46 -34.70 104.70 -15.26
C ASP B 46 -34.78 103.74 -14.08
N ILE B 47 -34.57 102.44 -14.34
CA ILE B 47 -34.53 101.42 -13.30
C ILE B 47 -33.34 100.52 -13.57
N THR B 48 -32.65 100.13 -12.50
CA THR B 48 -31.45 99.31 -12.59
C THR B 48 -31.77 97.86 -12.29
N LEU B 49 -31.03 96.96 -12.94
CA LEU B 49 -31.20 95.52 -12.79
C LEU B 49 -29.95 94.93 -12.18
N GLY B 50 -30.09 94.31 -11.01
CA GLY B 50 -28.95 93.67 -10.37
C GLY B 50 -28.52 92.42 -11.11
N GLY B 51 -27.23 92.08 -10.97
CA GLY B 51 -26.69 90.90 -11.61
C GLY B 51 -25.43 90.45 -10.91
N LEU B 52 -25.22 89.13 -10.90
CA LEU B 52 -24.03 88.53 -10.32
C LEU B 52 -23.46 87.54 -11.32
N PHE B 53 -22.24 87.79 -11.77
CA PHE B 53 -21.58 86.93 -12.75
C PHE B 53 -20.18 86.60 -12.27
N PRO B 54 -19.77 85.34 -12.31
CA PRO B 54 -18.42 84.96 -11.87
C PRO B 54 -17.37 85.11 -12.97
N VAL B 55 -17.01 86.36 -13.26
CA VAL B 55 -15.99 86.61 -14.27
C VAL B 55 -14.62 86.12 -13.81
N HIS B 56 -14.42 85.95 -12.51
CA HIS B 56 -13.19 85.42 -11.95
C HIS B 56 -13.46 84.05 -11.34
N GLY B 57 -12.43 83.49 -10.70
CA GLY B 57 -12.53 82.19 -10.08
C GLY B 57 -12.10 82.25 -8.62
N ARG B 58 -12.30 81.13 -7.93
CA ARG B 58 -11.90 81.03 -6.54
C ARG B 58 -10.38 81.08 -6.41
N GLY B 59 -9.90 81.86 -5.45
CA GLY B 59 -8.47 82.06 -5.25
C GLY B 59 -7.97 81.30 -4.03
N SER B 60 -6.81 80.67 -4.20
CA SER B 60 -6.18 79.95 -3.11
C SER B 60 -5.59 80.91 -2.09
N GLU B 61 -5.27 80.38 -0.91
CA GLU B 61 -4.68 81.15 0.18
C GLU B 61 -5.59 82.29 0.61
N GLY B 62 -5.01 83.35 1.17
CA GLY B 62 -5.80 84.47 1.66
C GLY B 62 -6.45 85.29 0.56
N LYS B 63 -5.98 85.16 -0.67
CA LYS B 63 -6.56 85.91 -1.78
C LYS B 63 -7.98 85.41 -2.06
N PRO B 64 -8.99 86.29 -2.07
CA PRO B 64 -10.36 85.87 -2.32
C PRO B 64 -10.74 85.74 -3.78
N CYS B 65 -9.82 86.02 -4.71
CA CYS B 65 -10.09 85.92 -6.13
C CYS B 65 -8.96 85.17 -6.82
N GLY B 66 -9.31 84.44 -7.87
CA GLY B 66 -8.34 83.62 -8.56
C GLY B 66 -8.13 83.98 -10.02
N GLU B 67 -7.90 82.96 -10.84
CA GLU B 67 -7.61 83.17 -12.26
C GLU B 67 -8.90 83.44 -13.02
N LEU B 68 -8.79 84.33 -14.02
CA LEU B 68 -9.97 84.78 -14.75
C LEU B 68 -10.62 83.65 -15.52
N LYS B 69 -11.94 83.52 -15.36
CA LYS B 69 -12.73 82.48 -16.01
C LYS B 69 -13.28 83.02 -17.32
N LYS B 70 -12.85 82.43 -18.44
CA LYS B 70 -13.34 82.88 -19.74
C LYS B 70 -14.77 82.41 -19.99
N GLU B 71 -15.04 81.12 -19.80
CA GLU B 71 -16.33 80.55 -20.17
C GLU B 71 -17.43 81.05 -19.23
N LYS B 72 -17.31 80.74 -17.94
CA LYS B 72 -18.21 81.28 -16.95
C LYS B 72 -17.85 82.74 -16.67
N GLY B 73 -18.86 83.58 -16.60
CA GLY B 73 -18.59 85.00 -16.39
C GLY B 73 -18.67 85.85 -17.64
N ILE B 74 -17.51 86.12 -18.24
CA ILE B 74 -17.40 87.14 -19.28
C ILE B 74 -18.31 86.81 -20.47
N HIS B 75 -18.31 85.56 -20.92
CA HIS B 75 -19.22 85.18 -22.00
C HIS B 75 -20.68 85.34 -21.59
N ARG B 76 -20.98 85.24 -20.30
CA ARG B 76 -22.32 85.53 -19.81
C ARG B 76 -22.46 86.97 -19.32
N LEU B 77 -21.35 87.66 -19.05
CA LEU B 77 -21.43 89.04 -18.59
C LEU B 77 -21.98 89.95 -19.70
N GLU B 78 -21.42 89.86 -20.89
CA GLU B 78 -21.90 90.68 -22.00
C GLU B 78 -23.20 90.15 -22.59
N ALA B 79 -23.58 88.91 -22.31
CA ALA B 79 -24.85 88.39 -22.80
C ALA B 79 -26.01 89.16 -22.20
N MET B 80 -25.98 89.40 -20.89
CA MET B 80 -27.01 90.22 -20.26
C MET B 80 -26.92 91.67 -20.76
N LEU B 81 -25.70 92.18 -20.94
CA LEU B 81 -25.55 93.52 -21.50
C LEU B 81 -26.09 93.58 -22.92
N PHE B 82 -25.83 92.55 -23.73
CA PHE B 82 -26.43 92.47 -25.05
C PHE B 82 -27.95 92.36 -24.95
N ALA B 83 -28.44 91.55 -24.00
CA ALA B 83 -29.88 91.45 -23.78
C ALA B 83 -30.46 92.78 -23.31
N LEU B 84 -29.75 93.46 -22.40
CA LEU B 84 -30.20 94.78 -21.95
C LEU B 84 -30.12 95.82 -23.05
N ASP B 85 -29.22 95.64 -24.01
CA ASP B 85 -29.12 96.55 -25.15
C ASP B 85 -30.13 96.25 -26.24
N ARG B 86 -30.86 95.14 -26.13
CA ARG B 86 -31.90 94.79 -27.10
C ARG B 86 -33.30 95.11 -26.62
N ILE B 87 -33.56 95.02 -25.31
CA ILE B 87 -34.86 95.40 -24.78
C ILE B 87 -35.06 96.91 -24.90
N ASN B 88 -33.98 97.68 -24.69
CA ASN B 88 -34.05 99.13 -24.77
C ASN B 88 -34.14 99.64 -26.21
N ASN B 89 -33.96 98.77 -27.20
CA ASN B 89 -33.99 99.20 -28.60
C ASN B 89 -35.40 99.11 -29.17
N ASP B 90 -36.01 97.93 -29.14
CA ASP B 90 -37.36 97.77 -29.67
C ASP B 90 -38.37 98.51 -28.79
N PRO B 91 -39.42 99.07 -29.40
CA PRO B 91 -40.44 99.80 -28.62
C PRO B 91 -41.60 98.94 -28.15
N ASP B 92 -41.60 97.64 -28.46
CA ASP B 92 -42.69 96.77 -28.04
C ASP B 92 -42.53 96.26 -26.60
N LEU B 93 -41.36 96.43 -26.00
CA LEU B 93 -41.11 95.99 -24.64
C LEU B 93 -40.60 97.17 -23.83
N LEU B 94 -41.39 97.58 -22.83
CA LEU B 94 -41.11 98.73 -21.97
C LEU B 94 -40.83 99.96 -22.81
N PRO B 95 -41.84 100.54 -23.46
CA PRO B 95 -41.61 101.70 -24.31
C PRO B 95 -41.18 102.91 -23.50
N ASN B 96 -40.18 103.64 -24.03
CA ASN B 96 -39.66 104.85 -23.42
C ASN B 96 -39.15 104.61 -22.00
N ILE B 97 -38.76 103.37 -21.69
CA ILE B 97 -38.22 103.00 -20.39
C ILE B 97 -36.88 102.31 -20.64
N THR B 98 -35.80 102.92 -20.18
CA THR B 98 -34.47 102.34 -20.30
C THR B 98 -34.11 101.58 -19.03
N LEU B 99 -33.46 100.43 -19.20
CA LEU B 99 -33.12 99.54 -18.11
C LEU B 99 -31.65 99.71 -17.76
N GLY B 100 -31.36 100.00 -16.49
CA GLY B 100 -30.01 100.08 -16.00
C GLY B 100 -29.49 98.73 -15.54
N ALA B 101 -28.28 98.75 -14.99
CA ALA B 101 -27.66 97.54 -14.48
C ALA B 101 -26.79 97.86 -13.28
N ARG B 102 -26.65 96.88 -12.40
CA ARG B 102 -25.80 96.97 -11.22
C ARG B 102 -25.02 95.67 -11.05
N ILE B 103 -24.46 95.19 -12.16
CA ILE B 103 -23.74 93.91 -12.15
C ILE B 103 -22.43 94.05 -11.38
N LEU B 104 -22.13 93.05 -10.56
CA LEU B 104 -20.96 93.05 -9.70
C LEU B 104 -20.11 91.82 -10.00
N ASP B 105 -19.09 91.61 -9.17
CA ASP B 105 -18.14 90.53 -9.33
C ASP B 105 -18.22 89.57 -8.15
N THR B 106 -18.31 88.28 -8.45
CA THR B 106 -18.27 87.22 -7.44
C THR B 106 -17.22 86.21 -7.86
N CYS B 107 -16.10 86.16 -7.14
CA CYS B 107 -14.98 85.33 -7.54
C CYS B 107 -15.20 83.88 -7.12
N SER B 108 -16.35 83.31 -7.47
CA SER B 108 -16.69 81.92 -7.15
C SER B 108 -16.56 81.64 -5.66
N ARG B 109 -16.74 82.67 -4.84
CA ARG B 109 -16.60 82.58 -3.39
C ARG B 109 -17.91 82.93 -2.73
N ASP B 110 -18.38 82.06 -1.83
CA ASP B 110 -19.62 82.34 -1.11
C ASP B 110 -19.47 83.56 -0.22
N THR B 111 -18.34 83.68 0.49
CA THR B 111 -18.13 84.81 1.38
C THR B 111 -18.05 86.13 0.61
N HIS B 112 -17.31 86.14 -0.50
CA HIS B 112 -17.13 87.38 -1.25
C HIS B 112 -18.42 87.83 -1.94
N ALA B 113 -19.35 86.92 -2.19
CA ALA B 113 -20.59 87.28 -2.87
C ALA B 113 -21.52 88.10 -1.98
N LEU B 114 -21.46 87.90 -0.67
CA LEU B 114 -22.35 88.63 0.24
C LEU B 114 -21.92 90.07 0.41
N GLU B 115 -20.62 90.33 0.45
CA GLU B 115 -20.12 91.69 0.61
C GLU B 115 -20.52 92.57 -0.58
N GLN B 116 -20.39 92.03 -1.80
CA GLN B 116 -20.77 92.79 -2.98
C GLN B 116 -22.26 93.06 -3.03
N SER B 117 -23.07 92.08 -2.63
CA SER B 117 -24.52 92.21 -2.68
C SER B 117 -25.05 93.28 -1.73
N LEU B 118 -24.23 93.75 -0.79
CA LEU B 118 -24.65 94.82 0.11
C LEU B 118 -24.96 96.10 -0.65
N THR B 119 -24.36 96.30 -1.83
CA THR B 119 -24.62 97.51 -2.61
C THR B 119 -26.07 97.55 -3.07
N PHE B 120 -26.69 96.39 -3.31
CA PHE B 120 -28.07 96.36 -3.76
C PHE B 120 -29.02 96.91 -2.69
N VAL B 121 -28.78 96.57 -1.43
CA VAL B 121 -29.68 96.91 -0.34
C VAL B 121 -29.05 97.93 0.60
N GLN B 122 -28.04 98.67 0.14
CA GLN B 122 -27.42 99.69 0.99
C GLN B 122 -28.42 100.80 1.32
N ALA B 123 -29.20 101.24 0.34
CA ALA B 123 -30.18 102.29 0.58
C ALA B 123 -31.35 101.79 1.44
N LEU B 124 -31.74 100.53 1.27
CA LEU B 124 -32.87 99.97 1.99
C LEU B 124 -32.48 99.35 3.33
N ILE B 125 -31.28 99.64 3.83
CA ILE B 125 -30.83 99.08 5.10
C ILE B 125 -31.60 99.70 6.26
N ARG B 147 -31.53 102.01 -5.90
CA ARG B 147 -32.47 100.95 -5.55
C ARG B 147 -32.70 100.03 -6.73
N VAL B 148 -32.42 98.75 -6.56
CA VAL B 148 -32.55 97.75 -7.61
C VAL B 148 -33.94 97.12 -7.53
N VAL B 149 -34.54 96.89 -8.69
CA VAL B 149 -35.85 96.24 -8.76
C VAL B 149 -35.71 94.72 -8.83
N GLY B 150 -34.71 94.22 -9.53
CA GLY B 150 -34.49 92.79 -9.62
C GLY B 150 -33.01 92.49 -9.72
N VAL B 151 -32.64 91.30 -9.24
CA VAL B 151 -31.25 90.87 -9.21
C VAL B 151 -31.15 89.51 -9.89
N ILE B 152 -30.20 89.37 -10.81
CA ILE B 152 -29.95 88.12 -11.51
C ILE B 152 -29.00 87.28 -10.65
N GLY B 153 -29.45 86.08 -10.28
CA GLY B 153 -28.64 85.23 -9.42
C GLY B 153 -27.39 84.72 -10.12
N ALA B 154 -26.39 84.40 -9.30
CA ALA B 154 -25.12 83.93 -9.81
C ALA B 154 -25.22 82.45 -10.22
N SER B 155 -24.22 82.01 -10.99
CA SER B 155 -24.20 80.63 -11.45
C SER B 155 -24.00 79.66 -10.29
N GLY B 156 -23.15 80.02 -9.34
CA GLY B 156 -22.85 79.15 -8.21
C GLY B 156 -24.06 78.78 -7.38
N SER B 157 -24.24 77.49 -7.12
CA SER B 157 -25.36 77.02 -6.32
C SER B 157 -25.25 77.52 -4.89
N SER B 158 -24.07 77.40 -4.27
CA SER B 158 -23.88 77.90 -2.92
C SER B 158 -23.88 79.42 -2.88
N VAL B 159 -23.35 80.07 -3.91
CA VAL B 159 -23.33 81.52 -3.95
C VAL B 159 -24.74 82.08 -4.02
N SER B 160 -25.60 81.49 -4.86
CA SER B 160 -26.96 81.99 -5.02
C SER B 160 -27.78 81.81 -3.75
N ILE B 161 -27.46 80.81 -2.94
CA ILE B 161 -28.21 80.58 -1.70
C ILE B 161 -27.99 81.74 -0.74
N MET B 162 -26.74 82.18 -0.58
CA MET B 162 -26.43 83.24 0.37
C MET B 162 -26.96 84.60 -0.11
N VAL B 163 -27.20 84.76 -1.40
CA VAL B 163 -27.83 85.98 -1.90
C VAL B 163 -29.35 85.92 -1.81
N ALA B 164 -29.93 84.72 -1.75
CA ALA B 164 -31.38 84.57 -1.70
C ALA B 164 -31.95 84.71 -0.30
N ASN B 165 -31.18 84.41 0.74
CA ASN B 165 -31.67 84.54 2.10
C ASN B 165 -31.48 85.94 2.69
N ILE B 166 -30.76 86.81 2.00
CA ILE B 166 -30.60 88.19 2.43
C ILE B 166 -31.43 89.15 1.59
N LEU B 167 -31.63 88.86 0.29
CA LEU B 167 -32.47 89.70 -0.54
C LEU B 167 -33.95 89.55 -0.22
N ARG B 168 -34.36 88.42 0.36
CA ARG B 168 -35.74 88.24 0.75
C ARG B 168 -36.12 89.11 1.95
N LEU B 169 -35.14 89.53 2.75
CA LEU B 169 -35.42 90.43 3.85
C LEU B 169 -35.93 91.78 3.35
N PHE B 170 -35.31 92.30 2.30
CA PHE B 170 -35.69 93.58 1.71
C PHE B 170 -36.59 93.41 0.49
N LYS B 171 -37.02 92.19 0.18
CA LYS B 171 -38.01 91.90 -0.86
C LYS B 171 -37.52 92.35 -2.24
N ILE B 172 -36.45 91.71 -2.70
CA ILE B 172 -35.98 91.85 -4.07
C ILE B 172 -36.09 90.49 -4.75
N PRO B 173 -36.89 90.36 -5.81
CA PRO B 173 -36.96 89.08 -6.53
C PRO B 173 -35.63 88.72 -7.16
N GLN B 174 -35.35 87.42 -7.21
CA GLN B 174 -34.10 86.90 -7.76
C GLN B 174 -34.42 85.87 -8.85
N ILE B 175 -33.75 86.00 -9.99
CA ILE B 175 -33.89 85.06 -11.09
C ILE B 175 -32.49 84.57 -11.46
N SER B 176 -32.26 83.27 -11.30
CA SER B 176 -30.98 82.66 -11.60
C SER B 176 -31.02 81.99 -12.97
N TYR B 177 -29.83 81.66 -13.46
CA TYR B 177 -29.69 81.04 -14.78
C TYR B 177 -28.86 79.76 -14.80
N ALA B 178 -27.98 79.56 -13.81
CA ALA B 178 -27.12 78.38 -13.83
C ALA B 178 -27.00 77.70 -12.46
N SER B 179 -27.92 77.99 -11.54
CA SER B 179 -27.96 77.35 -10.23
C SER B 179 -29.09 76.33 -10.24
N THR B 180 -28.76 75.08 -9.94
CA THR B 180 -29.70 73.97 -10.00
C THR B 180 -29.73 73.21 -8.68
N ALA B 181 -29.81 73.96 -7.58
CA ALA B 181 -29.84 73.33 -6.26
C ALA B 181 -31.23 72.78 -5.97
N PRO B 182 -31.37 71.48 -5.67
CA PRO B 182 -32.67 70.98 -5.23
C PRO B 182 -33.15 71.64 -3.95
N ASP B 183 -32.22 72.10 -3.10
CA ASP B 183 -32.60 72.79 -1.88
C ASP B 183 -33.31 74.10 -2.20
N LEU B 184 -32.85 74.81 -3.24
CA LEU B 184 -33.39 76.11 -3.61
C LEU B 184 -34.84 76.04 -4.11
N SER B 185 -35.44 74.86 -4.15
CA SER B 185 -36.85 74.72 -4.54
C SER B 185 -37.80 74.84 -3.36
N ASP B 186 -37.28 75.10 -2.15
CA ASP B 186 -38.10 75.22 -0.96
C ASP B 186 -38.71 76.61 -0.93
N ASN B 187 -40.04 76.69 -1.09
CA ASN B 187 -40.72 77.98 -1.10
C ASN B 187 -40.70 78.65 0.27
N SER B 188 -40.75 77.86 1.34
CA SER B 188 -40.83 78.42 2.69
C SER B 188 -39.60 79.25 3.02
N ARG B 189 -38.42 78.77 2.67
CA ARG B 189 -37.18 79.48 3.00
C ARG B 189 -36.74 80.45 1.91
N TYR B 190 -37.04 80.17 0.65
CA TYR B 190 -36.67 81.02 -0.47
C TYR B 190 -37.95 81.51 -1.14
N ASP B 191 -38.49 82.61 -0.64
CA ASP B 191 -39.74 83.14 -1.18
C ASP B 191 -39.54 83.78 -2.55
N PHE B 192 -38.48 84.57 -2.71
CA PHE B 192 -38.29 85.40 -3.89
C PHE B 192 -37.31 84.83 -4.89
N PHE B 193 -36.91 83.57 -4.73
CA PHE B 193 -35.96 82.95 -5.65
C PHE B 193 -36.71 82.31 -6.81
N SER B 194 -36.34 82.67 -8.03
CA SER B 194 -36.91 82.11 -9.23
C SER B 194 -35.80 81.50 -10.09
N ARG B 195 -36.14 80.43 -10.79
CA ARG B 195 -35.17 79.67 -11.58
C ARG B 195 -35.69 79.47 -13.00
N VAL B 196 -34.79 79.53 -13.97
CA VAL B 196 -35.12 79.32 -15.37
C VAL B 196 -34.56 78.02 -15.90
N VAL B 197 -33.99 77.19 -15.04
CA VAL B 197 -33.42 75.90 -15.45
C VAL B 197 -34.00 74.81 -14.55
N PRO B 198 -34.12 73.57 -15.04
CA PRO B 198 -34.61 72.50 -14.19
C PRO B 198 -33.64 72.16 -13.08
N SER B 199 -34.19 71.68 -11.96
CA SER B 199 -33.38 71.38 -10.79
C SER B 199 -32.54 70.13 -11.00
N ASP B 200 -31.55 69.94 -10.12
CA ASP B 200 -30.69 68.77 -10.18
C ASP B 200 -31.43 67.49 -9.82
N THR B 201 -32.55 67.59 -9.12
CA THR B 201 -33.32 66.39 -8.79
C THR B 201 -33.82 65.68 -10.04
N TYR B 202 -34.02 66.43 -11.12
CA TYR B 202 -34.36 65.80 -12.40
C TYR B 202 -33.15 65.17 -13.06
N GLN B 203 -31.96 65.74 -12.84
CA GLN B 203 -30.73 65.12 -13.35
C GLN B 203 -30.44 63.80 -12.66
N ALA B 204 -30.73 63.71 -11.35
CA ALA B 204 -30.48 62.47 -10.62
C ALA B 204 -31.29 61.32 -11.22
N GLN B 205 -32.56 61.56 -11.54
CA GLN B 205 -33.36 60.54 -12.21
C GLN B 205 -32.83 60.25 -13.61
N ALA B 206 -32.37 61.30 -14.31
CA ALA B 206 -31.88 61.11 -15.67
C ALA B 206 -30.62 60.24 -15.69
N MET B 207 -29.70 60.46 -14.73
CA MET B 207 -28.47 59.68 -14.71
C MET B 207 -28.74 58.21 -14.42
N VAL B 208 -29.70 57.92 -13.53
CA VAL B 208 -30.07 56.53 -13.28
C VAL B 208 -30.62 55.89 -14.55
N ASP B 209 -31.44 56.63 -15.30
CA ASP B 209 -31.96 56.11 -16.56
C ASP B 209 -30.83 55.87 -17.57
N ILE B 210 -29.85 56.77 -17.61
CA ILE B 210 -28.76 56.64 -18.57
C ILE B 210 -27.90 55.41 -18.25
N VAL B 211 -27.53 55.24 -16.98
CA VAL B 211 -26.67 54.11 -16.62
C VAL B 211 -27.42 52.79 -16.77
N ARG B 212 -28.73 52.77 -16.52
CA ARG B 212 -29.50 51.55 -16.71
C ARG B 212 -29.55 51.15 -18.17
N ALA B 213 -29.68 52.12 -19.07
CA ALA B 213 -29.67 51.81 -20.50
C ALA B 213 -28.31 51.30 -20.96
N LEU B 214 -27.25 51.68 -20.25
CA LEU B 214 -25.90 51.24 -20.55
C LEU B 214 -25.52 49.98 -19.77
N LYS B 215 -26.45 49.39 -19.03
CA LYS B 215 -26.26 48.17 -18.25
C LYS B 215 -25.20 48.33 -17.16
N TRP B 216 -24.87 49.57 -16.78
CA TRP B 216 -23.94 49.79 -15.69
C TRP B 216 -24.57 49.35 -14.37
N ASN B 217 -23.76 48.74 -13.52
CA ASN B 217 -24.25 48.22 -12.26
C ASN B 217 -23.47 48.70 -11.05
N TYR B 218 -22.15 48.87 -11.18
CA TYR B 218 -21.29 49.24 -10.05
C TYR B 218 -20.59 50.55 -10.42
N VAL B 219 -21.00 51.64 -9.77
CA VAL B 219 -20.43 52.96 -10.02
C VAL B 219 -20.07 53.61 -8.69
N SER B 220 -19.18 54.60 -8.76
CA SER B 220 -18.76 55.37 -7.61
C SER B 220 -19.04 56.85 -7.85
N THR B 221 -19.36 57.56 -6.77
CA THR B 221 -19.77 58.95 -6.84
C THR B 221 -18.71 59.86 -6.22
N VAL B 222 -18.42 60.96 -6.90
CA VAL B 222 -17.47 61.97 -6.42
C VAL B 222 -18.20 63.30 -6.36
N ALA B 223 -18.13 63.96 -5.21
CA ALA B 223 -18.83 65.22 -4.99
C ALA B 223 -17.87 66.25 -4.39
N SER B 224 -18.09 67.50 -4.75
CA SER B 224 -17.30 68.62 -4.23
C SER B 224 -18.04 69.29 -3.08
N GLU B 225 -17.26 69.94 -2.21
CA GLU B 225 -17.84 70.64 -1.07
C GLU B 225 -18.70 71.80 -1.53
N GLY B 226 -19.84 71.97 -0.87
CA GLY B 226 -20.77 73.03 -1.19
C GLY B 226 -22.18 72.50 -1.14
N SER B 227 -23.12 73.31 -1.64
CA SER B 227 -24.53 72.94 -1.69
C SER B 227 -24.94 72.33 -3.01
N TYR B 228 -24.00 72.16 -3.95
CA TYR B 228 -24.28 71.55 -5.23
C TYR B 228 -23.82 70.09 -5.30
N GLY B 229 -22.54 69.85 -5.00
CA GLY B 229 -22.06 68.47 -5.00
C GLY B 229 -22.67 67.63 -3.91
N GLU B 230 -22.79 68.17 -2.70
CA GLU B 230 -23.40 67.43 -1.61
C GLU B 230 -24.87 67.12 -1.88
N SER B 231 -25.61 68.10 -2.40
CA SER B 231 -27.01 67.89 -2.73
C SER B 231 -27.21 67.20 -4.07
N GLY B 232 -26.14 66.99 -4.85
CA GLY B 232 -26.25 66.31 -6.12
C GLY B 232 -26.17 64.81 -6.00
N VAL B 233 -25.11 64.32 -5.34
CA VAL B 233 -24.95 62.88 -5.16
C VAL B 233 -26.01 62.34 -4.21
N GLU B 234 -26.39 63.12 -3.20
CA GLU B 234 -27.42 62.68 -2.26
C GLU B 234 -28.74 62.43 -2.97
N ALA B 235 -29.13 63.33 -3.87
CA ALA B 235 -30.33 63.09 -4.68
C ALA B 235 -30.15 61.89 -5.59
N PHE B 236 -28.96 61.74 -6.17
CA PHE B 236 -28.70 60.60 -7.05
C PHE B 236 -28.71 59.28 -6.27
N ILE B 237 -28.13 59.26 -5.07
CA ILE B 237 -28.07 58.04 -4.28
C ILE B 237 -29.48 57.61 -3.86
N GLN B 238 -30.30 58.57 -3.41
CA GLN B 238 -31.66 58.24 -2.97
C GLN B 238 -32.49 57.69 -4.13
N LYS B 239 -32.36 58.29 -5.32
CA LYS B 239 -33.10 57.79 -6.47
C LYS B 239 -32.50 56.49 -6.99
N SER B 240 -31.21 56.26 -6.75
CA SER B 240 -30.61 54.99 -7.14
C SER B 240 -31.20 53.84 -6.33
N ARG B 241 -31.42 54.05 -5.03
CA ARG B 241 -32.00 53.01 -4.20
C ARG B 241 -33.46 52.75 -4.53
N GLU B 242 -34.18 53.77 -5.03
CA GLU B 242 -35.57 53.59 -5.37
C GLU B 242 -35.74 52.57 -6.49
N ASP B 243 -34.92 52.67 -7.54
CA ASP B 243 -34.99 51.70 -8.63
C ASP B 243 -34.37 50.36 -8.22
N GLY B 244 -33.30 50.39 -7.44
CA GLY B 244 -32.65 49.18 -6.99
C GLY B 244 -31.80 48.49 -8.03
N GLY B 245 -31.57 49.11 -9.18
CA GLY B 245 -30.77 48.50 -10.22
C GLY B 245 -29.29 48.75 -10.09
N VAL B 246 -28.92 49.97 -9.71
CA VAL B 246 -27.53 50.36 -9.56
C VAL B 246 -27.23 50.62 -8.09
N CYS B 247 -25.96 50.46 -7.73
CA CYS B 247 -25.50 50.68 -6.37
C CYS B 247 -24.24 51.53 -6.38
N ILE B 248 -24.00 52.22 -5.27
CA ILE B 248 -22.88 53.14 -5.16
C ILE B 248 -21.72 52.42 -4.48
N ALA B 249 -20.56 52.40 -5.15
CA ALA B 249 -19.39 51.76 -4.58
C ALA B 249 -18.87 52.53 -3.37
N GLN B 250 -18.69 53.83 -3.52
CA GLN B 250 -18.20 54.67 -2.43
C GLN B 250 -18.48 56.12 -2.74
N SER B 251 -18.41 56.96 -1.71
CA SER B 251 -18.60 58.40 -1.84
C SER B 251 -17.28 59.10 -1.56
N VAL B 252 -16.91 60.03 -2.43
CA VAL B 252 -15.66 60.78 -2.32
C VAL B 252 -16.00 62.23 -2.04
N LYS B 253 -15.40 62.78 -0.99
CA LYS B 253 -15.62 64.17 -0.58
C LYS B 253 -14.39 64.99 -0.93
N ILE B 254 -14.59 66.07 -1.67
CA ILE B 254 -13.51 66.97 -2.07
C ILE B 254 -13.56 68.22 -1.20
N PRO B 255 -12.54 68.50 -0.40
CA PRO B 255 -12.57 69.70 0.44
C PRO B 255 -12.52 70.96 -0.40
N ARG B 256 -13.05 72.05 0.18
CA ARG B 256 -13.09 73.33 -0.52
C ARG B 256 -11.68 73.84 -0.80
N GLU B 257 -10.79 73.74 0.18
CA GLU B 257 -9.40 74.20 0.05
C GLU B 257 -8.47 73.08 0.47
N PRO B 258 -8.30 72.06 -0.37
CA PRO B 258 -7.43 70.94 0.00
C PRO B 258 -5.99 71.14 -0.42
N LYS B 259 -5.13 70.18 -0.09
CA LYS B 259 -3.73 70.23 -0.49
C LYS B 259 -3.54 69.66 -1.89
N ALA B 260 -2.32 69.78 -2.41
CA ALA B 260 -2.02 69.26 -3.73
C ALA B 260 -2.17 67.74 -3.79
N GLY B 261 -1.70 67.05 -2.75
CA GLY B 261 -1.80 65.60 -2.70
C GLY B 261 -3.16 65.06 -2.37
N GLU B 262 -4.10 65.92 -1.95
CA GLU B 262 -5.45 65.46 -1.63
C GLU B 262 -6.14 64.91 -2.87
N PHE B 263 -5.98 65.58 -4.01
CA PHE B 263 -6.57 65.10 -5.25
C PHE B 263 -5.93 63.80 -5.71
N ASP B 264 -4.65 63.60 -5.44
CA ASP B 264 -4.00 62.33 -5.74
C ASP B 264 -4.59 61.21 -4.89
N LYS B 265 -4.91 61.51 -3.62
CA LYS B 265 -5.54 60.51 -2.77
C LYS B 265 -6.95 60.16 -3.27
N ILE B 266 -7.62 61.11 -3.92
CA ILE B 266 -8.96 60.85 -4.44
C ILE B 266 -8.92 59.74 -5.48
N ILE B 267 -7.96 59.81 -6.41
CA ILE B 267 -7.87 58.78 -7.43
C ILE B 267 -7.39 57.45 -6.86
N ARG B 268 -6.69 57.48 -5.72
CA ARG B 268 -6.27 56.23 -5.07
C ARG B 268 -7.48 55.44 -4.59
N ARG B 269 -8.46 56.13 -3.99
CA ARG B 269 -9.68 55.44 -3.54
C ARG B 269 -10.48 54.91 -4.72
N LEU B 270 -10.53 55.67 -5.82
CA LEU B 270 -11.19 55.18 -7.02
C LEU B 270 -10.49 53.95 -7.58
N LEU B 271 -9.15 53.96 -7.59
CA LEU B 271 -8.41 52.79 -8.04
C LEU B 271 -8.44 51.65 -7.02
N GLU B 272 -8.78 51.93 -5.77
CA GLU B 272 -8.91 50.86 -4.78
C GLU B 272 -10.01 49.89 -5.18
N THR B 273 -11.14 50.40 -5.65
CA THR B 273 -12.20 49.57 -6.23
C THR B 273 -12.00 49.54 -7.74
N SER B 274 -11.06 48.68 -8.17
CA SER B 274 -10.70 48.62 -9.58
C SER B 274 -11.86 48.16 -10.46
N ASN B 275 -12.84 47.45 -9.89
CA ASN B 275 -14.00 47.03 -10.66
C ASN B 275 -15.03 48.14 -10.83
N ALA B 276 -14.87 49.27 -10.13
CA ALA B 276 -15.74 50.43 -10.31
C ALA B 276 -15.24 51.25 -11.50
N ARG B 277 -15.49 50.71 -12.69
CA ARG B 277 -14.96 51.31 -13.91
C ARG B 277 -15.57 52.67 -14.16
N ALA B 278 -16.87 52.82 -13.91
CA ALA B 278 -17.58 54.08 -14.17
C ALA B 278 -17.66 54.89 -12.89
N VAL B 279 -17.30 56.17 -12.99
CA VAL B 279 -17.31 57.09 -11.86
C VAL B 279 -18.12 58.32 -12.23
N ILE B 280 -18.95 58.79 -11.28
CA ILE B 280 -19.81 59.93 -11.47
C ILE B 280 -19.30 61.07 -10.61
N ILE B 281 -19.12 62.24 -11.22
CA ILE B 281 -18.53 63.39 -10.54
C ILE B 281 -19.56 64.52 -10.50
N PHE B 282 -19.75 65.09 -9.31
CA PHE B 282 -20.54 66.30 -9.11
C PHE B 282 -19.59 67.36 -8.57
N ALA B 283 -18.91 68.06 -9.47
CA ALA B 283 -17.87 69.01 -9.09
C ALA B 283 -18.06 70.30 -9.85
N ASN B 284 -17.37 71.34 -9.37
CA ASN B 284 -17.43 72.65 -10.00
C ASN B 284 -16.60 72.67 -11.28
N GLU B 285 -16.56 73.83 -11.94
CA GLU B 285 -15.84 73.95 -13.20
C GLU B 285 -14.34 73.73 -13.01
N ASP B 286 -13.77 74.32 -11.96
CA ASP B 286 -12.33 74.22 -11.71
C ASP B 286 -11.93 72.90 -11.05
N ASP B 287 -12.88 72.14 -10.52
CA ASP B 287 -12.56 70.88 -9.86
C ASP B 287 -12.50 69.71 -10.83
N ILE B 288 -13.28 69.76 -11.92
CA ILE B 288 -13.27 68.68 -12.90
C ILE B 288 -11.90 68.58 -13.57
N ARG B 289 -11.32 69.71 -13.93
CA ARG B 289 -10.02 69.71 -14.59
C ARG B 289 -8.93 69.13 -13.68
N ARG B 290 -8.94 69.50 -12.40
CA ARG B 290 -7.90 69.03 -11.49
C ARG B 290 -7.99 67.52 -11.28
N VAL B 291 -9.20 66.98 -11.13
CA VAL B 291 -9.36 65.54 -10.99
C VAL B 291 -8.99 64.83 -12.29
N LEU B 292 -9.34 65.43 -13.43
CA LEU B 292 -8.98 64.84 -14.72
C LEU B 292 -7.47 64.85 -14.90
N GLU B 293 -6.79 65.90 -14.44
CA GLU B 293 -5.33 65.96 -14.54
C GLU B 293 -4.66 64.90 -13.69
N ALA B 294 -5.25 64.58 -12.53
CA ALA B 294 -4.65 63.58 -11.65
C ALA B 294 -4.67 62.19 -12.27
N ALA B 295 -5.61 61.93 -13.17
CA ALA B 295 -5.66 60.63 -13.85
C ALA B 295 -4.49 60.44 -14.79
N ARG B 296 -4.04 61.53 -15.44
CA ARG B 296 -2.90 61.43 -16.34
C ARG B 296 -1.61 61.09 -15.57
N ARG B 297 -1.44 61.69 -14.40
CA ARG B 297 -0.25 61.44 -13.59
C ARG B 297 -0.26 60.09 -12.89
N ALA B 298 -1.40 59.39 -12.88
CA ALA B 298 -1.52 58.08 -12.27
C ALA B 298 -1.53 56.96 -13.30
N ASN B 299 -1.32 57.28 -14.58
CA ASN B 299 -1.31 56.29 -15.66
C ASN B 299 -2.61 55.49 -15.71
N GLN B 300 -3.73 56.21 -15.69
CA GLN B 300 -5.06 55.62 -15.77
C GLN B 300 -5.85 56.24 -16.92
N THR B 301 -5.20 56.33 -18.08
CA THR B 301 -5.82 56.92 -19.27
C THR B 301 -6.69 55.87 -19.94
N GLY B 302 -8.01 56.01 -19.82
CA GLY B 302 -8.96 55.10 -20.40
C GLY B 302 -9.56 54.12 -19.43
N HIS B 303 -8.98 53.95 -18.25
CA HIS B 303 -9.53 53.02 -17.27
C HIS B 303 -10.88 53.50 -16.73
N PHE B 304 -11.06 54.80 -16.58
CA PHE B 304 -12.26 55.38 -16.00
C PHE B 304 -13.06 56.08 -17.08
N PHE B 305 -14.35 55.80 -17.15
CA PHE B 305 -15.29 56.57 -17.97
C PHE B 305 -16.03 57.56 -17.08
N TRP B 306 -16.00 58.82 -17.46
CA TRP B 306 -16.49 59.91 -16.63
C TRP B 306 -17.96 60.17 -16.89
N MET B 307 -18.71 60.37 -15.80
CA MET B 307 -20.15 60.62 -15.84
C MET B 307 -20.36 62.03 -15.30
N GLY B 308 -20.58 63.00 -16.21
CA GLY B 308 -20.60 64.40 -15.85
C GLY B 308 -21.99 64.98 -15.71
N SER B 309 -22.11 65.97 -14.82
CA SER B 309 -23.35 66.68 -14.61
C SER B 309 -23.41 67.92 -15.51
N ASP B 310 -24.36 68.81 -15.23
CA ASP B 310 -24.51 70.02 -16.04
C ASP B 310 -23.31 70.97 -15.89
N SER B 311 -22.49 70.78 -14.85
CA SER B 311 -21.29 71.58 -14.70
C SER B 311 -20.20 71.20 -15.71
N TRP B 312 -20.40 70.12 -16.45
CA TRP B 312 -19.44 69.64 -17.45
C TRP B 312 -20.12 69.50 -18.80
N GLY B 313 -20.87 70.52 -19.20
CA GLY B 313 -21.51 70.51 -20.50
C GLY B 313 -20.52 70.73 -21.63
N SER B 314 -20.99 71.27 -22.74
CA SER B 314 -20.10 71.57 -23.87
C SER B 314 -19.21 72.74 -23.49
N LYS B 315 -17.99 72.44 -23.05
CA LYS B 315 -17.08 73.46 -22.54
C LYS B 315 -15.65 73.07 -22.88
N ILE B 316 -14.91 74.00 -23.49
CA ILE B 316 -13.53 73.72 -23.89
C ILE B 316 -12.63 73.60 -22.67
N ALA B 317 -12.85 74.42 -21.65
CA ALA B 317 -11.93 74.51 -20.53
C ALA B 317 -11.70 73.17 -19.81
N PRO B 318 -12.72 72.40 -19.45
CA PRO B 318 -12.45 71.11 -18.78
C PRO B 318 -11.75 70.10 -19.68
N VAL B 319 -11.80 70.27 -21.00
CA VAL B 319 -11.17 69.36 -21.94
C VAL B 319 -10.02 70.03 -22.69
N LEU B 320 -9.56 71.18 -22.22
CA LEU B 320 -8.46 71.88 -22.87
C LEU B 320 -7.14 71.25 -22.45
N HIS B 321 -6.34 70.84 -23.44
CA HIS B 321 -5.04 70.18 -23.22
C HIS B 321 -5.18 68.89 -22.41
N LEU B 322 -6.38 68.30 -22.40
CA LEU B 322 -6.63 67.06 -21.66
C LEU B 322 -7.50 66.11 -22.46
N GLU B 323 -7.39 66.13 -23.78
CA GLU B 323 -8.21 65.26 -24.63
C GLU B 323 -7.62 63.86 -24.73
N GLU B 324 -7.31 63.26 -23.59
CA GLU B 324 -6.83 61.88 -23.56
C GLU B 324 -7.59 61.08 -22.51
N VAL B 325 -7.99 61.74 -21.43
CA VAL B 325 -8.72 61.09 -20.34
C VAL B 325 -10.19 61.44 -20.45
N ALA B 326 -10.48 62.63 -21.02
CA ALA B 326 -11.85 63.05 -21.21
C ALA B 326 -12.58 62.27 -22.30
N GLU B 327 -11.86 61.45 -23.07
CA GLU B 327 -12.49 60.66 -24.11
C GLU B 327 -13.44 59.64 -23.49
N GLY B 328 -14.55 59.38 -24.19
CA GLY B 328 -15.55 58.45 -23.70
C GLY B 328 -16.26 58.93 -22.45
N ALA B 329 -16.53 60.22 -22.34
CA ALA B 329 -17.23 60.80 -21.21
C ALA B 329 -18.58 61.34 -21.67
N VAL B 330 -19.65 60.92 -20.99
CA VAL B 330 -21.01 61.33 -21.32
C VAL B 330 -21.49 62.31 -20.26
N THR B 331 -22.09 63.41 -20.71
CA THR B 331 -22.55 64.47 -19.82
C THR B 331 -23.96 64.88 -20.20
N ILE B 332 -24.63 65.58 -19.29
CA ILE B 332 -26.02 66.01 -19.45
C ILE B 332 -26.07 67.53 -19.37
N LEU B 333 -26.73 68.15 -20.34
CA LEU B 333 -26.98 69.58 -20.36
C LEU B 333 -28.43 69.84 -20.70
N PRO B 334 -29.04 70.88 -20.12
CA PRO B 334 -30.44 71.19 -20.44
C PRO B 334 -30.58 71.65 -21.89
N LYS B 335 -31.84 71.87 -22.28
CA LYS B 335 -32.14 72.36 -23.61
C LYS B 335 -31.40 73.65 -23.91
N ARG B 336 -30.79 73.70 -25.10
CA ARG B 336 -30.09 74.91 -25.52
C ARG B 336 -30.03 74.95 -27.03
N MET B 337 -29.78 76.14 -27.56
CA MET B 337 -29.61 76.32 -29.00
C MET B 337 -28.60 77.42 -29.22
N SER B 338 -27.94 77.37 -30.38
CA SER B 338 -26.94 78.37 -30.73
C SER B 338 -27.64 79.62 -31.25
N VAL B 339 -27.65 80.68 -30.45
CA VAL B 339 -28.31 81.91 -30.83
C VAL B 339 -27.43 82.68 -31.81
N ARG B 340 -28.02 83.10 -32.93
CA ARG B 340 -27.27 83.82 -33.95
C ARG B 340 -27.00 85.27 -33.56
N GLY B 341 -27.87 85.85 -32.73
CA GLY B 341 -27.68 87.24 -32.34
C GLY B 341 -26.41 87.46 -31.54
N PHE B 342 -26.13 86.56 -30.59
CA PHE B 342 -24.92 86.68 -29.79
C PHE B 342 -23.67 86.22 -30.55
N ASP B 343 -23.84 85.48 -31.64
CA ASP B 343 -22.70 85.07 -32.45
C ASP B 343 -22.01 86.27 -33.08
N ARG B 344 -22.79 87.24 -33.56
CA ARG B 344 -22.26 88.42 -34.22
C ARG B 344 -22.12 89.61 -33.27
N TYR B 345 -22.11 89.36 -31.96
CA TYR B 345 -21.95 90.41 -30.96
C TYR B 345 -20.63 90.31 -30.21
N PHE B 346 -20.31 89.11 -29.69
CA PHE B 346 -19.04 88.93 -28.99
C PHE B 346 -17.86 89.09 -29.93
N SER B 347 -17.97 88.57 -31.16
CA SER B 347 -16.90 88.70 -32.14
C SER B 347 -16.77 90.12 -32.68
N SER B 348 -17.77 90.97 -32.48
CA SER B 348 -17.70 92.36 -32.96
C SER B 348 -17.11 93.30 -31.93
N ARG B 349 -17.29 93.02 -30.65
CA ARG B 349 -16.77 93.90 -29.61
C ARG B 349 -15.25 93.77 -29.52
N THR B 350 -14.56 94.90 -29.43
CA THR B 350 -13.11 94.93 -29.36
C THR B 350 -12.69 95.98 -28.34
N LEU B 351 -11.38 96.18 -28.22
CA LEU B 351 -10.86 97.20 -27.31
C LEU B 351 -11.21 98.59 -27.83
N ASP B 352 -11.31 99.53 -26.88
CA ASP B 352 -11.68 100.93 -27.12
C ASP B 352 -13.11 101.07 -27.62
N ASN B 353 -13.88 99.97 -27.64
CA ASN B 353 -15.29 100.00 -28.02
C ASN B 353 -16.20 99.60 -26.87
N ASN B 354 -15.93 98.48 -26.23
CA ASN B 354 -16.70 98.05 -25.05
C ASN B 354 -15.99 98.48 -23.77
N ARG B 355 -15.89 99.80 -23.60
CA ARG B 355 -15.19 100.36 -22.45
C ARG B 355 -15.97 100.21 -21.15
N ARG B 356 -17.25 99.85 -21.22
CA ARG B 356 -18.03 99.66 -19.99
C ARG B 356 -17.48 98.51 -19.16
N ASN B 357 -17.13 97.40 -19.82
CA ASN B 357 -16.64 96.23 -19.13
C ASN B 357 -15.18 96.45 -18.73
N ILE B 358 -14.94 96.63 -17.42
CA ILE B 358 -13.58 96.81 -16.94
C ILE B 358 -12.76 95.55 -17.16
N TRP B 359 -13.35 94.38 -16.87
CA TRP B 359 -12.64 93.12 -17.01
C TRP B 359 -12.44 92.70 -18.46
N PHE B 360 -13.04 93.40 -19.41
CA PHE B 360 -12.82 93.08 -20.82
C PHE B 360 -11.35 93.28 -21.21
N ALA B 361 -10.69 94.26 -20.61
CA ALA B 361 -9.26 94.44 -20.86
C ALA B 361 -8.47 93.23 -20.38
N GLU B 362 -8.83 92.69 -19.20
CA GLU B 362 -8.18 91.47 -18.73
C GLU B 362 -8.53 90.29 -19.63
N PHE B 363 -9.76 90.23 -20.13
CA PHE B 363 -10.14 89.18 -21.07
C PHE B 363 -9.34 89.28 -22.35
N TRP B 364 -9.11 90.50 -22.84
CA TRP B 364 -8.30 90.68 -24.04
C TRP B 364 -6.87 90.19 -23.84
N GLU B 365 -6.30 90.48 -22.67
CA GLU B 365 -4.92 90.09 -22.40
C GLU B 365 -4.79 88.58 -22.26
N ASP B 366 -5.68 87.96 -21.49
CA ASP B 366 -5.53 86.53 -21.19
C ASP B 366 -5.86 85.66 -22.38
N ASN B 367 -6.95 85.98 -23.10
CA ASN B 367 -7.40 85.13 -24.19
C ASN B 367 -6.42 85.17 -25.37
N PHE B 368 -6.03 86.36 -25.79
CA PHE B 368 -5.22 86.49 -27.00
C PHE B 368 -3.79 86.04 -26.78
N HIS B 369 -3.19 86.43 -25.65
CA HIS B 369 -1.80 86.04 -25.38
C HIS B 369 -1.68 84.53 -25.18
N CYS B 370 -2.64 83.94 -24.47
CA CYS B 370 -2.68 82.51 -24.13
C CYS B 370 -1.32 81.89 -23.87
N VAL B 383 5.43 87.14 -22.94
CA VAL B 383 4.73 87.66 -24.11
C VAL B 383 4.73 89.18 -24.08
N LYS B 384 4.60 89.78 -25.26
CA LYS B 384 4.60 91.24 -25.40
C LYS B 384 3.91 91.59 -26.71
N LYS B 385 4.04 92.85 -27.12
CA LYS B 385 3.47 93.36 -28.37
C LYS B 385 1.94 93.17 -28.39
N CYS B 386 1.28 93.83 -27.44
CA CYS B 386 -0.17 93.77 -27.32
C CYS B 386 -0.83 94.79 -28.25
N THR B 387 -0.60 94.60 -29.55
CA THR B 387 -1.17 95.49 -30.55
C THR B 387 -2.66 95.23 -30.70
N ASN B 388 -3.39 96.27 -31.12
CA ASN B 388 -4.83 96.19 -31.32
C ASN B 388 -5.15 95.86 -32.78
N ARG B 389 -4.72 94.67 -33.20
CA ARG B 389 -4.93 94.21 -34.57
C ARG B 389 -5.37 92.75 -34.61
N GLU B 390 -6.09 92.31 -33.58
CA GLU B 390 -6.59 90.94 -33.52
C GLU B 390 -8.09 90.95 -33.22
N ARG B 391 -8.76 89.88 -33.65
CA ARG B 391 -10.20 89.77 -33.51
C ARG B 391 -10.56 88.47 -32.78
N ILE B 392 -11.77 88.46 -32.21
CA ILE B 392 -12.25 87.29 -31.48
C ILE B 392 -12.45 86.11 -32.44
N GLY B 393 -12.88 86.39 -33.67
CA GLY B 393 -13.20 85.30 -34.59
C GLY B 393 -12.01 84.42 -34.91
N GLN B 394 -10.82 85.01 -34.99
CA GLN B 394 -9.62 84.26 -35.33
C GLN B 394 -9.00 83.57 -34.12
N ASP B 395 -9.55 83.75 -32.92
CA ASP B 395 -9.02 83.10 -31.73
C ASP B 395 -9.18 81.59 -31.77
N SER B 396 -10.13 81.08 -32.54
CA SER B 396 -10.44 79.65 -32.59
C SER B 396 -10.79 79.09 -31.21
N ALA B 397 -11.39 79.93 -30.37
CA ALA B 397 -11.78 79.52 -29.03
C ALA B 397 -13.15 80.03 -28.62
N TYR B 398 -13.88 80.70 -29.50
CA TYR B 398 -15.22 81.20 -29.21
C TYR B 398 -16.22 80.11 -29.56
N GLU B 399 -16.99 79.66 -28.55
CA GLU B 399 -17.91 78.55 -28.74
C GLU B 399 -19.34 78.86 -28.34
N GLN B 400 -19.62 80.05 -27.80
CA GLN B 400 -20.97 80.44 -27.37
C GLN B 400 -21.50 79.45 -26.34
N GLU B 401 -20.88 79.49 -25.16
CA GLU B 401 -21.14 78.56 -24.06
C GLU B 401 -22.63 78.31 -23.85
N GLY B 402 -22.96 77.09 -23.40
CA GLY B 402 -24.35 76.65 -23.42
C GLY B 402 -25.27 77.51 -22.56
N LYS B 403 -24.78 77.94 -21.40
CA LYS B 403 -25.60 78.69 -20.46
C LYS B 403 -25.66 80.17 -20.77
N VAL B 404 -25.10 80.61 -21.90
CA VAL B 404 -25.28 81.98 -22.35
C VAL B 404 -26.74 82.24 -22.70
N GLN B 405 -27.41 81.23 -23.27
CA GLN B 405 -28.83 81.36 -23.59
C GLN B 405 -29.66 81.56 -22.33
N PHE B 406 -29.33 80.85 -21.25
CA PHE B 406 -30.18 80.88 -20.06
C PHE B 406 -30.18 82.23 -19.37
N VAL B 407 -29.18 83.07 -19.61
CA VAL B 407 -29.18 84.41 -19.05
C VAL B 407 -29.84 85.42 -19.99
N ILE B 408 -29.95 85.10 -21.28
CA ILE B 408 -30.64 85.99 -22.21
C ILE B 408 -32.13 86.06 -21.86
N ASP B 409 -32.76 84.90 -21.66
CA ASP B 409 -34.17 84.87 -21.34
C ASP B 409 -34.46 85.08 -19.85
N ALA B 410 -33.43 85.05 -19.00
CA ALA B 410 -33.65 85.31 -17.58
C ALA B 410 -34.06 86.76 -17.36
N VAL B 411 -33.33 87.70 -17.98
CA VAL B 411 -33.71 89.10 -17.88
C VAL B 411 -34.97 89.38 -18.68
N TYR B 412 -35.19 88.63 -19.77
CA TYR B 412 -36.41 88.81 -20.56
C TYR B 412 -37.65 88.46 -19.75
N ALA B 413 -37.58 87.38 -18.95
CA ALA B 413 -38.70 87.02 -18.10
C ALA B 413 -38.97 88.11 -17.06
N MET B 414 -37.91 88.65 -16.46
CA MET B 414 -38.08 89.76 -15.52
C MET B 414 -38.53 91.03 -16.25
N GLY B 415 -38.01 91.25 -17.45
CA GLY B 415 -38.44 92.40 -18.24
C GLY B 415 -39.89 92.31 -18.64
N HIS B 416 -40.35 91.11 -19.02
CA HIS B 416 -41.75 90.93 -19.38
C HIS B 416 -42.66 91.16 -18.17
N ALA B 417 -42.23 90.71 -16.99
CA ALA B 417 -43.01 90.94 -15.78
C ALA B 417 -43.12 92.43 -15.48
N LEU B 418 -42.03 93.18 -15.67
CA LEU B 418 -42.08 94.62 -15.47
C LEU B 418 -43.00 95.28 -16.49
N HIS B 419 -42.98 94.81 -17.73
CA HIS B 419 -43.86 95.36 -18.75
C HIS B 419 -45.32 95.13 -18.40
N ALA B 420 -45.65 93.92 -17.93
CA ALA B 420 -47.02 93.65 -17.49
C ALA B 420 -47.39 94.49 -16.28
N MET B 421 -46.45 94.64 -15.34
CA MET B 421 -46.70 95.48 -14.16
C MET B 421 -46.89 96.94 -14.55
N HIS B 422 -46.10 97.41 -15.51
CA HIS B 422 -46.21 98.81 -15.94
C HIS B 422 -47.57 99.10 -16.56
N ARG B 423 -48.09 98.18 -17.37
CA ARG B 423 -49.37 98.40 -18.03
C ARG B 423 -50.51 98.49 -17.01
N ASP B 424 -50.51 97.60 -16.02
CA ASP B 424 -51.62 97.56 -15.07
C ASP B 424 -51.58 98.74 -14.11
N LEU B 425 -50.40 99.03 -13.56
CA LEU B 425 -50.28 100.08 -12.55
C LEU B 425 -50.21 101.47 -13.16
N CYS B 426 -49.90 101.60 -14.44
CA CYS B 426 -49.83 102.89 -15.12
C CYS B 426 -50.66 102.82 -16.39
N PRO B 427 -51.98 102.93 -16.28
CA PRO B 427 -52.84 102.88 -17.48
C PRO B 427 -52.70 104.17 -18.28
N GLY B 428 -52.32 104.03 -19.55
CA GLY B 428 -52.18 105.15 -20.45
C GLY B 428 -50.85 105.86 -20.40
N ARG B 429 -50.17 105.83 -19.25
CA ARG B 429 -48.89 106.50 -19.09
C ARG B 429 -47.80 105.67 -19.77
N VAL B 430 -47.22 106.21 -20.85
CA VAL B 430 -46.16 105.49 -21.56
C VAL B 430 -44.91 105.41 -20.71
N GLY B 431 -44.60 106.47 -19.96
CA GLY B 431 -43.41 106.52 -19.15
C GLY B 431 -43.63 105.90 -17.78
N LEU B 432 -42.61 106.04 -16.93
CA LEU B 432 -42.64 105.51 -15.58
C LEU B 432 -43.57 106.39 -14.73
N CYS B 433 -44.81 105.93 -14.54
CA CYS B 433 -45.76 106.69 -13.74
C CYS B 433 -45.36 106.67 -12.28
N PRO B 434 -45.67 107.74 -11.53
CA PRO B 434 -45.28 107.79 -10.12
C PRO B 434 -46.01 106.81 -9.23
N ARG B 435 -47.07 106.17 -9.72
CA ARG B 435 -47.82 105.22 -8.89
C ARG B 435 -46.98 103.99 -8.54
N MET B 436 -46.03 103.62 -9.39
CA MET B 436 -45.18 102.47 -9.14
C MET B 436 -43.70 102.86 -9.00
N ASP B 437 -43.41 104.11 -8.69
CA ASP B 437 -42.03 104.52 -8.48
C ASP B 437 -41.36 103.74 -7.35
N PRO B 438 -41.97 103.57 -6.16
CA PRO B 438 -41.38 102.62 -5.19
C PRO B 438 -41.82 101.19 -5.48
N VAL B 439 -41.09 100.56 -6.41
CA VAL B 439 -41.46 99.21 -6.86
C VAL B 439 -41.38 98.24 -5.69
N ASP B 440 -42.44 97.45 -5.51
CA ASP B 440 -42.52 96.47 -4.44
C ASP B 440 -42.13 95.10 -4.98
N GLY B 441 -41.19 94.45 -4.30
CA GLY B 441 -40.76 93.12 -4.73
C GLY B 441 -41.86 92.09 -4.61
N THR B 442 -42.67 92.17 -3.55
CA THR B 442 -43.77 91.22 -3.38
C THR B 442 -44.78 91.35 -4.51
N GLN B 443 -45.12 92.58 -4.90
CA GLN B 443 -46.05 92.79 -6.01
C GLN B 443 -45.47 92.28 -7.32
N LEU B 444 -44.18 92.54 -7.55
CA LEU B 444 -43.53 92.08 -8.78
C LEU B 444 -43.33 90.57 -8.80
N LEU B 445 -43.25 89.93 -7.62
CA LEU B 445 -42.97 88.50 -7.58
C LEU B 445 -44.07 87.69 -8.24
N LYS B 446 -45.34 88.06 -8.01
CA LYS B 446 -46.44 87.31 -8.61
C LYS B 446 -46.49 87.48 -10.13
N TYR B 447 -46.02 88.63 -10.63
CA TYR B 447 -45.99 88.81 -12.08
C TYR B 447 -44.98 87.89 -12.74
N ILE B 448 -43.84 87.64 -12.08
CA ILE B 448 -42.81 86.78 -12.64
C ILE B 448 -43.31 85.34 -12.77
N ARG B 449 -44.12 84.89 -11.80
CA ARG B 449 -44.62 83.51 -11.83
C ARG B 449 -45.58 83.26 -12.98
N ASN B 450 -46.13 84.31 -13.60
CA ASN B 450 -47.12 84.16 -14.66
C ASN B 450 -46.58 84.63 -16.01
N VAL B 451 -45.27 84.65 -16.20
CA VAL B 451 -44.68 85.05 -17.47
C VAL B 451 -44.71 83.87 -18.43
N ASN B 452 -45.25 84.10 -19.64
CA ASN B 452 -45.36 83.06 -20.65
C ASN B 452 -45.03 83.69 -22.00
N PHE B 453 -43.83 83.43 -22.50
CA PHE B 453 -43.39 83.98 -23.78
C PHE B 453 -42.38 83.02 -24.41
N SER B 454 -41.87 83.40 -25.57
CA SER B 454 -40.91 82.59 -26.32
C SER B 454 -39.55 83.27 -26.28
N GLY B 455 -38.51 82.49 -26.04
CA GLY B 455 -37.17 83.01 -25.95
C GLY B 455 -36.60 83.38 -27.31
N ILE B 456 -35.35 83.84 -27.29
CA ILE B 456 -34.69 84.28 -28.52
C ILE B 456 -34.51 83.10 -29.47
N ALA B 457 -34.12 81.93 -28.94
CA ALA B 457 -34.00 80.75 -29.77
C ALA B 457 -35.36 80.17 -30.13
N GLY B 458 -36.30 80.22 -29.20
CA GLY B 458 -37.64 79.72 -29.46
C GLY B 458 -38.22 78.87 -28.35
N ASN B 459 -37.42 78.58 -27.33
CA ASN B 459 -37.91 77.76 -26.22
C ASN B 459 -38.96 78.53 -25.43
N PRO B 460 -39.99 77.85 -24.93
CA PRO B 460 -41.01 78.54 -24.12
C PRO B 460 -40.54 78.73 -22.69
N VAL B 461 -40.64 79.95 -22.18
CA VAL B 461 -40.21 80.29 -20.84
C VAL B 461 -41.44 80.32 -19.94
N THR B 462 -41.51 79.39 -18.99
CA THR B 462 -42.62 79.30 -18.06
C THR B 462 -42.08 78.87 -16.70
N PHE B 463 -42.68 79.42 -15.64
CA PHE B 463 -42.29 79.11 -14.27
C PHE B 463 -43.39 78.27 -13.61
N ASN B 464 -43.14 77.90 -12.36
CA ASN B 464 -44.08 77.09 -11.59
C ASN B 464 -44.41 77.78 -10.27
N GLU B 465 -45.13 77.07 -9.40
CA GLU B 465 -45.45 77.63 -8.09
C GLU B 465 -44.20 77.84 -7.24
N ASN B 466 -43.20 76.98 -7.40
CA ASN B 466 -41.94 77.13 -6.69
C ASN B 466 -40.90 77.94 -7.45
N GLY B 467 -41.22 78.36 -8.67
CA GLY B 467 -40.29 79.12 -9.48
C GLY B 467 -39.28 78.29 -10.27
N ASP B 468 -39.48 76.97 -10.35
CA ASP B 468 -38.56 76.11 -11.07
C ASP B 468 -38.93 76.08 -12.56
N ALA B 469 -38.28 75.20 -13.31
CA ALA B 469 -38.50 75.06 -14.73
C ALA B 469 -38.74 73.59 -15.09
N PRO B 470 -39.48 73.32 -16.17
CA PRO B 470 -39.70 71.93 -16.57
C PRO B 470 -38.40 71.22 -16.91
N GLY B 471 -38.36 69.93 -16.58
CA GLY B 471 -37.18 69.11 -16.80
C GLY B 471 -37.02 68.62 -18.22
N ARG B 472 -36.06 69.20 -18.95
CA ARG B 472 -35.79 68.80 -20.33
C ARG B 472 -34.30 68.97 -20.57
N TYR B 473 -33.59 67.87 -20.78
CA TYR B 473 -32.14 67.87 -20.90
C TYR B 473 -31.68 67.27 -22.23
N ASP B 474 -30.37 67.39 -22.47
CA ASP B 474 -29.69 66.83 -23.62
C ASP B 474 -28.50 66.02 -23.15
N ILE B 475 -28.18 64.97 -23.90
CA ILE B 475 -27.09 64.05 -23.57
C ILE B 475 -25.96 64.28 -24.55
N TYR B 476 -24.79 64.64 -24.02
CA TYR B 476 -23.61 64.91 -24.82
C TYR B 476 -22.53 63.89 -24.47
N GLN B 477 -21.88 63.35 -25.50
CA GLN B 477 -20.79 62.41 -25.33
C GLN B 477 -19.56 62.94 -26.05
N TYR B 478 -18.42 62.96 -25.35
CA TYR B 478 -17.21 63.55 -25.90
C TYR B 478 -16.54 62.55 -26.84
N GLN B 479 -16.33 62.97 -28.09
CA GLN B 479 -15.75 62.11 -29.12
C GLN B 479 -14.48 62.74 -29.66
N LEU B 480 -13.72 61.92 -30.40
CA LEU B 480 -12.49 62.35 -31.05
C LEU B 480 -12.58 62.09 -32.54
N ARG B 481 -12.10 63.04 -33.33
CA ARG B 481 -12.13 62.92 -34.78
C ARG B 481 -10.87 63.51 -35.41
N ALA B 485 -12.86 65.73 -30.50
CA ALA B 485 -12.64 66.86 -29.61
C ALA B 485 -13.83 67.81 -29.63
N GLU B 486 -14.94 67.34 -30.19
CA GLU B 486 -16.16 68.12 -30.31
C GLU B 486 -17.32 67.34 -29.70
N TYR B 487 -18.09 68.01 -28.84
CA TYR B 487 -19.23 67.35 -28.21
C TYR B 487 -20.32 67.07 -29.23
N LYS B 488 -20.90 65.87 -29.15
CA LYS B 488 -21.95 65.44 -30.06
C LYS B 488 -23.16 64.99 -29.28
N VAL B 489 -24.35 65.35 -29.77
CA VAL B 489 -25.58 64.96 -29.11
C VAL B 489 -25.86 63.49 -29.40
N ILE B 490 -26.04 62.70 -28.34
CA ILE B 490 -26.29 61.27 -28.45
C ILE B 490 -27.60 60.86 -27.82
N GLY B 491 -28.38 61.79 -27.30
CA GLY B 491 -29.65 61.44 -26.69
C GLY B 491 -30.29 62.64 -26.02
N SER B 492 -31.42 62.39 -25.38
CA SER B 492 -32.18 63.42 -24.69
C SER B 492 -32.94 62.78 -23.54
N TRP B 493 -33.47 63.63 -22.67
CA TRP B 493 -34.24 63.20 -21.51
C TRP B 493 -35.53 64.02 -21.40
N THR B 494 -36.30 64.05 -22.51
CA THR B 494 -37.56 64.78 -22.53
C THR B 494 -38.44 64.41 -21.35
N ASP B 495 -38.88 63.15 -21.29
CA ASP B 495 -39.62 62.67 -20.13
C ASP B 495 -39.05 61.39 -19.54
N HIS B 496 -38.63 60.44 -20.38
CA HIS B 496 -38.06 59.18 -19.89
C HIS B 496 -36.61 59.01 -20.33
N LEU B 497 -36.34 58.98 -21.63
CA LEU B 497 -34.99 58.80 -22.17
C LEU B 497 -35.02 58.89 -23.69
N HIS B 498 -33.92 59.34 -24.30
CA HIS B 498 -33.78 59.30 -25.75
C HIS B 498 -32.36 58.93 -26.18
N LEU B 499 -31.60 58.26 -25.31
CA LEU B 499 -30.21 57.94 -25.62
C LEU B 499 -30.15 56.89 -26.73
N ARG B 500 -29.33 57.17 -27.74
CA ARG B 500 -29.16 56.27 -28.88
C ARG B 500 -27.70 55.82 -28.95
N ILE B 501 -27.51 54.51 -29.07
CA ILE B 501 -26.17 53.94 -29.18
C ILE B 501 -25.67 54.08 -30.61
N GLN B 511 -22.71 56.57 -27.78
CA GLN B 511 -21.85 55.44 -28.09
C GLN B 511 -21.44 54.71 -26.82
N GLN B 512 -20.21 55.00 -26.36
CA GLN B 512 -19.64 54.43 -25.14
C GLN B 512 -19.48 52.92 -25.29
N LEU B 513 -18.88 52.26 -24.30
CA LEU B 513 -18.68 50.81 -24.34
C LEU B 513 -19.20 50.18 -23.06
N PRO B 514 -19.79 48.98 -23.14
CA PRO B 514 -20.32 48.32 -21.93
C PRO B 514 -19.20 47.89 -21.00
N ARG B 515 -19.27 48.37 -19.76
CA ARG B 515 -18.28 48.04 -18.74
C ARG B 515 -18.88 48.35 -17.38
N SER B 516 -18.03 48.37 -16.35
CA SER B 516 -18.42 48.69 -14.98
C SER B 516 -19.52 47.75 -14.48
N ILE B 517 -19.32 46.45 -14.74
CA ILE B 517 -20.26 45.41 -14.31
C ILE B 517 -19.48 44.46 -13.42
N CYS B 518 -19.69 44.56 -12.11
CA CYS B 518 -19.15 43.58 -11.19
C CYS B 518 -20.08 42.36 -11.13
N SER B 519 -19.57 41.28 -10.57
CA SER B 519 -20.30 40.02 -10.45
C SER B 519 -20.76 39.53 -11.83
N LEU B 520 -19.76 39.21 -12.64
CA LEU B 520 -20.02 38.69 -13.98
C LEU B 520 -20.79 37.38 -13.88
N PRO B 521 -21.61 37.06 -14.88
CA PRO B 521 -22.42 35.83 -14.81
C PRO B 521 -21.55 34.60 -14.61
N CYS B 522 -21.94 33.77 -13.65
CA CYS B 522 -21.16 32.61 -13.26
C CYS B 522 -21.65 31.33 -13.90
N GLN B 523 -22.20 31.43 -15.13
CA GLN B 523 -22.60 30.32 -15.99
C GLN B 523 -23.81 29.56 -15.44
N PRO B 524 -24.62 28.94 -16.28
CA PRO B 524 -25.74 28.14 -15.79
C PRO B 524 -25.26 26.84 -15.16
N GLY B 525 -26.16 26.22 -14.41
CA GLY B 525 -25.82 25.00 -13.69
C GLY B 525 -24.98 25.23 -12.46
N GLU B 526 -25.06 26.42 -11.85
CA GLU B 526 -24.22 26.74 -10.70
C GLU B 526 -24.90 27.86 -9.93
N ARG B 527 -25.53 27.50 -8.80
CA ARG B 527 -26.47 28.32 -8.05
C ARG B 527 -25.76 29.05 -6.90
N LYS B 528 -26.57 29.64 -6.01
CA LYS B 528 -26.15 30.22 -4.72
C LYS B 528 -25.15 31.37 -4.89
N LYS B 529 -25.40 32.21 -5.89
CA LYS B 529 -24.76 33.52 -5.94
C LYS B 529 -25.43 34.40 -4.88
N THR B 530 -24.79 34.50 -3.71
CA THR B 530 -25.40 35.18 -2.57
C THR B 530 -25.19 36.68 -2.69
N VAL B 531 -26.28 37.43 -2.60
CA VAL B 531 -26.22 38.88 -2.67
C VAL B 531 -25.88 39.43 -1.30
N LYS B 532 -25.03 40.47 -1.28
CA LYS B 532 -24.62 41.12 -0.05
C LYS B 532 -25.73 42.07 0.41
N GLY B 533 -25.41 42.95 1.35
CA GLY B 533 -26.37 43.94 1.79
C GLY B 533 -26.88 44.81 0.64
N MET B 534 -25.98 45.18 -0.27
CA MET B 534 -26.40 45.85 -1.49
C MET B 534 -26.94 44.82 -2.48
N PRO B 535 -28.16 45.01 -2.99
CA PRO B 535 -28.75 44.06 -3.94
C PRO B 535 -28.34 44.32 -5.38
N CYS B 536 -27.05 44.51 -5.60
CA CYS B 536 -26.53 44.80 -6.94
C CYS B 536 -25.39 43.90 -7.35
N CYS B 537 -24.52 43.51 -6.42
CA CYS B 537 -23.31 42.77 -6.74
C CYS B 537 -23.25 41.54 -5.86
N TRP B 538 -22.97 40.39 -6.46
CA TRP B 538 -23.06 39.10 -5.78
C TRP B 538 -21.77 38.31 -5.93
N HIS B 539 -21.56 37.39 -5.00
CA HIS B 539 -20.48 36.42 -5.07
C HIS B 539 -21.06 35.05 -5.35
N CYS B 540 -20.51 34.37 -6.36
CA CYS B 540 -21.07 33.10 -6.85
C CYS B 540 -20.13 31.95 -6.47
N GLU B 541 -20.71 30.94 -5.84
CA GLU B 541 -19.98 29.76 -5.39
C GLU B 541 -20.76 28.52 -5.78
N PRO B 542 -20.09 27.38 -5.97
CA PRO B 542 -20.81 26.17 -6.39
C PRO B 542 -21.77 25.67 -5.32
N CYS B 543 -22.87 25.07 -5.77
CA CYS B 543 -23.81 24.39 -4.88
C CYS B 543 -23.28 22.99 -4.60
N THR B 544 -24.09 22.14 -3.97
CA THR B 544 -23.67 20.78 -3.71
C THR B 544 -23.66 19.97 -5.01
N GLY B 545 -22.95 18.84 -4.97
CA GLY B 545 -22.82 18.01 -6.15
C GLY B 545 -24.14 17.41 -6.61
N TYR B 546 -24.98 16.99 -5.64
CA TYR B 546 -26.26 16.38 -5.96
C TYR B 546 -27.37 17.40 -6.17
N GLN B 547 -27.07 18.69 -6.03
CA GLN B 547 -28.06 19.75 -6.18
C GLN B 547 -28.03 20.31 -7.61
N TYR B 548 -29.03 21.15 -7.91
CA TYR B 548 -29.26 21.63 -9.26
C TYR B 548 -29.32 23.16 -9.27
N GLN B 549 -29.11 23.73 -10.45
CA GLN B 549 -29.50 25.12 -10.70
C GLN B 549 -30.82 25.15 -11.47
N VAL B 550 -31.86 24.62 -10.83
CA VAL B 550 -33.18 24.56 -11.46
C VAL B 550 -33.72 25.97 -11.66
N ASP B 551 -33.60 26.81 -10.64
CA ASP B 551 -33.94 28.22 -10.71
C ASP B 551 -32.70 29.05 -10.41
N ARG B 552 -32.83 30.37 -10.52
CA ARG B 552 -31.69 31.24 -10.25
C ARG B 552 -31.31 31.22 -8.77
N TYR B 553 -32.27 30.97 -7.89
CA TYR B 553 -32.06 30.95 -6.44
C TYR B 553 -32.72 29.73 -5.81
N THR B 554 -32.49 28.55 -6.39
CA THR B 554 -33.00 27.31 -5.82
C THR B 554 -32.14 26.16 -6.26
N CYS B 555 -31.62 25.39 -5.31
CA CYS B 555 -30.97 24.11 -5.59
C CYS B 555 -32.00 22.99 -5.39
N LYS B 556 -32.33 22.29 -6.48
CA LYS B 556 -33.52 21.44 -6.52
C LYS B 556 -33.33 20.12 -5.78
N THR B 557 -32.12 19.54 -5.82
CA THR B 557 -31.85 18.22 -5.26
C THR B 557 -32.75 17.15 -5.90
N CYS B 558 -32.50 16.92 -7.18
CA CYS B 558 -33.23 15.91 -7.93
C CYS B 558 -33.14 14.57 -7.21
N PRO B 559 -34.24 13.83 -7.06
CA PRO B 559 -34.25 12.66 -6.19
C PRO B 559 -33.35 11.54 -6.71
N TYR B 560 -33.19 10.53 -5.87
CA TYR B 560 -32.29 9.41 -6.14
C TYR B 560 -32.74 8.53 -7.30
N ASP B 561 -33.98 8.70 -7.78
CA ASP B 561 -34.46 7.89 -8.89
C ASP B 561 -33.67 8.13 -10.17
N MET B 562 -32.98 9.26 -10.27
CA MET B 562 -32.23 9.59 -11.48
C MET B 562 -31.13 10.57 -11.11
N ARG B 563 -29.95 10.43 -11.81
CA ARG B 563 -28.66 11.03 -11.49
C ARG B 563 -28.43 12.31 -12.31
N PRO B 564 -27.81 13.33 -11.71
CA PRO B 564 -27.44 14.52 -12.47
C PRO B 564 -26.56 14.18 -13.66
N THR B 565 -26.79 14.90 -14.77
CA THR B 565 -26.02 14.76 -15.99
C THR B 565 -24.82 15.70 -15.95
N GLU B 566 -24.17 15.90 -17.10
CA GLU B 566 -23.03 16.78 -17.18
C GLU B 566 -23.38 18.19 -16.70
N ASN B 567 -24.33 18.84 -17.38
CA ASN B 567 -24.84 20.12 -16.91
C ASN B 567 -25.68 19.90 -15.66
N ARG B 568 -25.54 20.80 -14.70
CA ARG B 568 -26.26 20.66 -13.43
C ARG B 568 -27.73 21.03 -13.54
N THR B 569 -28.21 21.40 -14.72
CA THR B 569 -29.62 21.70 -14.94
C THR B 569 -30.25 20.56 -15.73
N GLY B 570 -31.34 20.01 -15.19
CA GLY B 570 -32.03 18.91 -15.84
C GLY B 570 -31.62 17.55 -15.32
N CYS B 571 -32.59 16.70 -15.02
CA CYS B 571 -32.32 15.38 -14.49
C CYS B 571 -32.12 14.36 -15.61
N ARG B 572 -31.45 13.25 -15.27
CA ARG B 572 -31.10 12.23 -16.24
C ARG B 572 -31.18 10.85 -15.58
N PRO B 573 -31.80 9.87 -16.24
CA PRO B 573 -31.91 8.53 -15.64
C PRO B 573 -30.56 7.89 -15.44
N ILE B 574 -30.46 7.10 -14.36
CA ILE B 574 -29.23 6.37 -14.03
C ILE B 574 -29.11 5.17 -14.95
N PRO B 575 -27.92 4.87 -15.48
CA PRO B 575 -27.73 3.63 -16.23
C PRO B 575 -27.94 2.42 -15.34
N ILE B 576 -28.41 1.33 -15.96
CA ILE B 576 -28.77 0.11 -15.24
C ILE B 576 -27.87 -1.02 -15.69
N ILE B 577 -27.45 -1.87 -14.74
CA ILE B 577 -26.63 -3.04 -15.02
C ILE B 577 -27.33 -4.26 -14.43
N LYS B 578 -26.98 -5.42 -14.97
CA LYS B 578 -27.61 -6.68 -14.57
C LYS B 578 -26.54 -7.76 -14.52
N LEU B 579 -26.98 -9.01 -14.40
CA LEU B 579 -26.07 -10.16 -14.36
C LEU B 579 -25.55 -10.43 -15.76
N GLU B 580 -24.37 -9.90 -16.07
CA GLU B 580 -23.79 -10.10 -17.38
C GLU B 580 -23.31 -11.54 -17.55
N TRP B 581 -23.50 -12.08 -18.76
CA TRP B 581 -23.02 -13.42 -19.07
C TRP B 581 -21.50 -13.51 -19.09
N GLY B 582 -20.80 -12.38 -19.18
CA GLY B 582 -19.35 -12.38 -19.20
C GLY B 582 -18.74 -11.82 -17.94
N SER B 583 -19.52 -11.77 -16.87
CA SER B 583 -19.02 -11.26 -15.60
C SER B 583 -17.88 -12.16 -15.10
N PRO B 584 -16.79 -11.58 -14.59
CA PRO B 584 -15.68 -12.42 -14.13
C PRO B 584 -16.02 -13.27 -12.93
N TRP B 585 -17.00 -12.86 -12.13
CA TRP B 585 -17.44 -13.64 -10.97
C TRP B 585 -18.56 -14.61 -11.31
N ALA B 586 -18.82 -14.84 -12.59
CA ALA B 586 -19.85 -15.77 -13.04
C ALA B 586 -19.27 -16.82 -13.99
N VAL B 587 -17.97 -17.12 -13.84
CA VAL B 587 -17.32 -18.11 -14.68
C VAL B 587 -17.40 -19.50 -14.05
N LEU B 588 -17.03 -19.61 -12.78
CA LEU B 588 -17.15 -20.90 -12.09
C LEU B 588 -18.58 -21.42 -12.05
N PRO B 589 -19.61 -20.60 -11.78
CA PRO B 589 -20.98 -21.13 -11.90
C PRO B 589 -21.27 -21.72 -13.28
N LEU B 590 -20.77 -21.08 -14.34
CA LEU B 590 -20.97 -21.60 -15.68
C LEU B 590 -20.08 -22.80 -15.98
N PHE B 591 -18.87 -22.82 -15.43
CA PHE B 591 -17.96 -23.94 -15.66
C PHE B 591 -18.55 -25.24 -15.11
N LEU B 592 -19.11 -25.19 -13.91
CA LEU B 592 -19.75 -26.37 -13.33
C LEU B 592 -21.05 -26.71 -14.05
N ALA B 593 -21.78 -25.69 -14.53
CA ALA B 593 -23.06 -25.95 -15.16
C ALA B 593 -22.90 -26.69 -16.48
N VAL B 594 -21.94 -26.29 -17.31
CA VAL B 594 -21.79 -26.93 -18.62
C VAL B 594 -21.33 -28.36 -18.48
N VAL B 595 -20.34 -28.62 -17.60
CA VAL B 595 -19.91 -29.99 -17.38
C VAL B 595 -20.95 -30.76 -16.59
N GLY B 596 -21.63 -30.10 -15.65
CA GLY B 596 -22.66 -30.78 -14.87
C GLY B 596 -23.85 -31.20 -15.70
N ILE B 597 -24.32 -30.31 -16.58
CA ILE B 597 -25.47 -30.63 -17.41
C ILE B 597 -25.12 -31.73 -18.42
N ALA B 598 -23.86 -31.78 -18.86
CA ALA B 598 -23.42 -32.84 -19.76
C ALA B 598 -23.24 -34.15 -19.01
N ALA B 599 -22.69 -34.09 -17.79
CA ALA B 599 -22.47 -35.30 -17.00
C ALA B 599 -23.78 -35.97 -16.63
N THR B 600 -24.78 -35.19 -16.21
CA THR B 600 -26.05 -35.77 -15.79
C THR B 600 -26.81 -36.38 -16.97
N LEU B 601 -26.67 -35.81 -18.16
CA LEU B 601 -27.28 -36.42 -19.34
C LEU B 601 -26.52 -37.63 -19.83
N PHE B 602 -25.21 -37.67 -19.60
CA PHE B 602 -24.41 -38.83 -20.02
C PHE B 602 -24.68 -40.04 -19.14
N VAL B 603 -24.78 -39.84 -17.82
CA VAL B 603 -24.99 -40.96 -16.91
C VAL B 603 -26.39 -41.54 -17.07
N VAL B 604 -27.39 -40.68 -17.27
CA VAL B 604 -28.77 -41.17 -17.35
C VAL B 604 -28.97 -42.02 -18.59
N ILE B 605 -28.30 -41.68 -19.69
CA ILE B 605 -28.41 -42.47 -20.92
C ILE B 605 -27.82 -43.87 -20.69
N THR B 606 -26.64 -43.93 -20.07
CA THR B 606 -26.04 -45.21 -19.75
C THR B 606 -26.85 -45.97 -18.70
N PHE B 607 -27.37 -45.25 -17.71
CA PHE B 607 -28.10 -45.89 -16.62
C PHE B 607 -29.43 -46.48 -17.08
N VAL B 608 -29.96 -46.05 -18.22
CA VAL B 608 -31.22 -46.57 -18.73
C VAL B 608 -31.03 -47.48 -19.94
N ARG B 609 -30.03 -47.23 -20.79
CA ARG B 609 -29.80 -48.08 -21.94
C ARG B 609 -29.39 -49.49 -21.52
N TYR B 610 -28.52 -49.59 -20.52
CA TYR B 610 -28.06 -50.88 -20.01
C TYR B 610 -28.97 -51.39 -18.90
N ASN B 611 -30.27 -51.48 -19.19
CA ASN B 611 -31.27 -51.88 -18.19
C ASN B 611 -31.48 -53.39 -18.20
N ASP B 612 -30.38 -54.14 -18.11
CA ASP B 612 -30.43 -55.59 -17.93
C ASP B 612 -30.26 -55.97 -16.46
N THR B 613 -30.30 -54.99 -15.56
CA THR B 613 -30.06 -55.19 -14.13
C THR B 613 -28.77 -55.94 -13.83
N PRO B 614 -27.62 -55.54 -14.43
CA PRO B 614 -26.35 -56.20 -14.07
C PRO B 614 -25.91 -55.83 -12.67
N ILE B 615 -25.84 -54.52 -12.40
CA ILE B 615 -25.48 -54.00 -11.09
C ILE B 615 -26.49 -52.93 -10.71
N VAL B 616 -27.29 -52.49 -11.68
CA VAL B 616 -28.31 -51.47 -11.45
C VAL B 616 -29.41 -51.96 -10.53
N LYS B 617 -29.63 -53.27 -10.45
CA LYS B 617 -30.66 -53.83 -9.59
C LYS B 617 -30.32 -53.73 -8.12
N ALA B 618 -29.07 -53.42 -7.77
CA ALA B 618 -28.71 -53.24 -6.37
C ALA B 618 -29.51 -52.10 -5.76
N SER B 619 -29.61 -50.98 -6.47
CA SER B 619 -30.53 -49.91 -6.10
C SER B 619 -31.87 -50.13 -6.79
N GLY B 620 -32.93 -49.65 -6.15
CA GLY B 620 -34.24 -49.71 -6.78
C GLY B 620 -34.30 -48.85 -8.02
N ARG B 621 -35.11 -49.30 -8.99
CA ARG B 621 -35.33 -48.48 -10.19
C ARG B 621 -35.97 -47.15 -9.82
N GLU B 622 -36.93 -47.19 -8.90
CA GLU B 622 -37.40 -45.96 -8.27
C GLU B 622 -36.37 -45.47 -7.26
N LEU B 623 -36.48 -44.18 -6.90
CA LEU B 623 -35.57 -43.48 -5.99
C LEU B 623 -34.17 -43.34 -6.55
N SER B 624 -33.93 -43.79 -7.78
CA SER B 624 -32.66 -43.58 -8.46
C SER B 624 -32.77 -42.68 -9.69
N TYR B 625 -33.97 -42.54 -10.26
CA TYR B 625 -34.21 -41.61 -11.35
C TYR B 625 -34.69 -40.26 -10.83
N VAL B 626 -35.51 -40.26 -9.77
CA VAL B 626 -35.96 -39.00 -9.21
C VAL B 626 -34.81 -38.26 -8.55
N LEU B 627 -33.89 -38.98 -7.91
CA LEU B 627 -32.69 -38.35 -7.37
C LEU B 627 -31.83 -37.80 -8.50
N LEU B 628 -31.67 -38.57 -9.59
CA LEU B 628 -30.91 -38.09 -10.73
C LEU B 628 -31.59 -36.90 -11.39
N ALA B 629 -32.93 -36.93 -11.47
CA ALA B 629 -33.65 -35.79 -12.01
C ALA B 629 -33.50 -34.55 -11.14
N GLY B 630 -33.38 -34.73 -9.82
CA GLY B 630 -33.13 -33.60 -8.95
C GLY B 630 -31.78 -32.97 -9.22
N ILE B 631 -30.75 -33.78 -9.46
CA ILE B 631 -29.45 -33.26 -9.84
C ILE B 631 -29.52 -32.53 -11.16
N PHE B 632 -30.36 -33.03 -12.09
CA PHE B 632 -30.57 -32.35 -13.35
C PHE B 632 -31.16 -30.97 -13.13
N LEU B 633 -32.12 -30.84 -12.21
CA LEU B 633 -32.68 -29.54 -11.90
C LEU B 633 -31.66 -28.62 -11.25
N CYS B 634 -30.81 -29.16 -10.38
CA CYS B 634 -29.80 -28.33 -9.71
C CYS B 634 -28.81 -27.76 -10.71
N TYR B 635 -28.36 -28.57 -11.67
CA TYR B 635 -27.47 -28.06 -12.70
C TYR B 635 -28.18 -27.07 -13.62
N ALA B 636 -29.45 -27.34 -13.96
CA ALA B 636 -30.20 -26.42 -14.79
C ALA B 636 -30.59 -25.15 -14.04
N THR B 637 -30.51 -25.15 -12.71
CA THR B 637 -30.82 -23.95 -11.94
C THR B 637 -29.85 -22.83 -12.25
N THR B 638 -28.56 -23.14 -12.36
CA THR B 638 -27.56 -22.12 -12.64
C THR B 638 -27.80 -21.47 -14.00
N PHE B 639 -28.22 -22.26 -15.00
CA PHE B 639 -28.49 -21.71 -16.32
C PHE B 639 -29.62 -20.69 -16.28
N LEU B 640 -30.67 -20.98 -15.51
CA LEU B 640 -31.86 -20.12 -15.49
C LEU B 640 -31.79 -19.03 -14.43
N MET B 641 -31.03 -19.26 -13.35
CA MET B 641 -30.97 -18.27 -12.27
C MET B 641 -30.41 -16.94 -12.75
N ILE B 642 -29.15 -16.94 -13.18
CA ILE B 642 -28.52 -15.71 -13.69
C ILE B 642 -28.80 -15.70 -15.20
N ALA B 643 -30.01 -15.27 -15.55
CA ALA B 643 -30.40 -15.16 -16.95
C ALA B 643 -31.54 -14.15 -17.05
N GLU B 644 -31.21 -12.93 -17.48
CA GLU B 644 -32.17 -11.86 -17.69
C GLU B 644 -33.08 -11.68 -16.48
N PRO B 645 -32.58 -11.15 -15.37
CA PRO B 645 -33.40 -11.03 -14.16
C PRO B 645 -34.57 -10.08 -14.37
N ASP B 646 -35.77 -10.62 -14.24
CA ASP B 646 -37.01 -9.85 -14.38
C ASP B 646 -38.11 -10.53 -13.57
N LEU B 647 -39.34 -10.12 -13.81
CA LEU B 647 -40.47 -10.69 -13.07
C LEU B 647 -40.64 -12.17 -13.40
N GLY B 648 -40.51 -12.54 -14.67
CA GLY B 648 -40.71 -13.93 -15.05
C GLY B 648 -39.64 -14.85 -14.49
N THR B 649 -38.37 -14.44 -14.57
CA THR B 649 -37.29 -15.31 -14.11
C THR B 649 -37.25 -15.38 -12.58
N CYS B 650 -37.60 -14.30 -11.89
CA CYS B 650 -37.58 -14.31 -10.43
C CYS B 650 -38.57 -15.34 -9.88
N SER B 651 -39.76 -15.42 -10.48
CA SER B 651 -40.72 -16.44 -10.09
C SER B 651 -40.18 -17.84 -10.39
N LEU B 652 -39.54 -18.01 -11.55
CA LEU B 652 -38.98 -19.31 -11.91
C LEU B 652 -37.79 -19.68 -11.03
N ARG B 653 -37.10 -18.68 -10.47
CA ARG B 653 -35.96 -18.97 -9.61
C ARG B 653 -36.38 -19.74 -8.36
N ARG B 654 -37.52 -19.38 -7.77
CA ARG B 654 -37.94 -20.01 -6.53
C ARG B 654 -38.34 -21.46 -6.74
N ILE B 655 -39.11 -21.75 -7.80
CA ILE B 655 -39.64 -23.11 -7.98
C ILE B 655 -38.54 -24.08 -8.36
N PHE B 656 -37.67 -23.68 -9.30
CA PHE B 656 -36.62 -24.59 -9.76
C PHE B 656 -35.57 -24.84 -8.68
N LEU B 657 -35.15 -23.77 -8.00
CA LEU B 657 -34.19 -23.95 -6.90
C LEU B 657 -34.84 -24.71 -5.74
N GLY B 658 -36.10 -24.41 -5.44
CA GLY B 658 -36.78 -25.12 -4.37
C GLY B 658 -36.97 -26.59 -4.67
N LEU B 659 -37.43 -26.90 -5.88
CA LEU B 659 -37.65 -28.30 -6.26
C LEU B 659 -36.36 -28.99 -6.68
N GLY B 660 -35.32 -28.25 -7.03
CA GLY B 660 -34.07 -28.87 -7.46
C GLY B 660 -33.38 -29.64 -6.36
N MET B 661 -33.31 -29.05 -5.16
CA MET B 661 -32.57 -29.65 -4.06
C MET B 661 -33.46 -30.41 -3.08
N SER B 662 -34.71 -29.98 -2.89
CA SER B 662 -35.63 -30.71 -2.03
C SER B 662 -35.98 -32.08 -2.60
N ILE B 663 -35.93 -32.25 -3.92
CA ILE B 663 -36.19 -33.56 -4.52
C ILE B 663 -34.97 -34.46 -4.36
N SER B 664 -33.77 -33.91 -4.56
CA SER B 664 -32.56 -34.73 -4.52
C SER B 664 -32.36 -35.37 -3.16
N TYR B 665 -32.57 -34.60 -2.09
CA TYR B 665 -32.34 -35.10 -0.74
C TYR B 665 -33.57 -35.76 -0.13
N ALA B 666 -34.73 -35.64 -0.77
CA ALA B 666 -35.89 -36.42 -0.33
C ALA B 666 -35.65 -37.91 -0.54
N ALA B 667 -35.09 -38.27 -1.70
CA ALA B 667 -34.77 -39.67 -1.96
C ALA B 667 -33.61 -40.15 -1.10
N LEU B 668 -32.63 -39.27 -0.85
CA LEU B 668 -31.47 -39.65 -0.06
C LEU B 668 -31.86 -40.00 1.36
N LEU B 669 -32.78 -39.24 1.95
CA LEU B 669 -33.21 -39.52 3.33
C LEU B 669 -33.91 -40.87 3.43
N THR B 670 -34.85 -41.14 2.52
CA THR B 670 -35.60 -42.39 2.61
C THR B 670 -34.76 -43.58 2.15
N LYS B 671 -33.80 -43.36 1.26
CA LYS B 671 -32.85 -44.43 0.93
C LYS B 671 -32.00 -44.79 2.14
N THR B 672 -31.49 -43.77 2.85
CA THR B 672 -30.73 -44.04 4.07
C THR B 672 -31.62 -44.63 5.15
N ASN B 673 -32.87 -44.17 5.24
CA ASN B 673 -33.81 -44.72 6.22
C ASN B 673 -34.07 -46.20 5.95
N ARG B 674 -34.23 -46.57 4.68
CA ARG B 674 -34.46 -47.98 4.35
C ARG B 674 -33.29 -48.86 4.78
N ILE B 675 -32.07 -48.40 4.53
CA ILE B 675 -30.89 -49.22 4.85
C ILE B 675 -30.83 -49.51 6.34
N TYR B 676 -31.22 -48.53 7.17
CA TYR B 676 -31.21 -48.75 8.61
C TYR B 676 -32.31 -49.69 9.05
N ARG B 677 -33.47 -49.67 8.36
CA ARG B 677 -34.61 -50.45 8.83
C ARG B 677 -34.35 -51.96 8.74
N ILE B 678 -33.91 -52.43 7.57
CA ILE B 678 -33.63 -53.86 7.43
C ILE B 678 -32.47 -54.28 8.32
N PHE B 679 -31.44 -53.44 8.43
CA PHE B 679 -30.31 -53.77 9.30
C PHE B 679 -30.74 -53.89 10.76
N GLU B 680 -31.58 -52.96 11.22
CA GLU B 680 -32.06 -53.01 12.60
C GLU B 680 -33.05 -54.15 12.79
N GLN B 681 -34.01 -54.29 11.88
CA GLN B 681 -35.01 -55.34 12.01
C GLN B 681 -34.39 -56.72 11.82
N GLY B 682 -33.49 -56.87 10.86
CA GLY B 682 -32.89 -58.16 10.60
C GLY B 682 -31.87 -58.60 11.63
N LYS B 683 -31.39 -57.66 12.46
CA LYS B 683 -30.43 -58.02 13.50
C LYS B 683 -31.05 -58.95 14.53
N ARG B 684 -32.27 -58.65 14.96
CA ARG B 684 -32.97 -59.44 15.98
C ARG B 684 -34.25 -60.06 15.45
N SER B 685 -35.13 -59.28 14.85
CA SER B 685 -36.41 -59.76 14.38
C SER B 685 -36.25 -60.43 13.02
N VAL B 686 -37.37 -60.74 12.37
CA VAL B 686 -37.39 -61.42 11.08
C VAL B 686 -38.10 -60.53 10.07
N SER B 687 -37.58 -60.50 8.85
CA SER B 687 -38.16 -59.74 7.74
C SER B 687 -38.14 -58.24 8.02
N ALA B 688 -38.84 -57.48 7.19
CA ALA B 688 -38.86 -56.03 7.23
C ALA B 688 -40.30 -55.54 7.26
N PRO B 689 -40.54 -54.33 7.76
CA PRO B 689 -41.90 -53.76 7.74
C PRO B 689 -42.44 -53.65 6.32
N ARG B 690 -43.73 -53.30 6.25
CA ARG B 690 -44.45 -53.33 4.98
C ARG B 690 -43.97 -52.27 4.00
N PHE B 691 -43.48 -51.13 4.49
CA PHE B 691 -43.17 -50.02 3.62
C PHE B 691 -41.91 -50.23 2.78
N ILE B 692 -41.16 -51.30 3.02
CA ILE B 692 -39.99 -51.62 2.19
C ILE B 692 -40.48 -52.34 0.95
N SER B 693 -40.79 -51.59 -0.10
CA SER B 693 -41.26 -52.12 -1.37
C SER B 693 -41.25 -51.01 -2.41
N PRO B 694 -40.92 -51.31 -3.67
CA PRO B 694 -40.83 -50.24 -4.67
C PRO B 694 -42.12 -49.45 -4.85
N ALA B 695 -43.28 -50.10 -4.74
CA ALA B 695 -44.54 -49.39 -4.90
C ALA B 695 -44.81 -48.45 -3.72
N SER B 696 -44.63 -48.96 -2.50
CA SER B 696 -44.93 -48.14 -1.31
C SER B 696 -43.83 -47.12 -1.03
N GLN B 697 -42.57 -47.46 -1.34
CA GLN B 697 -41.47 -46.54 -1.07
C GLN B 697 -41.58 -45.27 -1.91
N LEU B 698 -42.22 -45.36 -3.08
CA LEU B 698 -42.41 -44.18 -3.91
C LEU B 698 -43.32 -43.16 -3.23
N ALA B 699 -44.37 -43.62 -2.56
CA ALA B 699 -45.36 -42.72 -1.99
C ALA B 699 -44.74 -41.77 -0.98
N ILE B 700 -43.89 -42.28 -0.09
CA ILE B 700 -43.25 -41.42 0.90
C ILE B 700 -42.17 -40.55 0.27
N THR B 701 -41.61 -40.96 -0.87
CA THR B 701 -40.58 -40.16 -1.53
C THR B 701 -41.14 -38.83 -1.99
N PHE B 702 -42.31 -38.84 -2.62
CA PHE B 702 -42.96 -37.60 -3.02
C PHE B 702 -43.71 -36.93 -1.88
N SER B 703 -43.90 -37.61 -0.74
CA SER B 703 -44.54 -36.99 0.41
C SER B 703 -43.73 -35.80 0.90
N LEU B 704 -42.41 -35.95 0.98
CA LEU B 704 -41.55 -34.82 1.33
C LEU B 704 -41.57 -33.77 0.21
N ILE B 705 -41.61 -34.22 -1.04
CA ILE B 705 -41.70 -33.28 -2.16
C ILE B 705 -43.05 -32.57 -2.15
N SER B 706 -44.12 -33.28 -1.79
CA SER B 706 -45.44 -32.68 -1.76
C SER B 706 -45.52 -31.53 -0.76
N LEU B 707 -44.73 -31.59 0.32
CA LEU B 707 -44.69 -30.47 1.26
C LEU B 707 -44.14 -29.22 0.58
N GLN B 708 -43.12 -29.37 -0.25
CA GLN B 708 -42.60 -28.23 -1.00
C GLN B 708 -43.59 -27.80 -2.09
N LEU B 709 -44.28 -28.76 -2.70
CA LEU B 709 -45.22 -28.42 -3.78
C LEU B 709 -46.34 -27.52 -3.27
N LEU B 710 -46.92 -27.85 -2.12
CA LEU B 710 -47.91 -26.98 -1.51
C LEU B 710 -47.26 -25.78 -0.83
N GLY B 711 -46.05 -25.96 -0.29
CA GLY B 711 -45.37 -24.86 0.37
C GLY B 711 -44.98 -23.76 -0.59
N ILE B 712 -44.43 -24.12 -1.75
CA ILE B 712 -43.94 -23.11 -2.70
C ILE B 712 -45.06 -22.21 -3.20
N CYS B 713 -46.30 -22.69 -3.17
CA CYS B 713 -47.42 -21.83 -3.54
C CYS B 713 -47.73 -20.79 -2.47
N VAL B 714 -47.33 -21.04 -1.22
CA VAL B 714 -47.62 -20.09 -0.15
C VAL B 714 -46.83 -18.80 -0.36
N TRP B 715 -45.53 -18.90 -0.61
CA TRP B 715 -44.74 -17.70 -0.88
C TRP B 715 -45.10 -17.09 -2.23
N PHE B 716 -45.42 -17.92 -3.22
CA PHE B 716 -45.76 -17.40 -4.54
C PHE B 716 -47.03 -16.55 -4.50
N VAL B 717 -48.02 -16.97 -3.72
CA VAL B 717 -49.29 -16.26 -3.68
C VAL B 717 -49.23 -15.09 -2.70
N VAL B 718 -48.76 -15.34 -1.49
CA VAL B 718 -48.75 -14.29 -0.46
C VAL B 718 -47.80 -13.17 -0.86
N ASP B 719 -46.59 -13.51 -1.33
CA ASP B 719 -45.58 -12.53 -1.70
C ASP B 719 -45.09 -12.85 -3.11
N PRO B 720 -45.86 -12.48 -4.14
CA PRO B 720 -45.43 -12.73 -5.51
C PRO B 720 -44.13 -12.00 -5.83
N SER B 721 -43.30 -12.63 -6.65
CA SER B 721 -42.03 -12.05 -7.02
C SER B 721 -42.24 -10.84 -7.91
N HIS B 722 -41.62 -9.71 -7.55
CA HIS B 722 -41.71 -8.46 -8.29
C HIS B 722 -40.31 -8.03 -8.71
N SER B 723 -40.16 -7.64 -9.97
CA SER B 723 -38.87 -7.23 -10.51
C SER B 723 -38.59 -5.80 -10.05
N VAL B 724 -37.77 -5.68 -9.00
CA VAL B 724 -37.36 -4.36 -8.52
C VAL B 724 -36.51 -3.69 -9.59
N VAL B 725 -36.82 -2.43 -9.89
CA VAL B 725 -36.10 -1.71 -10.95
C VAL B 725 -34.63 -1.58 -10.60
N ASP B 726 -34.34 -1.12 -9.37
CA ASP B 726 -32.98 -0.98 -8.88
C ASP B 726 -33.03 -0.60 -7.42
N PHE B 727 -32.02 -1.04 -6.67
CA PHE B 727 -31.85 -0.63 -5.27
C PHE B 727 -30.89 0.55 -5.25
N GLN B 728 -31.42 1.70 -5.71
CA GLN B 728 -30.60 2.88 -5.94
C GLN B 728 -30.15 3.57 -4.65
N ASP B 729 -30.68 3.16 -3.49
CA ASP B 729 -30.21 3.72 -2.23
C ASP B 729 -28.75 3.37 -1.95
N GLN B 730 -28.24 2.32 -2.60
CA GLN B 730 -26.86 1.89 -2.45
C GLN B 730 -26.19 1.87 -3.82
N ARG B 731 -24.87 1.73 -3.83
CA ARG B 731 -24.05 1.69 -5.04
C ARG B 731 -24.11 3.00 -5.82
N THR B 732 -24.32 4.11 -5.10
CA THR B 732 -24.28 5.46 -5.68
C THR B 732 -23.20 6.24 -4.95
N LEU B 733 -22.36 6.92 -5.72
CA LEU B 733 -21.22 7.64 -5.18
C LEU B 733 -21.39 9.14 -5.40
N ASP B 734 -20.74 9.92 -4.54
CA ASP B 734 -20.76 11.38 -4.70
C ASP B 734 -20.26 11.85 -6.07
N PRO B 735 -19.18 11.29 -6.66
CA PRO B 735 -18.80 11.72 -8.01
C PRO B 735 -19.84 11.37 -9.07
N ARG B 736 -19.56 11.75 -10.32
CA ARG B 736 -20.51 11.59 -11.41
C ARG B 736 -20.80 10.12 -11.74
N PHE B 737 -20.01 9.18 -11.25
CA PHE B 737 -20.18 7.77 -11.60
C PHE B 737 -21.08 7.09 -10.58
N ALA B 738 -22.17 6.48 -11.05
CA ALA B 738 -23.08 5.74 -10.21
C ALA B 738 -23.94 4.84 -11.09
N ARG B 739 -23.97 3.55 -10.78
CA ARG B 739 -24.65 2.56 -11.62
C ARG B 739 -25.84 1.94 -10.92
N GLY B 740 -25.64 1.35 -9.74
CA GLY B 740 -26.69 0.65 -9.03
C GLY B 740 -26.65 -0.85 -9.27
N VAL B 741 -27.64 -1.54 -8.71
CA VAL B 741 -27.73 -2.99 -8.78
C VAL B 741 -29.17 -3.38 -9.12
N LEU B 742 -29.32 -4.42 -9.92
CA LEU B 742 -30.62 -4.95 -10.29
C LEU B 742 -30.97 -6.09 -9.35
N LYS B 743 -31.60 -5.75 -8.23
CA LYS B 743 -31.96 -6.72 -7.21
C LYS B 743 -33.33 -7.32 -7.51
N CYS B 744 -33.50 -8.59 -7.14
CA CYS B 744 -34.75 -9.31 -7.32
C CYS B 744 -35.60 -9.22 -6.05
N ASP B 745 -36.80 -9.79 -6.12
CA ASP B 745 -37.72 -9.71 -5.00
C ASP B 745 -37.26 -10.57 -3.82
N ILE B 746 -36.57 -11.68 -4.09
CA ILE B 746 -36.16 -12.58 -3.02
C ILE B 746 -35.21 -11.88 -2.06
N SER B 747 -35.41 -12.11 -0.76
CA SER B 747 -34.60 -11.46 0.26
C SER B 747 -33.97 -12.51 1.18
N ASP B 748 -33.37 -12.04 2.28
CA ASP B 748 -32.71 -12.95 3.22
C ASP B 748 -33.70 -13.94 3.83
N LEU B 749 -34.88 -13.45 4.21
CA LEU B 749 -35.87 -14.31 4.86
C LEU B 749 -36.34 -15.42 3.93
N SER B 750 -36.56 -15.09 2.66
CA SER B 750 -37.11 -16.07 1.72
C SER B 750 -36.12 -17.19 1.44
N LEU B 751 -34.87 -16.84 1.13
CA LEU B 751 -33.90 -17.85 0.75
C LEU B 751 -33.50 -18.73 1.93
N ILE B 752 -33.36 -18.13 3.12
CA ILE B 752 -32.95 -18.91 4.30
C ILE B 752 -34.01 -19.94 4.66
N CYS B 753 -35.28 -19.52 4.67
CA CYS B 753 -36.36 -20.45 4.99
C CYS B 753 -36.47 -21.55 3.95
N LEU B 754 -36.34 -21.19 2.67
CA LEU B 754 -36.41 -22.20 1.61
C LEU B 754 -35.22 -23.15 1.68
N LEU B 755 -34.01 -22.60 1.83
CA LEU B 755 -32.84 -23.45 1.98
C LEU B 755 -32.84 -24.18 3.31
N GLY B 756 -33.55 -23.64 4.32
CA GLY B 756 -33.60 -24.28 5.61
C GLY B 756 -34.23 -25.65 5.57
N TYR B 757 -35.26 -25.82 4.72
CA TYR B 757 -35.88 -27.13 4.59
C TYR B 757 -34.89 -28.16 4.05
N SER B 758 -34.09 -27.79 3.05
CA SER B 758 -33.02 -28.66 2.59
C SER B 758 -31.99 -28.90 3.69
N MET B 759 -31.64 -27.84 4.43
CA MET B 759 -30.75 -28.00 5.58
C MET B 759 -31.39 -28.88 6.64
N LEU B 760 -32.71 -28.73 6.85
CA LEU B 760 -33.41 -29.63 7.77
C LEU B 760 -33.30 -31.08 7.28
N LEU B 761 -33.32 -31.28 5.97
CA LEU B 761 -33.12 -32.60 5.40
C LEU B 761 -31.66 -33.05 5.44
N MET B 762 -30.72 -32.13 5.71
CA MET B 762 -29.31 -32.49 5.73
C MET B 762 -28.93 -33.18 7.03
N VAL B 763 -29.40 -32.65 8.16
CA VAL B 763 -29.03 -33.21 9.46
C VAL B 763 -29.61 -34.59 9.64
N THR B 764 -30.86 -34.79 9.21
CA THR B 764 -31.51 -36.10 9.40
C THR B 764 -30.83 -37.19 8.58
N CYS B 765 -30.30 -36.86 7.40
CA CYS B 765 -29.56 -37.84 6.63
C CYS B 765 -28.24 -38.20 7.31
N THR B 766 -27.53 -37.20 7.83
CA THR B 766 -26.27 -37.46 8.51
C THR B 766 -26.49 -38.28 9.78
N VAL B 767 -27.55 -37.96 10.53
CA VAL B 767 -27.83 -38.68 11.77
C VAL B 767 -28.15 -40.15 11.46
N TYR B 768 -28.97 -40.40 10.45
CA TYR B 768 -29.31 -41.78 10.09
C TYR B 768 -28.09 -42.52 9.55
N ALA B 769 -27.28 -41.85 8.72
CA ALA B 769 -26.12 -42.52 8.13
C ALA B 769 -25.04 -42.80 9.17
N ILE B 770 -24.88 -41.91 10.15
CA ILE B 770 -23.86 -42.12 11.18
C ILE B 770 -24.23 -43.29 12.07
N LYS B 771 -25.52 -43.48 12.35
CA LYS B 771 -25.95 -44.56 13.22
C LYS B 771 -25.64 -45.92 12.61
N THR B 772 -25.85 -46.07 11.30
CA THR B 772 -25.62 -47.35 10.62
C THR B 772 -24.17 -47.50 10.17
N ARG B 773 -23.23 -47.27 11.09
CA ARG B 773 -21.82 -47.44 10.74
C ARG B 773 -21.46 -48.91 10.57
N GLY B 774 -22.06 -49.77 11.38
CA GLY B 774 -21.88 -51.20 11.18
C GLY B 774 -22.48 -51.65 9.86
N VAL B 775 -21.93 -52.73 9.31
CA VAL B 775 -22.26 -53.20 7.97
C VAL B 775 -23.75 -53.49 7.85
N PRO B 776 -24.49 -52.68 7.11
CA PRO B 776 -25.92 -52.95 6.91
C PRO B 776 -26.20 -53.74 5.65
N GLU B 777 -27.47 -54.02 5.37
CA GLU B 777 -27.82 -54.64 4.10
C GLU B 777 -27.47 -53.71 2.94
N THR B 778 -27.49 -54.27 1.73
CA THR B 778 -27.10 -53.56 0.51
C THR B 778 -25.66 -53.05 0.63
N PHE B 779 -24.74 -54.03 0.66
CA PHE B 779 -23.33 -53.74 0.91
C PHE B 779 -22.78 -52.71 -0.07
N ASN B 780 -23.14 -52.83 -1.35
CA ASN B 780 -22.55 -51.99 -2.39
C ASN B 780 -23.00 -50.53 -2.31
N GLU B 781 -24.04 -50.23 -1.54
CA GLU B 781 -24.58 -48.87 -1.45
C GLU B 781 -24.80 -48.48 0.01
N ALA B 782 -23.81 -48.74 0.84
CA ALA B 782 -23.83 -48.35 2.25
C ALA B 782 -22.71 -47.40 2.61
N LYS B 783 -21.52 -47.58 2.06
CA LYS B 783 -20.38 -46.70 2.30
C LYS B 783 -20.49 -45.39 1.50
N PRO B 784 -20.79 -45.43 0.19
CA PRO B 784 -20.91 -44.15 -0.54
C PRO B 784 -21.99 -43.23 0.02
N ILE B 785 -23.09 -43.77 0.53
CA ILE B 785 -24.14 -42.93 1.10
C ILE B 785 -23.63 -42.25 2.36
N GLY B 786 -22.96 -43.01 3.24
CA GLY B 786 -22.44 -42.43 4.47
C GLY B 786 -21.30 -41.45 4.24
N PHE B 787 -20.46 -41.72 3.24
CA PHE B 787 -19.33 -40.83 2.97
C PHE B 787 -19.76 -39.57 2.24
N THR B 788 -20.80 -39.65 1.40
CA THR B 788 -21.26 -38.47 0.68
C THR B 788 -21.83 -37.43 1.64
N MET B 789 -22.58 -37.87 2.65
CA MET B 789 -23.19 -36.93 3.59
C MET B 789 -22.14 -36.15 4.35
N TYR B 790 -21.08 -36.82 4.80
CA TYR B 790 -19.97 -36.10 5.43
C TYR B 790 -19.29 -35.17 4.42
N THR B 791 -19.11 -35.63 3.19
CA THR B 791 -18.51 -34.79 2.15
C THR B 791 -19.39 -33.59 1.84
N THR B 792 -20.71 -33.81 1.72
CA THR B 792 -21.62 -32.72 1.40
C THR B 792 -21.71 -31.71 2.54
N CYS B 793 -21.72 -32.19 3.78
CA CYS B 793 -21.84 -31.29 4.93
C CYS B 793 -20.66 -30.34 5.02
N ILE B 794 -19.49 -30.75 4.54
CA ILE B 794 -18.33 -29.85 4.52
C ILE B 794 -18.61 -28.63 3.64
N VAL B 795 -19.29 -28.85 2.52
CA VAL B 795 -19.60 -27.74 1.61
C VAL B 795 -20.53 -26.74 2.29
N TRP B 796 -21.58 -27.23 2.94
CA TRP B 796 -22.55 -26.32 3.55
C TRP B 796 -22.05 -25.71 4.85
N LEU B 797 -21.25 -26.45 5.63
CA LEU B 797 -20.67 -25.88 6.84
C LEU B 797 -19.70 -24.76 6.51
N ALA B 798 -18.98 -24.87 5.40
CA ALA B 798 -18.12 -23.80 4.93
C ALA B 798 -18.88 -22.71 4.20
N PHE B 799 -20.17 -22.91 3.95
CA PHE B 799 -21.00 -21.87 3.35
C PHE B 799 -21.58 -20.91 4.39
N ILE B 800 -21.57 -21.30 5.67
CA ILE B 800 -22.01 -20.39 6.73
C ILE B 800 -21.21 -19.09 6.74
N PRO B 801 -19.87 -19.11 6.71
CA PRO B 801 -19.14 -17.82 6.69
C PRO B 801 -19.26 -17.08 5.38
N ILE B 802 -19.66 -17.75 4.29
CA ILE B 802 -19.88 -17.05 3.04
C ILE B 802 -21.12 -16.17 3.14
N PHE B 803 -22.21 -16.69 3.70
CA PHE B 803 -23.42 -15.91 3.84
C PHE B 803 -23.22 -14.75 4.82
N PHE B 804 -22.70 -15.04 6.01
CA PHE B 804 -22.41 -14.00 6.98
C PHE B 804 -20.96 -13.52 6.86
N GLY B 805 -20.51 -13.27 5.63
CA GLY B 805 -19.17 -12.77 5.42
C GLY B 805 -19.06 -11.79 4.27
N THR B 806 -20.18 -11.50 3.61
CA THR B 806 -20.15 -10.67 2.42
C THR B 806 -21.27 -9.64 2.35
N SER B 807 -22.14 -9.56 3.36
CA SER B 807 -23.21 -8.57 3.39
C SER B 807 -22.73 -7.20 3.88
N GLN B 808 -21.43 -6.95 3.86
CA GLN B 808 -20.84 -5.74 4.42
C GLN B 808 -20.40 -4.76 3.34
N SER B 809 -19.53 -5.20 2.42
CA SER B 809 -18.89 -4.30 1.47
C SER B 809 -19.22 -4.62 0.02
N ALA B 810 -19.20 -5.89 -0.37
CA ALA B 810 -19.29 -6.26 -1.77
C ALA B 810 -20.66 -5.94 -2.35
N ASP B 811 -20.73 -5.96 -3.68
CA ASP B 811 -21.98 -5.67 -4.38
C ASP B 811 -22.96 -6.81 -4.20
N LYS B 812 -24.22 -6.48 -3.90
CA LYS B 812 -25.27 -7.47 -3.74
C LYS B 812 -26.00 -7.72 -5.06
N LEU B 813 -25.24 -7.99 -6.10
CA LEU B 813 -25.77 -8.27 -7.43
C LEU B 813 -25.23 -9.56 -8.01
N TYR B 814 -23.95 -9.88 -7.77
CA TYR B 814 -23.32 -11.07 -8.31
C TYR B 814 -22.58 -11.86 -7.24
N ILE B 815 -22.86 -11.59 -5.96
CA ILE B 815 -22.26 -12.34 -4.87
C ILE B 815 -23.30 -13.15 -4.11
N GLN B 816 -24.54 -12.69 -4.02
CA GLN B 816 -25.62 -13.45 -3.41
C GLN B 816 -26.43 -14.24 -4.42
N THR B 817 -26.05 -14.21 -5.70
CA THR B 817 -26.75 -14.93 -6.75
C THR B 817 -25.89 -15.94 -7.47
N THR B 818 -24.59 -15.70 -7.60
CA THR B 818 -23.68 -16.63 -8.26
C THR B 818 -22.93 -17.52 -7.30
N THR B 819 -22.67 -17.07 -6.08
CA THR B 819 -22.01 -17.92 -5.09
C THR B 819 -22.97 -18.99 -4.56
N LEU B 820 -24.25 -18.65 -4.41
CA LEU B 820 -25.22 -19.61 -3.89
C LEU B 820 -25.39 -20.79 -4.85
N THR B 821 -25.44 -20.52 -6.16
CA THR B 821 -25.64 -21.59 -7.12
C THR B 821 -24.42 -22.48 -7.27
N VAL B 822 -23.24 -22.00 -6.89
CA VAL B 822 -22.05 -22.85 -6.91
C VAL B 822 -22.14 -23.91 -5.82
N SER B 823 -22.56 -23.50 -4.61
CA SER B 823 -22.74 -24.47 -3.53
C SER B 823 -23.83 -25.47 -3.88
N VAL B 824 -24.89 -25.02 -4.56
CA VAL B 824 -25.92 -25.94 -5.04
C VAL B 824 -25.32 -26.92 -6.04
N SER B 825 -24.49 -26.42 -6.96
CA SER B 825 -23.88 -27.30 -7.95
C SER B 825 -22.90 -28.28 -7.32
N LEU B 826 -22.07 -27.80 -6.39
CA LEU B 826 -21.13 -28.70 -5.71
C LEU B 826 -21.87 -29.73 -4.86
N SER B 827 -22.97 -29.32 -4.22
CA SER B 827 -23.74 -30.26 -3.40
C SER B 827 -24.26 -31.40 -4.26
N ALA B 828 -24.74 -31.09 -5.47
CA ALA B 828 -25.15 -32.15 -6.39
C ALA B 828 -23.95 -32.87 -6.99
N SER B 829 -22.86 -32.13 -7.23
CA SER B 829 -21.68 -32.74 -7.84
C SER B 829 -21.06 -33.80 -6.95
N VAL B 830 -20.92 -33.52 -5.65
CA VAL B 830 -20.34 -34.49 -4.74
C VAL B 830 -21.26 -35.67 -4.52
N SER B 831 -22.56 -35.52 -4.81
CA SER B 831 -23.49 -36.64 -4.71
C SER B 831 -23.56 -37.44 -6.01
N LEU B 832 -23.59 -36.74 -7.16
CA LEU B 832 -23.56 -37.43 -8.44
C LEU B 832 -22.23 -38.13 -8.66
N GLY B 833 -21.13 -37.47 -8.30
CA GLY B 833 -19.81 -38.04 -8.54
C GLY B 833 -19.54 -39.30 -7.74
N MET B 834 -19.92 -39.30 -6.47
CA MET B 834 -19.63 -40.45 -5.61
C MET B 834 -20.55 -41.63 -5.87
N LEU B 835 -21.79 -41.37 -6.28
CA LEU B 835 -22.79 -42.44 -6.38
C LEU B 835 -22.87 -43.05 -7.78
N TYR B 836 -23.07 -42.21 -8.81
CA TYR B 836 -23.33 -42.74 -10.14
C TYR B 836 -22.08 -42.90 -10.98
N MET B 837 -21.09 -42.02 -10.81
CA MET B 837 -19.87 -42.11 -11.62
C MET B 837 -19.13 -43.44 -11.44
N PRO B 838 -18.92 -43.96 -10.22
CA PRO B 838 -18.30 -45.29 -10.12
C PRO B 838 -19.10 -46.38 -10.81
N LYS B 839 -20.43 -46.30 -10.76
CA LYS B 839 -21.25 -47.29 -11.45
C LYS B 839 -21.06 -47.22 -12.96
N VAL B 840 -20.96 -46.01 -13.50
CA VAL B 840 -20.71 -45.86 -14.94
C VAL B 840 -19.34 -46.43 -15.29
N TYR B 841 -18.33 -46.16 -14.46
CA TYR B 841 -16.99 -46.68 -14.72
C TYR B 841 -16.97 -48.19 -14.69
N ILE B 842 -17.65 -48.80 -13.70
CA ILE B 842 -17.71 -50.25 -13.62
C ILE B 842 -18.49 -50.83 -14.79
N ILE B 843 -19.64 -50.22 -15.12
CA ILE B 843 -20.45 -50.76 -16.20
C ILE B 843 -19.80 -50.57 -17.57
N LEU B 844 -18.89 -49.61 -17.70
CA LEU B 844 -18.16 -49.45 -18.96
C LEU B 844 -17.23 -50.62 -19.20
N PHE B 845 -16.46 -50.99 -18.18
CA PHE B 845 -15.66 -52.22 -18.20
C PHE B 845 -16.43 -53.35 -17.49
N HIS B 846 -17.57 -53.69 -18.09
CA HIS B 846 -18.57 -54.61 -17.53
C HIS B 846 -17.93 -55.91 -17.07
N PRO B 847 -17.86 -56.15 -15.75
CA PRO B 847 -17.18 -57.35 -15.25
C PRO B 847 -18.08 -58.59 -15.26
N GLU B 848 -19.38 -58.38 -15.10
CA GLU B 848 -20.32 -59.50 -15.01
C GLU B 848 -20.50 -60.17 -16.38
N SER C 6 50.87 -41.11 -16.46
CA SER C 6 49.47 -41.18 -16.05
C SER C 6 48.56 -41.39 -17.26
N ALA C 7 49.16 -41.72 -18.40
CA ALA C 7 48.39 -41.97 -19.61
C ALA C 7 47.74 -43.35 -19.57
N GLU C 8 48.55 -44.40 -19.43
CA GLU C 8 48.00 -45.74 -19.31
C GLU C 8 47.19 -45.91 -18.02
N ASP C 9 47.57 -45.19 -16.96
CA ASP C 9 46.82 -45.25 -15.72
C ASP C 9 45.41 -44.70 -15.91
N LYS C 10 45.28 -43.62 -16.68
CA LYS C 10 43.96 -43.06 -16.96
C LYS C 10 43.10 -44.05 -17.73
N ALA C 11 43.69 -44.73 -18.70
CA ALA C 11 42.96 -45.75 -19.46
C ALA C 11 42.61 -46.94 -18.57
N ALA C 12 43.50 -47.29 -17.63
CA ALA C 12 43.21 -48.38 -16.71
C ALA C 12 42.01 -48.04 -15.82
N VAL C 13 41.93 -46.78 -15.36
CA VAL C 13 40.78 -46.36 -14.58
C VAL C 13 39.51 -46.41 -15.42
N GLU C 14 39.61 -46.07 -16.69
CA GLU C 14 38.45 -46.13 -17.58
C GLU C 14 37.93 -47.55 -17.71
N ARG C 15 38.85 -48.52 -17.84
CA ARG C 15 38.43 -49.93 -17.90
C ARG C 15 37.81 -50.36 -16.58
N SER C 16 38.37 -49.91 -15.46
CA SER C 16 37.82 -50.27 -14.15
C SER C 16 36.41 -49.75 -13.98
N LYS C 17 36.14 -48.54 -14.47
CA LYS C 17 34.78 -47.98 -14.39
C LYS C 17 33.80 -48.80 -15.22
N MET C 18 34.23 -49.27 -16.38
CA MET C 18 33.33 -50.05 -17.25
C MET C 18 32.94 -51.37 -16.59
N ILE C 19 33.93 -52.10 -16.06
CA ILE C 19 33.61 -53.37 -15.42
C ILE C 19 32.95 -53.17 -14.07
N ASP C 20 33.08 -51.99 -13.48
CA ASP C 20 32.34 -51.69 -12.26
C ASP C 20 30.84 -51.65 -12.54
N ARG C 21 30.44 -51.08 -13.68
CA ARG C 21 29.04 -51.09 -14.07
C ARG C 21 28.55 -52.51 -14.34
N ASN C 22 29.42 -53.34 -14.94
CA ASN C 22 29.04 -54.73 -15.21
C ASN C 22 28.74 -55.48 -13.92
N LEU C 23 29.58 -55.29 -12.89
CA LEU C 23 29.28 -55.88 -11.59
C LEU C 23 28.02 -55.28 -10.98
N ARG C 24 27.83 -53.97 -11.14
CA ARG C 24 26.66 -53.31 -10.57
C ARG C 24 25.37 -53.81 -11.21
N GLU C 25 25.34 -53.91 -12.54
CA GLU C 25 24.12 -54.33 -13.22
C GLU C 25 23.78 -55.79 -12.93
N ASP C 26 24.80 -56.63 -12.69
CA ASP C 26 24.55 -58.01 -12.31
C ASP C 26 24.02 -58.14 -10.90
N GLY C 27 24.17 -57.09 -10.08
CA GLY C 27 23.66 -57.15 -8.72
C GLY C 27 22.14 -57.23 -8.65
N GLU C 28 21.45 -56.41 -9.46
CA GLU C 28 20.00 -56.46 -9.48
C GLU C 28 19.50 -57.80 -10.02
N LYS C 29 20.16 -58.32 -11.06
CA LYS C 29 19.73 -59.60 -11.63
C LYS C 29 19.85 -60.72 -10.62
N ALA C 30 20.94 -60.76 -9.86
CA ALA C 30 21.07 -61.75 -8.79
C ALA C 30 20.06 -61.52 -7.69
N ALA C 31 19.79 -60.26 -7.36
CA ALA C 31 18.83 -59.92 -6.30
C ALA C 31 17.38 -59.99 -6.77
N ARG C 32 17.13 -60.09 -8.07
CA ARG C 32 15.76 -60.17 -8.58
C ARG C 32 15.20 -61.58 -8.55
N GLU C 33 15.98 -62.57 -8.11
CA GLU C 33 15.55 -63.96 -8.06
C GLU C 33 15.43 -64.42 -6.62
N VAL C 34 14.34 -65.13 -6.32
CA VAL C 34 14.12 -65.65 -4.94
C VAL C 34 15.01 -66.87 -4.72
N LYS C 35 15.46 -67.10 -3.49
CA LYS C 35 16.33 -68.27 -3.17
C LYS C 35 15.63 -69.14 -2.12
N LEU C 36 15.47 -70.44 -2.42
CA LEU C 36 14.80 -71.38 -1.48
C LEU C 36 15.72 -72.56 -1.20
N LEU C 37 15.71 -73.08 0.03
CA LEU C 37 16.62 -74.20 0.41
C LEU C 37 15.78 -75.45 0.71
N LEU C 38 15.99 -76.53 -0.04
CA LEU C 38 15.27 -77.80 0.21
C LEU C 38 15.93 -78.51 1.39
N LEU C 39 15.17 -78.80 2.46
CA LEU C 39 15.76 -79.40 3.68
C LEU C 39 14.98 -80.66 4.08
N GLY C 40 15.62 -81.58 4.80
CA GLY C 40 14.98 -82.80 5.22
C GLY C 40 15.69 -84.05 4.74
N ALA C 41 15.23 -85.19 5.25
CA ALA C 41 15.81 -86.47 4.89
C ALA C 41 15.50 -86.82 3.44
N GLY C 42 16.41 -87.57 2.82
CA GLY C 42 16.22 -87.94 1.44
C GLY C 42 15.11 -88.95 1.24
N GLU C 43 14.66 -89.07 -0.01
CA GLU C 43 13.57 -89.98 -0.39
C GLU C 43 12.31 -89.70 0.42
N SER C 44 12.04 -88.43 0.68
CA SER C 44 10.86 -88.01 1.43
C SER C 44 9.93 -87.14 0.59
N GLY C 45 10.07 -87.18 -0.74
CA GLY C 45 9.27 -86.37 -1.63
C GLY C 45 9.99 -85.23 -2.31
N LYS C 46 11.32 -85.19 -2.24
CA LYS C 46 12.06 -84.13 -2.91
C LYS C 46 12.00 -84.26 -4.41
N ASN C 47 11.88 -85.49 -4.92
CA ASN C 47 11.80 -85.68 -6.37
C ASN C 47 10.52 -85.06 -6.94
N THR C 48 9.41 -85.19 -6.22
CA THR C 48 8.13 -84.71 -6.73
C THR C 48 8.01 -83.19 -6.72
N ILE C 49 8.94 -82.49 -6.07
CA ILE C 49 8.90 -81.02 -6.00
C ILE C 49 9.99 -80.38 -6.82
N VAL C 50 10.81 -81.16 -7.53
CA VAL C 50 11.87 -80.60 -8.36
C VAL C 50 11.70 -80.97 -9.83
N LYS C 51 10.95 -82.03 -10.15
CA LYS C 51 10.83 -82.48 -11.53
C LYS C 51 10.04 -81.49 -12.39
N GLN C 52 8.96 -80.93 -11.84
CA GLN C 52 8.11 -80.01 -12.59
C GLN C 52 8.68 -78.59 -12.50
N MET C 53 9.70 -78.35 -13.30
CA MET C 53 10.35 -77.05 -13.39
C MET C 53 9.94 -76.34 -14.67
N LYS C 54 10.46 -75.13 -14.86
CA LYS C 54 10.15 -74.33 -16.04
C LYS C 54 11.41 -73.99 -16.81
N THR C 182 29.90 -85.18 -6.58
CA THR C 182 28.60 -84.99 -5.93
C THR C 182 28.50 -83.60 -5.32
N GLY C 183 27.72 -82.73 -5.95
CA GLY C 183 27.53 -81.38 -5.46
C GLY C 183 26.09 -80.95 -5.45
N ILE C 184 25.86 -79.64 -5.29
CA ILE C 184 24.45 -79.13 -5.18
C ILE C 184 23.94 -78.78 -6.58
N VAL C 185 22.61 -78.63 -6.73
CA VAL C 185 22.02 -78.35 -8.07
C VAL C 185 21.12 -77.12 -7.97
N GLU C 186 21.44 -76.05 -8.72
CA GLU C 186 20.57 -74.85 -8.74
C GLU C 186 19.65 -74.93 -9.97
N THR C 187 18.35 -75.12 -9.74
CA THR C 187 17.39 -75.27 -10.88
C THR C 187 16.68 -73.93 -11.12
N HIS C 188 16.38 -73.61 -12.39
CA HIS C 188 15.65 -72.38 -12.66
C HIS C 188 14.21 -72.70 -13.05
N PHE C 189 13.27 -71.95 -12.50
CA PHE C 189 11.89 -72.00 -12.96
C PHE C 189 11.24 -70.64 -12.69
N THR C 190 10.43 -70.18 -13.66
CA THR C 190 9.83 -68.86 -13.62
C THR C 190 8.32 -68.99 -13.75
N PHE C 191 7.60 -68.24 -12.92
CA PHE C 191 6.14 -68.23 -12.96
C PHE C 191 5.64 -66.87 -12.48
N LYS C 192 4.64 -66.35 -13.20
CA LYS C 192 4.02 -65.06 -12.86
C LYS C 192 5.05 -63.94 -12.82
N ASP C 193 5.97 -63.94 -13.78
CA ASP C 193 6.96 -62.88 -13.99
C ASP C 193 7.96 -62.77 -12.84
N LEU C 194 8.11 -63.80 -12.03
CA LEU C 194 9.14 -63.86 -10.99
C LEU C 194 10.08 -65.02 -11.27
N HIS C 195 11.37 -64.74 -11.27
CA HIS C 195 12.39 -65.76 -11.50
C HIS C 195 12.82 -66.37 -10.17
N PHE C 196 12.92 -67.70 -10.15
CA PHE C 196 13.33 -68.41 -8.91
C PHE C 196 14.55 -69.29 -9.19
N LYS C 197 15.43 -69.46 -8.19
CA LYS C 197 16.65 -70.29 -8.38
C LYS C 197 16.85 -71.19 -7.16
N MET C 198 16.07 -72.28 -7.06
CA MET C 198 16.16 -73.21 -5.90
C MET C 198 17.56 -73.85 -5.88
N PHE C 199 18.09 -74.11 -4.68
CA PHE C 199 19.43 -74.75 -4.56
C PHE C 199 19.25 -76.15 -3.96
N ASP C 200 19.54 -77.20 -4.74
CA ASP C 200 19.39 -78.59 -4.26
C ASP C 200 20.63 -78.99 -3.46
N VAL C 201 20.76 -78.46 -2.24
CA VAL C 201 21.92 -78.79 -1.36
C VAL C 201 21.59 -80.05 -0.56
N GLY C 202 22.48 -81.04 -0.55
CA GLY C 202 22.24 -82.30 0.19
C GLY C 202 23.26 -83.36 -0.22
N ALA C 203 23.45 -83.58 -1.52
CA ALA C 203 24.47 -84.53 -2.01
C ALA C 203 25.75 -84.35 -1.21
N GLN C 204 26.02 -83.12 -0.75
CA GLN C 204 27.23 -82.85 0.08
C GLN C 204 27.22 -83.81 1.28
N ARG C 205 28.32 -84.53 1.48
CA ARG C 205 28.42 -85.50 2.61
C ARG C 205 29.48 -85.01 3.60
N SER C 206 29.87 -83.74 3.52
CA SER C 206 30.92 -83.18 4.41
C SER C 206 30.30 -82.62 5.69
N GLU C 207 31.01 -81.75 6.39
CA GLU C 207 30.50 -81.18 7.68
C GLU C 207 29.17 -80.48 7.43
N ARG C 208 29.00 -79.85 6.27
CA ARG C 208 27.75 -79.09 5.96
C ARG C 208 27.74 -77.79 6.75
N LYS C 209 27.97 -77.87 8.07
CA LYS C 209 28.02 -76.66 8.93
C LYS C 209 29.06 -75.69 8.36
N LYS C 210 30.16 -76.22 7.81
CA LYS C 210 31.24 -75.35 7.27
C LYS C 210 30.69 -74.52 6.10
N TRP C 211 29.59 -74.94 5.49
CA TRP C 211 28.97 -74.13 4.40
C TRP C 211 27.48 -73.88 4.69
N ILE C 212 27.00 -74.23 5.89
CA ILE C 212 25.59 -73.90 6.23
C ILE C 212 25.47 -72.38 6.23
N HIS C 213 26.41 -71.69 6.89
CA HIS C 213 26.44 -70.23 6.86
C HIS C 213 26.66 -69.68 5.46
N CYS C 214 27.08 -70.54 4.53
CA CYS C 214 27.33 -70.10 3.13
C CYS C 214 26.01 -70.15 2.35
N PHE C 215 24.89 -70.34 3.05
CA PHE C 215 23.55 -70.37 2.38
C PHE C 215 22.60 -69.42 3.11
N GLU C 216 23.10 -68.23 3.48
CA GLU C 216 22.26 -67.24 4.21
C GLU C 216 21.58 -66.31 3.20
N GLY C 217 21.17 -65.11 3.64
CA GLY C 217 20.46 -64.21 2.77
C GLY C 217 19.31 -64.81 1.99
N VAL C 218 19.01 -66.10 2.18
CA VAL C 218 17.88 -66.71 1.49
C VAL C 218 16.58 -66.18 2.08
N THR C 219 15.64 -65.86 1.19
CA THR C 219 14.36 -65.33 1.65
C THR C 219 13.58 -66.35 2.47
N ALA C 220 13.60 -67.61 2.05
CA ALA C 220 12.86 -68.65 2.74
C ALA C 220 13.49 -70.00 2.43
N ILE C 221 13.14 -70.99 3.24
CA ILE C 221 13.59 -72.36 3.03
C ILE C 221 12.35 -73.24 2.90
N ILE C 222 12.50 -74.35 2.19
CA ILE C 222 11.42 -75.32 2.01
C ILE C 222 11.83 -76.62 2.67
N PHE C 223 10.96 -77.15 3.53
CA PHE C 223 11.20 -78.40 4.25
C PHE C 223 10.21 -79.43 3.77
N CYS C 224 10.71 -80.53 3.22
CA CYS C 224 9.87 -81.59 2.69
C CYS C 224 9.75 -82.72 3.70
N VAL C 225 8.53 -83.10 4.02
CA VAL C 225 8.25 -84.14 5.01
C VAL C 225 7.39 -85.21 4.35
N ALA C 226 7.76 -86.47 4.53
CA ALA C 226 6.98 -87.60 4.03
C ALA C 226 5.96 -88.00 5.08
N LEU C 227 4.68 -87.84 4.75
CA LEU C 227 3.62 -88.15 5.71
C LEU C 227 3.59 -89.64 6.05
N SER C 228 3.79 -90.50 5.05
CA SER C 228 3.76 -91.95 5.25
C SER C 228 5.14 -92.46 5.69
N ASP C 229 5.65 -91.85 6.76
CA ASP C 229 6.98 -92.28 7.30
C ASP C 229 6.93 -92.16 8.83
N TYR C 230 5.76 -91.82 9.38
CA TYR C 230 5.62 -91.66 10.86
C TYR C 230 5.64 -93.05 11.52
N ASP C 231 5.56 -94.10 10.71
CA ASP C 231 5.60 -95.50 11.25
C ASP C 231 6.96 -96.11 10.88
N LEU C 232 7.36 -96.02 9.61
CA LEU C 232 8.64 -96.56 9.17
C LEU C 232 9.74 -96.24 10.18
N VAL C 233 10.61 -97.22 10.41
CA VAL C 233 11.73 -97.08 11.33
C VAL C 233 13.01 -97.45 10.58
N LEU C 234 14.07 -96.67 10.80
CA LEU C 234 15.34 -96.92 10.14
C LEU C 234 15.85 -98.31 10.49
N ALA C 235 16.11 -99.12 9.46
CA ALA C 235 16.59 -100.48 9.68
C ALA C 235 17.97 -100.50 10.34
N GLU C 236 18.87 -99.63 9.87
CA GLU C 236 20.22 -99.60 10.43
C GLU C 236 20.21 -99.14 11.89
N ASP C 237 19.46 -98.09 12.19
CA ASP C 237 19.41 -97.60 13.57
C ASP C 237 18.57 -98.51 14.45
N GLU C 238 17.43 -98.96 13.95
CA GLU C 238 16.52 -99.86 14.66
C GLU C 238 15.96 -99.23 15.93
N GLU C 239 16.26 -97.95 16.16
CA GLU C 239 15.77 -97.24 17.34
C GLU C 239 15.21 -95.85 17.04
N MET C 240 15.57 -95.24 15.92
CA MET C 240 15.10 -93.91 15.57
C MET C 240 14.06 -93.99 14.46
N ASN C 241 12.92 -93.34 14.68
CA ASN C 241 11.86 -93.34 13.68
C ASN C 241 12.24 -92.46 12.50
N ARG C 242 11.65 -92.76 11.34
CA ARG C 242 11.91 -91.97 10.15
C ARG C 242 11.42 -90.54 10.33
N MET C 243 10.23 -90.36 10.90
CA MET C 243 9.71 -89.03 11.14
C MET C 243 10.41 -88.36 12.32
N HIS C 244 10.74 -89.13 13.36
CA HIS C 244 11.42 -88.57 14.52
C HIS C 244 12.82 -88.06 14.16
N ALA C 245 13.47 -88.69 13.17
CA ALA C 245 14.76 -88.19 12.71
C ALA C 245 14.61 -86.80 12.09
N SER C 246 13.52 -86.58 11.35
CA SER C 246 13.27 -85.25 10.78
C SER C 246 13.02 -84.21 11.86
N MET C 247 12.48 -84.63 13.02
CA MET C 247 12.24 -83.69 14.10
C MET C 247 13.54 -83.08 14.62
N LYS C 248 14.57 -83.90 14.78
CA LYS C 248 15.87 -83.38 15.21
C LYS C 248 16.47 -82.45 14.17
N LEU C 249 16.37 -82.82 12.89
CA LEU C 249 16.91 -81.97 11.83
C LEU C 249 16.13 -80.67 11.72
N PHE C 250 14.80 -80.74 11.82
CA PHE C 250 13.99 -79.53 11.74
C PHE C 250 14.26 -78.60 12.91
N ASP C 251 14.42 -79.15 14.11
CA ASP C 251 14.69 -78.33 15.28
C ASP C 251 16.03 -77.62 15.16
N SER C 252 17.06 -78.33 14.68
CA SER C 252 18.38 -77.73 14.56
C SER C 252 18.38 -76.60 13.53
N ILE C 253 17.66 -76.78 12.42
CA ILE C 253 17.65 -75.77 11.36
C ILE C 253 17.01 -74.48 11.85
N CYS C 254 15.88 -74.57 12.55
CA CYS C 254 15.18 -73.38 12.99
C CYS C 254 15.84 -72.71 14.19
N ASN C 255 16.43 -73.49 15.10
CA ASN C 255 16.94 -72.95 16.35
C ASN C 255 18.30 -72.28 16.23
N ASN C 256 19.03 -72.49 15.12
CA ASN C 256 20.36 -71.92 15.00
C ASN C 256 20.27 -70.41 14.82
N LYS C 257 21.38 -69.73 15.15
CA LYS C 257 21.43 -68.27 15.03
C LYS C 257 21.52 -67.82 13.58
N TRP C 258 21.91 -68.70 12.66
CA TRP C 258 22.08 -68.31 11.27
C TRP C 258 20.73 -68.06 10.59
N PHE C 259 19.74 -68.92 10.87
CA PHE C 259 18.45 -68.87 10.20
C PHE C 259 17.36 -68.21 11.04
N THR C 260 17.74 -67.25 11.88
CA THR C 260 16.75 -66.56 12.70
C THR C 260 15.94 -65.55 11.90
N ASP C 261 16.50 -65.05 10.80
CA ASP C 261 15.87 -63.99 10.01
C ASP C 261 15.18 -64.51 8.76
N THR C 262 15.05 -65.82 8.60
CA THR C 262 14.42 -66.41 7.42
C THR C 262 13.19 -67.21 7.82
N SER C 263 12.22 -67.24 6.92
CA SER C 263 10.97 -67.97 7.14
C SER C 263 11.12 -69.43 6.77
N ILE C 264 10.15 -70.23 7.20
CA ILE C 264 10.15 -71.67 7.00
C ILE C 264 8.92 -72.04 6.19
N ILE C 265 9.12 -72.82 5.13
CA ILE C 265 8.03 -73.34 4.32
C ILE C 265 8.00 -74.85 4.48
N LEU C 266 6.83 -75.38 4.85
CA LEU C 266 6.66 -76.81 5.12
C LEU C 266 5.89 -77.47 3.99
N PHE C 267 6.42 -78.56 3.48
CA PHE C 267 5.75 -79.37 2.46
C PHE C 267 5.54 -80.78 2.99
N LEU C 268 4.36 -81.32 2.74
CA LEU C 268 4.01 -82.68 3.12
C LEU C 268 3.79 -83.49 1.85
N ASN C 269 4.47 -84.63 1.75
CA ASN C 269 4.46 -85.43 0.53
C ASN C 269 3.67 -86.71 0.73
N LYS C 270 2.98 -87.14 -0.33
CA LYS C 270 2.26 -88.41 -0.37
C LYS C 270 1.21 -88.49 0.74
N LYS C 271 0.20 -87.61 0.63
CA LYS C 271 -0.90 -87.65 1.59
C LYS C 271 -1.82 -88.82 1.31
N ASP C 272 -1.84 -89.31 0.08
CA ASP C 272 -2.71 -90.44 -0.27
C ASP C 272 -2.30 -91.69 0.51
N LEU C 273 -0.99 -91.92 0.62
CA LEU C 273 -0.50 -93.08 1.41
C LEU C 273 -0.74 -92.79 2.89
N PHE C 274 -0.48 -91.55 3.33
CA PHE C 274 -0.71 -91.18 4.75
C PHE C 274 -2.19 -91.34 5.08
N GLU C 275 -3.07 -90.87 4.19
CA GLU C 275 -4.53 -91.02 4.41
C GLU C 275 -4.87 -92.51 4.47
N GLU C 276 -4.25 -93.30 3.59
CA GLU C 276 -4.49 -94.78 3.59
C GLU C 276 -3.96 -95.37 4.90
N LYS C 277 -2.82 -94.87 5.39
CA LYS C 277 -2.20 -95.42 6.63
C LYS C 277 -2.73 -94.67 7.85
N ILE C 278 -3.48 -93.58 7.65
CA ILE C 278 -3.94 -92.77 8.82
C ILE C 278 -4.77 -93.67 9.74
N LYS C 279 -5.59 -94.55 9.16
CA LYS C 279 -6.40 -95.50 9.96
C LYS C 279 -5.67 -96.85 9.99
N LYS C 280 -5.03 -97.22 8.88
CA LYS C 280 -4.28 -98.51 8.81
C LYS C 280 -3.21 -98.52 9.91
N SER C 281 -2.46 -97.43 10.03
CA SER C 281 -1.44 -97.31 11.11
C SER C 281 -1.88 -96.23 12.10
N PRO C 282 -2.01 -96.53 13.41
CA PRO C 282 -2.50 -95.55 14.38
C PRO C 282 -1.58 -94.32 14.44
N LEU C 283 -2.17 -93.13 14.56
CA LEU C 283 -1.36 -91.89 14.67
C LEU C 283 -0.37 -92.05 15.83
N THR C 284 -0.71 -92.86 16.83
CA THR C 284 0.18 -93.09 18.00
C THR C 284 1.58 -93.49 17.50
N ILE C 285 1.65 -94.33 16.47
CA ILE C 285 2.99 -94.82 16.00
C ILE C 285 3.95 -93.64 15.93
N CYS C 286 3.46 -92.46 15.50
CA CYS C 286 4.31 -91.24 15.48
C CYS C 286 4.04 -90.43 16.75
N TYR C 287 2.77 -90.27 17.11
CA TYR C 287 2.39 -89.47 18.31
C TYR C 287 1.63 -90.37 19.29
N PRO C 288 2.32 -91.12 20.17
CA PRO C 288 1.66 -91.99 21.14
C PRO C 288 0.74 -91.16 22.03
N GLU C 289 1.17 -89.95 22.39
CA GLU C 289 0.31 -89.05 23.21
C GLU C 289 -1.00 -88.82 22.46
N TYR C 290 -0.94 -88.68 21.14
CA TYR C 290 -2.17 -88.49 20.32
C TYR C 290 -3.10 -89.69 20.53
N ALA C 291 -4.35 -89.43 20.92
CA ALA C 291 -5.33 -90.52 21.12
C ALA C 291 -6.60 -90.20 20.33
N GLY C 292 -6.56 -89.16 19.49
CA GLY C 292 -7.74 -88.75 18.71
C GLY C 292 -8.08 -89.77 17.63
N SER C 293 -9.32 -89.75 17.13
CA SER C 293 -9.72 -90.67 16.04
C SER C 293 -8.67 -90.63 14.92
N ASN C 294 -8.44 -91.77 14.27
CA ASN C 294 -7.46 -91.84 13.15
C ASN C 294 -8.01 -91.04 11.96
N THR C 295 -9.21 -90.48 12.10
CA THR C 295 -9.81 -89.65 11.02
C THR C 295 -8.73 -88.72 10.45
N TYR C 296 -8.52 -88.74 9.13
CA TYR C 296 -7.44 -87.94 8.52
C TYR C 296 -7.52 -86.48 9.02
N GLU C 297 -8.65 -85.80 8.77
CA GLU C 297 -8.72 -84.40 9.13
C GLU C 297 -8.18 -84.16 10.54
N GLU C 298 -8.59 -85.00 11.49
CA GLU C 298 -8.18 -84.78 12.91
C GLU C 298 -6.67 -85.03 13.04
N ALA C 299 -6.19 -86.18 12.55
CA ALA C 299 -4.76 -86.53 12.70
C ALA C 299 -3.90 -85.46 12.02
N ALA C 300 -4.26 -85.06 10.80
CA ALA C 300 -3.47 -84.05 10.06
C ALA C 300 -3.35 -82.78 10.89
N ALA C 301 -4.38 -82.44 11.68
CA ALA C 301 -4.36 -81.22 12.48
C ALA C 301 -3.34 -81.32 13.61
N TYR C 302 -3.26 -82.46 14.29
CA TYR C 302 -2.33 -82.60 15.41
C TYR C 302 -0.89 -82.61 14.93
N ILE C 303 -0.60 -83.34 13.85
CA ILE C 303 0.78 -83.41 13.37
C ILE C 303 1.25 -82.07 12.85
N GLN C 304 0.35 -81.29 12.24
CA GLN C 304 0.72 -79.96 11.75
C GLN C 304 1.11 -79.04 12.89
N CYS C 305 0.34 -79.06 13.98
CA CYS C 305 0.66 -78.23 15.13
C CYS C 305 1.92 -78.67 15.85
N GLN C 306 2.32 -79.93 15.70
CA GLN C 306 3.53 -80.43 16.33
C GLN C 306 4.81 -79.99 15.61
N PHE C 307 4.70 -79.44 14.40
CA PHE C 307 5.88 -78.96 13.71
C PHE C 307 6.39 -77.65 14.29
N GLU C 308 5.49 -76.72 14.59
CA GLU C 308 5.88 -75.35 14.91
C GLU C 308 6.22 -75.12 16.37
N ASP C 309 5.92 -76.07 17.26
CA ASP C 309 6.19 -75.88 18.69
C ASP C 309 7.55 -76.46 19.09
N LEU C 310 8.61 -76.05 18.39
CA LEU C 310 9.95 -76.48 18.73
C LEU C 310 10.89 -75.29 18.90
N ASN C 311 10.65 -74.22 18.16
CA ASN C 311 11.51 -73.05 18.22
C ASN C 311 11.27 -72.29 19.53
N LYS C 312 12.38 -71.89 20.16
CA LYS C 312 12.27 -71.13 21.40
C LYS C 312 11.61 -69.79 21.17
N ARG C 313 11.98 -69.10 20.09
CA ARG C 313 11.41 -67.81 19.75
C ARG C 313 10.64 -67.94 18.43
N LYS C 314 9.39 -67.46 18.42
CA LYS C 314 8.56 -67.52 17.24
C LYS C 314 7.99 -66.15 16.85
N ASP C 315 8.41 -65.08 17.53
CA ASP C 315 7.92 -63.76 17.18
C ASP C 315 8.38 -63.35 15.80
N THR C 316 9.64 -63.61 15.47
CA THR C 316 10.20 -63.29 14.16
C THR C 316 10.28 -64.50 13.24
N LYS C 317 9.73 -65.63 13.65
CA LYS C 317 9.76 -66.86 12.85
C LYS C 317 8.34 -67.21 12.43
N GLU C 318 8.15 -67.47 11.14
CA GLU C 318 6.86 -67.86 10.59
C GLU C 318 7.02 -69.14 9.79
N ILE C 319 6.02 -70.01 9.89
CA ILE C 319 6.01 -71.29 9.20
C ILE C 319 4.77 -71.36 8.32
N TYR C 320 4.97 -71.70 7.05
CA TYR C 320 3.89 -71.78 6.06
C TYR C 320 3.68 -73.25 5.71
N THR C 321 2.83 -73.92 6.50
CA THR C 321 2.56 -75.33 6.29
C THR C 321 1.65 -75.54 5.09
N HIS C 322 1.97 -76.56 4.29
CA HIS C 322 1.17 -76.91 3.12
C HIS C 322 1.12 -78.43 3.00
N PHE C 323 0.11 -78.91 2.27
CA PHE C 323 -0.13 -80.34 2.12
C PHE C 323 0.26 -80.90 0.76
N THR C 324 0.38 -80.05 -0.26
CA THR C 324 0.76 -80.45 -1.61
C THR C 324 -0.06 -81.64 -2.11
N CYS C 325 0.59 -82.58 -2.77
CA CYS C 325 -0.08 -83.77 -3.30
C CYS C 325 0.97 -84.82 -3.62
N SER C 326 0.50 -86.03 -3.91
CA SER C 326 1.40 -87.08 -4.38
C SER C 326 2.04 -86.70 -5.70
N THR C 327 1.25 -86.15 -6.63
CA THR C 327 1.78 -85.59 -7.85
C THR C 327 2.24 -84.15 -7.68
N ASP C 328 1.62 -83.42 -6.75
CA ASP C 328 1.99 -82.04 -6.42
C ASP C 328 1.92 -81.14 -7.65
N THR C 329 0.74 -81.13 -8.27
CA THR C 329 0.54 -80.33 -9.48
C THR C 329 0.37 -78.85 -9.17
N LYS C 330 -0.28 -78.51 -8.06
CA LYS C 330 -0.63 -77.13 -7.74
C LYS C 330 0.21 -76.57 -6.60
N ASN C 331 1.34 -77.21 -6.28
CA ASN C 331 2.19 -76.68 -5.21
C ASN C 331 2.95 -75.43 -5.63
N VAL C 332 3.06 -75.16 -6.93
CA VAL C 332 3.79 -74.00 -7.40
C VAL C 332 3.10 -72.71 -6.96
N GLN C 333 1.76 -72.71 -6.93
CA GLN C 333 1.04 -71.52 -6.52
C GLN C 333 1.31 -71.16 -5.06
N PHE C 334 1.39 -72.16 -4.18
CA PHE C 334 1.61 -71.89 -2.77
C PHE C 334 2.98 -71.28 -2.53
N VAL C 335 4.02 -71.85 -3.14
CA VAL C 335 5.37 -71.34 -2.91
C VAL C 335 5.52 -69.94 -3.49
N PHE C 336 4.80 -69.63 -4.58
CA PHE C 336 4.80 -68.27 -5.10
C PHE C 336 4.17 -67.30 -4.11
N ASP C 337 3.08 -67.72 -3.45
CA ASP C 337 2.43 -66.87 -2.48
C ASP C 337 3.25 -66.79 -1.19
N ALA C 338 3.89 -67.90 -0.80
CA ALA C 338 4.64 -67.93 0.45
C ALA C 338 5.82 -66.97 0.41
N VAL C 339 6.55 -66.94 -0.70
CA VAL C 339 7.70 -66.03 -0.80
C VAL C 339 7.25 -64.58 -0.85
N THR C 340 6.08 -64.31 -1.44
CA THR C 340 5.59 -62.94 -1.50
C THR C 340 5.29 -62.39 -0.11
N ASP C 341 4.79 -63.24 0.78
CA ASP C 341 4.51 -62.81 2.14
C ASP C 341 5.78 -62.41 2.88
N VAL C 342 6.86 -63.17 2.70
CA VAL C 342 8.11 -62.87 3.39
C VAL C 342 8.93 -61.80 2.67
N ILE C 343 8.74 -61.63 1.36
CA ILE C 343 9.45 -60.57 0.65
C ILE C 343 8.98 -59.20 1.15
N ILE C 344 7.67 -59.03 1.28
CA ILE C 344 7.13 -57.77 1.81
C ILE C 344 7.51 -57.60 3.27
N LYS C 345 7.45 -58.68 4.05
CA LYS C 345 7.78 -58.60 5.47
C LYS C 345 9.24 -58.22 5.67
N ASN C 346 10.14 -58.77 4.85
CA ASN C 346 11.56 -58.44 4.98
C ASN C 346 11.83 -56.97 4.67
N ASN C 347 11.16 -56.44 3.65
CA ASN C 347 11.36 -55.03 3.29
C ASN C 347 10.90 -54.11 4.41
N LEU C 348 9.78 -54.42 5.04
CA LEU C 348 9.26 -53.55 6.10
C LEU C 348 10.10 -53.60 7.36
N LYS C 349 10.80 -54.71 7.60
CA LYS C 349 11.62 -54.83 8.80
C LYS C 349 12.76 -53.83 8.78
N ASP C 350 13.43 -53.67 7.64
CA ASP C 350 14.54 -52.72 7.56
C ASP C 350 14.03 -51.29 7.54
N CYS C 351 12.95 -51.02 6.79
CA CYS C 351 12.43 -49.67 6.66
C CYS C 351 11.85 -49.14 7.96
N GLY C 352 11.59 -50.01 8.94
CA GLY C 352 11.00 -49.60 10.19
C GLY C 352 9.50 -49.43 10.18
N LEU C 353 8.83 -49.71 9.05
CA LEU C 353 7.38 -49.60 9.01
C LEU C 353 6.72 -50.69 9.85
N PHE C 354 7.41 -51.79 10.12
CA PHE C 354 6.88 -52.85 10.95
C PHE C 354 7.71 -53.01 12.22
N LEU D 18 46.08 -104.57 15.77
CA LEU D 18 44.89 -104.03 16.40
C LEU D 18 45.22 -102.85 17.29
N ARG D 19 44.22 -102.34 18.01
CA ARG D 19 44.42 -101.19 18.89
C ARG D 19 45.33 -101.51 20.06
N GLN D 20 45.44 -102.79 20.45
CA GLN D 20 46.32 -103.15 21.55
C GLN D 20 47.78 -102.86 21.22
N GLU D 21 48.20 -103.19 20.00
CA GLU D 21 49.58 -102.90 19.58
C GLU D 21 49.81 -101.41 19.45
N ALA D 22 48.82 -100.67 18.94
CA ALA D 22 48.97 -99.23 18.78
C ALA D 22 48.99 -98.50 20.11
N GLU D 23 48.45 -99.09 21.18
CA GLU D 23 48.47 -98.45 22.48
C GLU D 23 49.89 -98.24 22.98
N GLN D 24 50.75 -99.25 22.82
CA GLN D 24 52.15 -99.09 23.23
C GLN D 24 52.86 -98.03 22.38
N LEU D 25 52.59 -98.01 21.08
CA LEU D 25 53.19 -97.00 20.22
C LEU D 25 52.65 -95.61 20.55
N LYS D 26 51.37 -95.51 20.90
CA LYS D 26 50.80 -94.23 21.28
C LYS D 26 51.45 -93.68 22.53
N ASN D 27 51.70 -94.55 23.52
CA ASN D 27 52.37 -94.11 24.74
C ASN D 27 53.85 -93.86 24.53
N GLN D 28 54.48 -94.59 23.61
CA GLN D 28 55.92 -94.43 23.37
C GLN D 28 56.24 -93.05 22.83
N ILE D 29 55.44 -92.56 21.88
CA ILE D 29 55.71 -91.26 21.28
C ILE D 29 55.45 -90.14 22.29
N ARG D 30 54.48 -90.34 23.18
CA ARG D 30 54.19 -89.34 24.20
C ARG D 30 55.38 -89.15 25.15
N ASP D 31 56.07 -90.24 25.48
CA ASP D 31 57.25 -90.13 26.33
C ASP D 31 58.34 -89.31 25.65
N ALA D 32 58.54 -89.52 24.35
CA ALA D 32 59.51 -88.71 23.62
C ALA D 32 59.09 -87.24 23.57
N ARG D 33 57.80 -86.99 23.39
CA ARG D 33 57.31 -85.61 23.39
C ARG D 33 57.50 -84.95 24.74
N LYS D 34 57.29 -85.69 25.83
CA LYS D 34 57.46 -85.14 27.17
C LYS D 34 58.92 -84.76 27.42
N ALA D 35 59.85 -85.55 26.90
CA ALA D 35 61.27 -85.24 27.09
C ALA D 35 61.63 -83.91 26.44
N CYS D 36 61.13 -83.68 25.22
CA CYS D 36 61.35 -82.40 24.56
C CYS D 36 60.65 -81.26 25.29
N ALA D 37 59.43 -81.52 25.80
CA ALA D 37 58.69 -80.49 26.52
C ALA D 37 59.38 -80.10 27.83
N ASP D 38 60.07 -81.05 28.46
CA ASP D 38 60.77 -80.75 29.72
C ASP D 38 62.06 -79.98 29.50
N ALA D 39 62.61 -79.99 28.29
CA ALA D 39 63.89 -79.32 28.04
C ALA D 39 63.73 -77.81 28.05
N THR D 40 62.70 -77.30 27.37
CA THR D 40 62.47 -75.87 27.24
C THR D 40 61.00 -75.56 27.52
N LEU D 41 60.73 -74.27 27.75
CA LEU D 41 59.37 -73.80 28.03
C LEU D 41 58.94 -72.66 27.11
N SER D 42 59.77 -72.31 26.12
CA SER D 42 59.45 -71.27 25.14
C SER D 42 59.32 -69.89 25.78
N GLN D 43 59.63 -69.80 27.07
CA GLN D 43 59.60 -68.52 27.78
C GLN D 43 60.87 -68.29 28.59
N ILE D 44 61.97 -68.96 28.22
CA ILE D 44 63.22 -68.82 28.96
C ILE D 44 63.79 -67.42 28.82
N THR D 45 63.63 -66.82 27.64
CA THR D 45 64.21 -65.49 27.40
C THR D 45 63.44 -64.42 28.16
N ASN D 46 62.15 -64.24 27.82
CA ASN D 46 61.25 -63.27 28.44
C ASN D 46 61.76 -61.83 28.31
N ASN D 47 62.73 -61.58 27.44
CA ASN D 47 63.31 -60.25 27.23
C ASN D 47 63.46 -59.99 25.74
N ILE D 48 62.40 -60.27 24.98
CA ILE D 48 62.44 -60.12 23.52
C ILE D 48 62.25 -58.68 23.07
N ASP D 49 62.10 -57.73 24.00
CA ASP D 49 61.93 -56.32 23.69
C ASP D 49 60.74 -56.09 22.77
N PRO D 50 59.52 -56.25 23.26
CA PRO D 50 58.34 -56.05 22.39
C PRO D 50 58.28 -54.63 21.86
N VAL D 51 57.81 -54.50 20.62
CA VAL D 51 57.75 -53.19 19.97
C VAL D 51 56.68 -52.33 20.64
N GLY D 52 55.52 -52.89 20.93
CA GLY D 52 54.45 -52.14 21.56
C GLY D 52 53.31 -51.81 20.62
N ARG D 53 52.96 -50.53 20.52
CA ARG D 53 51.85 -50.11 19.68
C ARG D 53 52.27 -50.13 18.21
N ILE D 54 51.62 -50.98 17.42
CA ILE D 54 51.86 -51.08 15.99
C ILE D 54 50.56 -50.83 15.24
N GLN D 55 49.71 -49.96 15.81
CA GLN D 55 48.36 -49.77 15.31
C GLN D 55 48.35 -49.13 13.92
N MET D 56 48.30 -49.97 12.89
CA MET D 56 48.12 -49.50 11.52
C MET D 56 46.64 -49.30 11.25
N ARG D 57 46.29 -48.12 10.71
CA ARG D 57 44.92 -47.61 10.80
C ARG D 57 44.12 -47.73 9.51
N THR D 58 44.59 -47.10 8.43
CA THR D 58 43.67 -46.76 7.35
C THR D 58 44.44 -46.58 6.05
N ARG D 59 43.81 -45.88 5.09
CA ARG D 59 44.31 -45.51 3.75
C ARG D 59 44.10 -46.58 2.68
N ARG D 60 43.33 -47.62 2.95
CA ARG D 60 42.93 -48.57 1.91
C ARG D 60 41.52 -49.06 2.20
N THR D 61 40.59 -48.75 1.30
CA THR D 61 39.18 -49.09 1.47
C THR D 61 38.62 -49.65 0.16
N LEU D 62 39.32 -50.63 -0.41
CA LEU D 62 38.90 -51.22 -1.68
C LEU D 62 37.50 -51.81 -1.58
N ARG D 63 36.69 -51.54 -2.60
CA ARG D 63 35.31 -52.01 -2.67
C ARG D 63 35.07 -52.60 -4.07
N GLY D 64 33.86 -53.08 -4.29
CA GLY D 64 33.49 -53.61 -5.58
C GLY D 64 32.64 -54.87 -5.53
N HIS D 65 32.81 -55.67 -4.49
CA HIS D 65 32.02 -56.88 -4.35
C HIS D 65 30.60 -56.54 -3.92
N LEU D 66 29.71 -57.52 -4.10
CA LEU D 66 28.29 -57.33 -3.77
C LEU D 66 27.75 -58.49 -2.93
N ALA D 67 28.62 -59.31 -2.36
CA ALA D 67 28.18 -60.44 -1.56
C ALA D 67 29.25 -60.74 -0.51
N LYS D 68 29.11 -61.88 0.17
CA LYS D 68 30.07 -62.27 1.18
C LYS D 68 31.38 -62.72 0.55
N ILE D 69 32.47 -62.49 1.27
CA ILE D 69 33.83 -62.75 0.79
C ILE D 69 34.51 -63.74 1.72
N TYR D 70 35.11 -64.78 1.14
CA TYR D 70 35.78 -65.81 1.92
C TYR D 70 37.27 -65.93 1.66
N ALA D 71 37.76 -65.46 0.51
CA ALA D 71 39.16 -65.65 0.14
C ALA D 71 39.75 -64.37 -0.40
N MET D 72 41.05 -64.19 -0.14
CA MET D 72 41.79 -63.04 -0.67
C MET D 72 43.27 -63.41 -0.67
N HIS D 73 43.83 -63.64 -1.86
CA HIS D 73 45.20 -64.08 -2.02
C HIS D 73 46.02 -63.02 -2.73
N TRP D 74 47.26 -62.82 -2.27
CA TRP D 74 48.17 -61.85 -2.86
C TRP D 74 49.04 -62.52 -3.92
N GLY D 75 49.83 -61.68 -4.61
CA GLY D 75 50.76 -62.16 -5.60
C GLY D 75 52.19 -62.23 -5.07
N THR D 76 53.08 -62.76 -5.91
CA THR D 76 54.49 -62.84 -5.54
C THR D 76 55.15 -61.47 -5.61
N ASP D 77 54.65 -60.58 -6.46
CA ASP D 77 55.17 -59.23 -6.57
C ASP D 77 54.49 -58.26 -5.61
N SER D 78 53.54 -58.73 -4.80
CA SER D 78 52.79 -57.89 -3.87
C SER D 78 52.10 -56.75 -4.59
N ARG D 79 51.62 -57.02 -5.80
CA ARG D 79 50.93 -56.04 -6.62
C ARG D 79 49.50 -56.43 -6.96
N LEU D 80 49.26 -57.68 -7.31
CA LEU D 80 47.94 -58.14 -7.72
C LEU D 80 47.29 -58.94 -6.61
N LEU D 81 46.04 -58.61 -6.27
CA LEU D 81 45.29 -59.26 -5.22
C LEU D 81 43.99 -59.78 -5.80
N VAL D 82 43.67 -61.05 -5.53
CA VAL D 82 42.49 -61.70 -6.07
C VAL D 82 41.60 -62.13 -4.91
N SER D 83 40.29 -61.87 -5.04
CA SER D 83 39.32 -62.23 -4.03
C SER D 83 38.12 -62.89 -4.68
N ALA D 84 37.52 -63.84 -3.95
CA ALA D 84 36.36 -64.59 -4.42
C ALA D 84 35.17 -64.28 -3.53
N SER D 85 34.00 -64.16 -4.14
CA SER D 85 32.78 -63.81 -3.42
C SER D 85 31.63 -64.71 -3.87
N GLN D 86 30.50 -64.58 -3.17
CA GLN D 86 29.31 -65.34 -3.50
C GLN D 86 28.54 -64.79 -4.69
N ASP D 87 28.90 -63.58 -5.15
CA ASP D 87 28.23 -62.99 -6.30
C ASP D 87 28.54 -63.72 -7.61
N GLY D 88 29.52 -64.62 -7.60
CA GLY D 88 29.92 -65.28 -8.82
C GLY D 88 30.81 -64.46 -9.71
N LYS D 89 31.58 -63.53 -9.14
CA LYS D 89 32.46 -62.65 -9.89
C LYS D 89 33.83 -62.64 -9.21
N LEU D 90 34.82 -63.27 -9.83
CA LEU D 90 36.18 -63.20 -9.34
C LEU D 90 36.83 -61.91 -9.84
N ILE D 91 37.39 -61.13 -8.92
CA ILE D 91 37.95 -59.81 -9.24
C ILE D 91 39.40 -59.78 -8.80
N ILE D 92 40.27 -59.29 -9.67
CA ILE D 92 41.68 -59.09 -9.37
C ILE D 92 41.91 -57.62 -9.08
N TRP D 93 42.60 -57.33 -7.98
CA TRP D 93 42.80 -55.97 -7.50
C TRP D 93 44.28 -55.67 -7.37
N ASP D 94 44.61 -54.38 -7.45
CA ASP D 94 45.94 -53.88 -7.13
C ASP D 94 45.81 -52.79 -6.08
N SER D 95 46.60 -52.91 -5.01
CA SER D 95 46.44 -52.00 -3.88
C SER D 95 46.87 -50.58 -4.22
N TYR D 96 47.86 -50.42 -5.11
CA TYR D 96 48.43 -49.10 -5.36
C TYR D 96 47.41 -48.17 -6.03
N THR D 97 46.78 -48.64 -7.10
CA THR D 97 45.86 -47.81 -7.88
C THR D 97 44.40 -48.12 -7.60
N THR D 98 44.12 -49.09 -6.73
CA THR D 98 42.77 -49.48 -6.30
C THR D 98 41.74 -49.43 -7.44
N ASN D 99 42.12 -50.00 -8.57
CA ASN D 99 41.25 -50.08 -9.73
C ASN D 99 41.15 -51.54 -10.19
N LYS D 100 39.92 -51.96 -10.51
CA LYS D 100 39.71 -53.33 -10.93
C LYS D 100 40.33 -53.58 -12.30
N VAL D 101 40.97 -54.74 -12.45
CA VAL D 101 41.63 -55.09 -13.69
C VAL D 101 40.95 -56.25 -14.41
N HIS D 102 40.41 -57.23 -13.68
CA HIS D 102 39.75 -58.39 -14.29
C HIS D 102 38.52 -58.74 -13.45
N ALA D 103 37.36 -58.25 -13.87
CA ALA D 103 36.09 -58.59 -13.22
C ALA D 103 35.46 -59.80 -13.93
N ILE D 104 36.23 -60.89 -13.96
CA ILE D 104 35.88 -62.09 -14.72
C ILE D 104 34.70 -62.79 -14.06
N PRO D 105 33.85 -63.48 -14.82
CA PRO D 105 32.74 -64.20 -14.21
C PRO D 105 33.17 -65.55 -13.66
N LEU D 106 32.31 -66.11 -12.81
CA LEU D 106 32.58 -67.36 -12.12
C LEU D 106 31.41 -68.31 -12.32
N ARG D 107 31.70 -69.54 -12.75
CA ARG D 107 30.64 -70.52 -12.98
C ARG D 107 29.93 -70.89 -11.68
N SER D 108 30.69 -71.09 -10.61
CA SER D 108 30.12 -71.51 -9.33
C SER D 108 29.90 -70.29 -8.45
N SER D 109 28.71 -70.17 -7.88
CA SER D 109 28.42 -69.05 -6.93
C SER D 109 28.80 -69.47 -5.51
N TRP D 110 28.67 -70.78 -5.21
CA TRP D 110 29.00 -71.30 -3.86
C TRP D 110 30.49 -71.65 -3.80
N VAL D 111 31.37 -70.62 -3.80
CA VAL D 111 32.84 -70.86 -3.74
C VAL D 111 33.34 -70.50 -2.34
N MET D 112 34.51 -71.02 -1.94
CA MET D 112 35.03 -70.76 -0.61
C MET D 112 36.52 -70.49 -0.57
N THR D 113 37.20 -70.49 -1.72
CA THR D 113 38.64 -70.27 -1.75
C THR D 113 39.05 -69.79 -3.13
N CYS D 114 40.25 -69.20 -3.19
CA CYS D 114 40.84 -68.79 -4.45
C CYS D 114 42.35 -68.91 -4.34
N ALA D 115 43.00 -69.05 -5.49
CA ALA D 115 44.45 -69.20 -5.55
C ALA D 115 45.00 -68.32 -6.66
N TYR D 116 46.26 -67.91 -6.50
CA TYR D 116 46.95 -67.08 -7.47
C TYR D 116 48.29 -67.74 -7.80
N ALA D 117 48.57 -67.87 -9.09
CA ALA D 117 49.77 -68.58 -9.51
C ALA D 117 51.03 -67.82 -9.08
N PRO D 118 52.09 -68.53 -8.68
CA PRO D 118 53.33 -67.83 -8.33
C PRO D 118 53.94 -67.04 -9.49
N SER D 119 53.73 -67.50 -10.72
CA SER D 119 54.23 -66.78 -11.90
C SER D 119 53.27 -65.69 -12.36
N GLY D 120 52.13 -65.52 -11.70
CA GLY D 120 51.17 -64.51 -12.10
C GLY D 120 50.52 -64.75 -13.43
N ASN D 121 50.13 -65.99 -13.71
CA ASN D 121 49.51 -66.34 -14.99
C ASN D 121 48.20 -67.10 -14.85
N TYR D 122 47.92 -67.71 -13.71
CA TYR D 122 46.72 -68.52 -13.54
C TYR D 122 46.07 -68.23 -12.19
N VAL D 123 44.76 -68.47 -12.13
CA VAL D 123 44.00 -68.38 -10.89
C VAL D 123 43.12 -69.61 -10.78
N ALA D 124 42.73 -69.94 -9.56
CA ALA D 124 41.93 -71.12 -9.28
C ALA D 124 40.77 -70.76 -8.37
N CYS D 125 39.65 -71.45 -8.56
CA CYS D 125 38.46 -71.26 -7.73
C CYS D 125 37.87 -72.63 -7.41
N GLY D 126 37.29 -72.74 -6.22
CA GLY D 126 36.66 -73.98 -5.80
C GLY D 126 35.60 -73.72 -4.76
N GLY D 127 34.59 -74.57 -4.75
CA GLY D 127 33.48 -74.42 -3.82
C GLY D 127 32.74 -75.70 -3.51
N LEU D 128 31.41 -75.61 -3.43
CA LEU D 128 30.58 -76.76 -3.10
C LEU D 128 30.24 -77.62 -4.32
N ASP D 129 30.67 -77.22 -5.51
CA ASP D 129 30.39 -77.97 -6.73
C ASP D 129 31.46 -79.00 -7.06
N ASN D 130 32.48 -79.15 -6.22
CA ASN D 130 33.57 -80.10 -6.43
C ASN D 130 34.29 -79.86 -7.74
N ILE D 131 34.38 -78.60 -8.16
CA ILE D 131 35.05 -78.21 -9.39
C ILE D 131 36.13 -77.19 -9.05
N CYS D 132 37.36 -77.46 -9.49
CA CYS D 132 38.49 -76.55 -9.29
C CYS D 132 38.82 -75.94 -10.65
N SER D 133 38.13 -74.86 -11.00
CA SER D 133 38.33 -74.22 -12.29
C SER D 133 39.68 -73.50 -12.33
N ILE D 134 40.35 -73.57 -13.47
CA ILE D 134 41.63 -72.92 -13.68
C ILE D 134 41.45 -71.93 -14.83
N TYR D 135 41.79 -70.66 -14.57
CA TYR D 135 41.68 -69.59 -15.55
C TYR D 135 43.06 -69.05 -15.88
N ASN D 136 43.31 -68.83 -17.17
CA ASN D 136 44.57 -68.29 -17.64
C ASN D 136 44.42 -66.79 -17.83
N LEU D 137 45.21 -66.01 -17.08
CA LEU D 137 45.11 -64.56 -17.15
C LEU D 137 45.71 -64.01 -18.44
N LYS D 138 46.87 -64.54 -18.85
CA LYS D 138 47.57 -64.05 -20.02
C LYS D 138 47.11 -64.84 -21.24
N THR D 139 46.14 -64.30 -21.98
CA THR D 139 45.63 -64.90 -23.20
C THR D 139 45.53 -63.82 -24.26
N ARG D 140 45.88 -64.17 -25.50
CA ARG D 140 45.87 -63.19 -26.58
C ARG D 140 44.46 -63.03 -27.15
N GLU D 141 43.48 -62.81 -26.28
CA GLU D 141 42.11 -62.53 -26.72
C GLU D 141 41.41 -61.47 -25.88
N GLY D 142 42.09 -60.88 -24.89
CA GLY D 142 41.46 -59.86 -24.06
C GLY D 142 40.44 -60.39 -23.08
N ASN D 143 40.27 -61.70 -22.98
CA ASN D 143 39.31 -62.29 -22.06
C ASN D 143 39.83 -63.65 -21.62
N VAL D 144 39.79 -63.91 -20.32
CA VAL D 144 40.30 -65.18 -19.80
C VAL D 144 39.37 -66.31 -20.23
N ARG D 145 39.92 -67.51 -20.24
CA ARG D 145 39.17 -68.73 -20.53
C ARG D 145 39.39 -69.73 -19.40
N VAL D 146 38.69 -70.85 -19.49
CA VAL D 146 38.80 -71.94 -18.53
C VAL D 146 39.77 -72.96 -19.10
N SER D 147 40.89 -73.18 -18.41
CA SER D 147 41.88 -74.14 -18.88
C SER D 147 41.29 -75.55 -18.95
N ARG D 148 40.69 -76.00 -17.85
CA ARG D 148 40.03 -77.30 -17.80
C ARG D 148 39.24 -77.36 -16.50
N GLU D 149 38.36 -78.36 -16.42
CA GLU D 149 37.53 -78.59 -15.25
C GLU D 149 38.13 -79.74 -14.43
N LEU D 150 38.37 -79.47 -13.15
CA LEU D 150 38.98 -80.50 -12.25
C LEU D 150 37.87 -81.19 -11.45
N ALA D 151 37.72 -82.50 -11.61
CA ALA D 151 36.68 -83.26 -10.87
C ALA D 151 37.33 -84.49 -10.21
N GLY D 152 36.63 -85.12 -9.27
CA GLY D 152 37.19 -86.28 -8.55
C GLY D 152 36.99 -86.17 -7.05
N HIS D 153 36.47 -85.02 -6.59
CA HIS D 153 36.18 -84.83 -5.14
C HIS D 153 34.66 -84.84 -4.94
N THR D 154 34.22 -85.35 -3.78
CA THR D 154 32.75 -85.43 -3.50
C THR D 154 32.40 -84.45 -2.37
N GLY D 155 33.40 -83.88 -1.71
CA GLY D 155 33.15 -82.96 -0.57
C GLY D 155 32.94 -81.53 -1.04
N TYR D 156 34.00 -80.71 -1.00
CA TYR D 156 33.89 -79.27 -1.38
C TYR D 156 35.31 -78.69 -1.39
N LEU D 157 35.60 -77.84 -2.37
CA LEU D 157 36.97 -77.28 -2.50
C LEU D 157 37.18 -76.27 -1.36
N SER D 158 37.64 -76.75 -0.21
CA SER D 158 37.81 -75.89 0.96
C SER D 158 38.94 -74.89 0.77
N CYS D 159 40.10 -75.34 0.30
CA CYS D 159 41.23 -74.44 0.08
C CYS D 159 42.05 -74.96 -1.10
N CYS D 160 42.49 -74.04 -1.95
CA CYS D 160 43.27 -74.37 -3.13
C CYS D 160 44.52 -73.53 -3.18
N ARG D 161 45.64 -74.15 -3.55
CA ARG D 161 46.91 -73.47 -3.67
C ARG D 161 47.61 -73.94 -4.95
N PHE D 162 48.54 -73.12 -5.43
CA PHE D 162 49.33 -73.43 -6.61
C PHE D 162 50.70 -73.94 -6.17
N LEU D 163 50.91 -75.25 -6.30
CA LEU D 163 52.21 -75.83 -5.97
C LEU D 163 53.29 -75.30 -6.91
N ASP D 164 52.96 -75.14 -8.18
CA ASP D 164 53.86 -74.56 -9.17
C ASP D 164 53.00 -74.01 -10.31
N ASP D 165 53.65 -73.65 -11.43
CA ASP D 165 52.91 -73.15 -12.57
C ASP D 165 52.07 -74.23 -13.22
N ASN D 166 52.47 -75.49 -13.11
CA ASN D 166 51.77 -76.61 -13.72
C ASN D 166 51.09 -77.48 -12.68
N GLN D 167 51.83 -77.97 -11.69
CA GLN D 167 51.27 -78.81 -10.65
C GLN D 167 50.72 -77.95 -9.52
N ILE D 168 49.54 -78.32 -9.02
CA ILE D 168 48.89 -77.63 -7.92
C ILE D 168 48.40 -78.66 -6.91
N VAL D 169 48.24 -78.20 -5.67
CA VAL D 169 47.72 -79.01 -4.59
C VAL D 169 46.53 -78.29 -3.96
N THR D 170 45.45 -79.04 -3.73
CA THR D 170 44.22 -78.44 -3.19
C THR D 170 43.59 -79.39 -2.19
N SER D 171 42.76 -78.82 -1.32
CA SER D 171 42.04 -79.58 -0.32
C SER D 171 40.68 -80.01 -0.86
N SER D 172 39.93 -80.74 -0.03
CA SER D 172 38.59 -81.22 -0.43
C SER D 172 37.76 -81.46 0.85
N GLY D 173 36.44 -81.61 0.70
CA GLY D 173 35.58 -81.90 1.87
C GLY D 173 35.42 -83.40 2.04
N ASP D 174 36.16 -84.18 1.26
CA ASP D 174 36.08 -85.66 1.32
C ASP D 174 37.36 -86.21 1.97
N THR D 175 37.90 -85.50 2.95
CA THR D 175 39.11 -85.94 3.64
C THR D 175 40.15 -86.49 2.66
N THR D 176 40.37 -85.73 1.57
CA THR D 176 41.28 -86.19 0.53
C THR D 176 41.97 -84.96 -0.07
N CYS D 177 43.28 -84.86 0.15
CA CYS D 177 44.12 -83.85 -0.49
C CYS D 177 44.88 -84.53 -1.61
N ALA D 178 44.76 -83.98 -2.83
CA ALA D 178 45.31 -84.61 -4.02
C ALA D 178 46.08 -83.60 -4.84
N LEU D 179 47.28 -83.98 -5.27
CA LEU D 179 48.03 -83.19 -6.23
C LEU D 179 47.38 -83.28 -7.61
N TRP D 180 47.45 -82.20 -8.37
CA TRP D 180 46.77 -82.11 -9.65
C TRP D 180 47.76 -81.77 -10.75
N ASP D 181 47.37 -82.12 -11.98
CA ASP D 181 48.17 -81.87 -13.18
C ASP D 181 47.29 -81.11 -14.17
N ILE D 182 47.52 -79.81 -14.29
CA ILE D 182 46.70 -78.98 -15.18
C ILE D 182 46.93 -79.33 -16.65
N GLU D 183 48.05 -80.00 -16.96
CA GLU D 183 48.36 -80.31 -18.35
C GLU D 183 47.30 -81.19 -19.00
N THR D 184 46.84 -82.21 -18.28
CA THR D 184 45.82 -83.11 -18.82
C THR D 184 44.65 -83.28 -17.86
N GLY D 185 44.92 -83.22 -16.56
CA GLY D 185 43.89 -83.40 -15.56
C GLY D 185 43.86 -84.80 -14.99
N GLN D 186 44.43 -84.97 -13.79
CA GLN D 186 44.44 -86.29 -13.12
C GLN D 186 45.02 -86.12 -11.71
N GLN D 187 44.56 -86.93 -10.75
CA GLN D 187 45.11 -86.86 -9.36
C GLN D 187 46.36 -87.73 -9.27
N THR D 188 47.54 -87.15 -9.50
CA THR D 188 48.82 -87.90 -9.46
C THR D 188 48.91 -88.66 -8.13
N THR D 189 48.66 -87.99 -7.00
CA THR D 189 48.76 -88.62 -5.70
C THR D 189 47.49 -88.36 -4.91
N THR D 190 47.08 -89.34 -4.12
CA THR D 190 45.92 -89.24 -3.26
C THR D 190 46.36 -89.47 -1.82
N PHE D 191 45.97 -88.57 -0.92
CA PHE D 191 46.41 -88.59 0.47
C PHE D 191 45.23 -88.83 1.41
N THR D 192 44.35 -89.76 1.04
CA THR D 192 43.16 -90.08 1.84
C THR D 192 43.58 -90.95 3.03
N GLY D 193 44.20 -90.29 4.01
CA GLY D 193 44.66 -90.97 5.20
C GLY D 193 44.42 -90.23 6.49
N HIS D 194 43.41 -89.36 6.51
CA HIS D 194 43.06 -88.61 7.70
C HIS D 194 41.56 -88.64 7.89
N THR D 195 41.12 -88.75 9.15
CA THR D 195 39.70 -88.91 9.46
C THR D 195 38.95 -87.58 9.34
N GLY D 196 39.26 -86.59 10.16
CA GLY D 196 38.37 -85.39 10.14
C GLY D 196 38.09 -84.77 8.78
N ASP D 197 37.50 -83.58 8.69
CA ASP D 197 37.34 -82.85 7.41
C ASP D 197 38.58 -81.99 7.23
N VAL D 198 39.06 -81.70 6.01
CA VAL D 198 40.33 -80.93 5.85
C VAL D 198 39.88 -79.54 5.45
N MET D 199 40.32 -78.54 6.14
CA MET D 199 39.76 -77.20 5.96
C MET D 199 40.68 -76.27 5.18
N SER D 200 41.99 -76.32 5.42
CA SER D 200 42.91 -75.43 4.74
C SER D 200 44.30 -76.05 4.74
N LEU D 201 45.13 -75.56 3.82
CA LEU D 201 46.51 -76.01 3.71
C LEU D 201 47.40 -74.79 3.46
N SER D 202 48.66 -74.90 3.92
CA SER D 202 49.63 -73.83 3.77
C SER D 202 50.92 -74.43 3.23
N LEU D 203 51.39 -73.90 2.10
CA LEU D 203 52.57 -74.42 1.42
C LEU D 203 53.84 -73.90 2.09
N ALA D 204 54.97 -74.19 1.48
CA ALA D 204 56.28 -73.83 2.01
C ALA D 204 57.13 -73.19 0.92
N PRO D 205 58.07 -72.32 1.30
CA PRO D 205 59.03 -71.80 0.31
C PRO D 205 59.85 -72.91 -0.33
N ASP D 206 60.16 -73.98 0.40
CA ASP D 206 60.85 -75.12 -0.17
C ASP D 206 59.96 -75.92 -1.12
N THR D 207 58.66 -75.62 -1.17
CA THR D 207 57.71 -76.27 -2.08
C THR D 207 57.70 -77.77 -1.86
N ARG D 208 57.65 -78.18 -0.59
CA ARG D 208 57.59 -79.60 -0.25
C ARG D 208 56.63 -79.93 0.89
N LEU D 209 56.16 -78.96 1.67
CA LEU D 209 55.30 -79.24 2.82
C LEU D 209 54.03 -78.39 2.71
N PHE D 210 52.88 -79.02 2.89
CA PHE D 210 51.59 -78.34 2.83
C PHE D 210 50.70 -78.79 3.99
N VAL D 211 51.26 -78.75 5.19
CA VAL D 211 50.61 -79.23 6.42
C VAL D 211 49.14 -78.83 6.49
N SER D 212 48.29 -79.76 6.91
CA SER D 212 46.85 -79.60 6.84
C SER D 212 46.30 -78.95 8.11
N GLY D 213 45.09 -78.41 7.98
CA GLY D 213 44.37 -77.79 9.08
C GLY D 213 43.01 -78.42 9.28
N ALA D 214 42.95 -79.75 9.24
CA ALA D 214 41.70 -80.48 9.17
C ALA D 214 40.81 -80.20 10.37
N CYS D 215 39.55 -80.66 10.25
CA CYS D 215 38.50 -80.33 11.21
C CYS D 215 38.65 -81.06 12.54
N ASP D 216 39.31 -82.21 12.54
CA ASP D 216 39.39 -83.05 13.74
C ASP D 216 40.47 -82.60 14.73
N ALA D 217 40.94 -81.36 14.62
CA ALA D 217 41.90 -80.78 15.56
C ALA D 217 43.21 -81.57 15.59
N SER D 218 43.74 -81.84 14.40
CA SER D 218 45.03 -82.51 14.27
C SER D 218 45.65 -82.13 12.93
N ALA D 219 46.81 -81.49 12.98
CA ALA D 219 47.52 -81.08 11.78
C ALA D 219 48.47 -82.18 11.35
N LYS D 220 48.27 -82.71 10.14
CA LYS D 220 49.05 -83.80 9.62
C LYS D 220 49.98 -83.30 8.51
N LEU D 221 51.26 -83.61 8.64
CA LEU D 221 52.24 -83.23 7.63
C LEU D 221 52.23 -84.26 6.49
N TRP D 222 52.45 -83.77 5.27
CA TRP D 222 52.49 -84.61 4.09
C TRP D 222 53.74 -84.29 3.28
N ASP D 223 54.08 -85.20 2.37
CA ASP D 223 55.25 -85.06 1.50
C ASP D 223 54.78 -85.06 0.05
N VAL D 224 55.32 -84.12 -0.73
CA VAL D 224 54.93 -84.01 -2.13
C VAL D 224 55.55 -85.15 -2.92
N ARG D 225 54.74 -85.76 -3.78
CA ARG D 225 55.11 -86.87 -4.66
C ARG D 225 55.51 -88.13 -3.90
N GLU D 226 55.17 -88.24 -2.62
CA GLU D 226 55.47 -89.43 -1.83
C GLU D 226 54.43 -89.51 -0.72
N GLY D 227 53.42 -90.37 -0.92
CA GLY D 227 52.35 -90.50 0.05
C GLY D 227 52.79 -91.11 1.36
N MET D 228 52.87 -90.30 2.41
CA MET D 228 53.29 -90.75 3.74
C MET D 228 53.10 -89.60 4.72
N CYS D 229 52.92 -89.95 5.98
CA CYS D 229 52.85 -89.00 7.08
C CYS D 229 54.02 -89.26 8.02
N ARG D 230 54.79 -88.21 8.33
CA ARG D 230 55.95 -88.34 9.19
C ARG D 230 55.72 -87.82 10.60
N GLN D 231 54.75 -86.92 10.81
CA GLN D 231 54.45 -86.42 12.14
C GLN D 231 53.06 -85.81 12.14
N THR D 232 52.32 -86.01 13.23
CA THR D 232 50.99 -85.47 13.40
C THR D 232 50.98 -84.58 14.65
N PHE D 233 50.41 -83.39 14.51
CA PHE D 233 50.38 -82.40 15.59
C PHE D 233 48.97 -82.32 16.14
N THR D 234 48.83 -82.58 17.45
CA THR D 234 47.54 -82.52 18.13
C THR D 234 47.65 -81.60 19.33
N GLY D 235 46.53 -81.39 20.02
CA GLY D 235 46.50 -80.56 21.20
C GLY D 235 45.58 -79.36 21.08
N HIS D 236 44.55 -79.48 20.25
CA HIS D 236 43.58 -78.42 20.05
C HIS D 236 42.18 -78.88 20.40
N GLU D 237 41.39 -77.96 20.91
CA GLU D 237 39.97 -78.19 21.19
C GLU D 237 39.13 -77.63 20.05
N SER D 238 37.90 -78.13 19.96
CA SER D 238 36.95 -77.72 18.91
C SER D 238 37.56 -78.05 17.55
N ASP D 239 37.32 -77.20 16.56
CA ASP D 239 37.74 -77.45 15.18
C ASP D 239 38.89 -76.53 14.81
N ILE D 240 39.47 -76.78 13.64
CA ILE D 240 40.53 -75.96 13.07
C ILE D 240 40.03 -75.43 11.74
N ASN D 241 40.14 -74.11 11.55
CA ASN D 241 39.63 -73.45 10.35
C ASN D 241 40.72 -72.92 9.44
N ALA D 242 41.89 -72.58 9.96
CA ALA D 242 42.95 -72.00 9.15
C ALA D 242 44.30 -72.40 9.71
N ILE D 243 45.32 -72.32 8.85
CA ILE D 243 46.68 -72.68 9.23
C ILE D 243 47.65 -71.86 8.38
N CYS D 244 48.77 -71.47 8.97
CA CYS D 244 49.83 -70.74 8.29
C CYS D 244 51.12 -71.53 8.37
N PHE D 245 52.21 -70.92 7.91
CA PHE D 245 53.50 -71.59 7.87
C PHE D 245 54.60 -70.56 8.08
N PHE D 246 55.57 -70.90 8.94
CA PHE D 246 56.62 -69.96 9.28
C PHE D 246 57.58 -69.81 8.09
N PRO D 247 58.10 -68.59 7.86
CA PRO D 247 58.89 -68.37 6.63
C PRO D 247 60.10 -69.28 6.46
N ASN D 248 60.82 -69.59 7.54
CA ASN D 248 62.04 -70.39 7.41
C ASN D 248 61.79 -71.88 7.42
N GLY D 249 60.56 -72.32 7.69
CA GLY D 249 60.23 -73.73 7.69
C GLY D 249 60.50 -74.46 8.99
N ASN D 250 60.90 -73.76 10.04
CA ASN D 250 61.18 -74.39 11.33
C ASN D 250 59.94 -74.58 12.19
N ALA D 251 58.81 -73.99 11.80
CA ALA D 251 57.59 -74.08 12.59
C ALA D 251 56.41 -73.66 11.71
N PHE D 252 55.22 -73.58 12.33
CA PHE D 252 54.03 -73.07 11.68
C PHE D 252 52.99 -72.79 12.76
N ALA D 253 52.00 -71.97 12.42
CA ALA D 253 50.93 -71.59 13.33
C ALA D 253 49.61 -72.16 12.83
N THR D 254 48.85 -72.76 13.74
CA THR D 254 47.56 -73.35 13.43
C THR D 254 46.47 -72.60 14.18
N GLY D 255 45.42 -72.20 13.46
CA GLY D 255 44.32 -71.46 14.04
C GLY D 255 43.11 -72.36 14.25
N SER D 256 42.73 -72.52 15.51
CA SER D 256 41.61 -73.36 15.89
C SER D 256 40.33 -72.52 16.02
N ASP D 257 39.21 -73.22 16.22
CA ASP D 257 37.92 -72.58 16.38
C ASP D 257 37.54 -72.36 17.85
N ASP D 258 38.46 -72.66 18.78
CA ASP D 258 38.22 -72.50 20.20
C ASP D 258 38.91 -71.27 20.77
N ALA D 259 39.07 -70.23 19.94
CA ALA D 259 39.72 -68.98 20.33
C ALA D 259 41.12 -69.22 20.90
N THR D 260 41.86 -70.13 20.27
CA THR D 260 43.20 -70.46 20.70
C THR D 260 44.12 -70.57 19.49
N CYS D 261 45.41 -70.34 19.74
CA CYS D 261 46.44 -70.45 18.71
C CYS D 261 47.62 -71.21 19.26
N ARG D 262 48.38 -71.84 18.36
CA ARG D 262 49.54 -72.62 18.75
C ARG D 262 50.63 -72.49 17.69
N LEU D 263 51.86 -72.77 18.10
CA LEU D 263 53.03 -72.70 17.23
C LEU D 263 53.72 -74.06 17.30
N PHE D 264 53.51 -74.88 16.26
CA PHE D 264 54.09 -76.21 16.19
C PHE D 264 55.43 -76.15 15.49
N ASP D 265 56.50 -76.42 16.23
CA ASP D 265 57.83 -76.42 15.64
C ASP D 265 58.05 -77.68 14.80
N LEU D 266 58.99 -77.59 13.86
CA LEU D 266 59.29 -78.72 12.99
C LEU D 266 60.19 -79.72 13.69
N ARG D 267 61.37 -79.27 14.13
CA ARG D 267 62.30 -80.16 14.82
C ARG D 267 61.72 -80.64 16.15
N ALA D 268 61.12 -79.73 16.92
CA ALA D 268 60.54 -80.11 18.19
C ALA D 268 59.31 -81.00 18.00
N ASP D 269 58.53 -80.74 16.94
CA ASP D 269 57.35 -81.53 16.61
C ASP D 269 56.35 -81.56 17.76
N GLN D 270 56.17 -80.42 18.42
CA GLN D 270 55.23 -80.33 19.52
C GLN D 270 54.83 -78.87 19.71
N GLU D 271 53.70 -78.67 20.38
CA GLU D 271 53.23 -77.33 20.69
C GLU D 271 54.08 -76.70 21.79
N LEU D 272 54.52 -75.46 21.56
CA LEU D 272 55.35 -74.75 22.51
C LEU D 272 54.73 -73.47 23.05
N MET D 273 53.74 -72.89 22.37
CA MET D 273 53.09 -71.68 22.83
C MET D 273 51.59 -71.77 22.60
N THR D 274 50.83 -71.08 23.44
CA THR D 274 49.39 -71.01 23.33
C THR D 274 48.96 -69.57 23.54
N TYR D 275 48.27 -68.98 22.56
CA TYR D 275 47.88 -67.58 22.58
C TYR D 275 46.36 -67.50 22.73
N SER D 276 45.89 -67.09 23.90
CA SER D 276 44.47 -66.95 24.16
C SER D 276 44.28 -66.12 25.41
N HIS D 277 43.35 -65.17 25.37
CA HIS D 277 43.07 -64.30 26.49
C HIS D 277 41.77 -64.72 27.18
N ASP D 278 41.64 -64.30 28.44
CA ASP D 278 40.51 -64.75 29.26
C ASP D 278 39.18 -64.20 28.74
N ASN D 279 39.16 -62.92 28.37
CA ASN D 279 37.91 -62.30 27.96
C ASN D 279 37.43 -62.78 26.59
N ILE D 280 38.35 -63.08 25.69
CA ILE D 280 38.01 -63.39 24.32
C ILE D 280 37.55 -64.84 24.20
N ILE D 281 36.38 -65.04 23.59
CA ILE D 281 35.92 -66.38 23.25
C ILE D 281 35.24 -66.35 21.88
N CYS D 282 35.96 -66.76 20.83
CA CYS D 282 35.42 -66.80 19.49
C CYS D 282 36.05 -67.93 18.68
N GLY D 283 36.95 -67.58 17.77
CA GLY D 283 37.62 -68.56 16.94
C GLY D 283 38.50 -67.87 15.93
N ILE D 284 39.32 -68.67 15.25
CA ILE D 284 40.25 -68.17 14.26
C ILE D 284 39.77 -68.60 12.88
N THR D 285 39.57 -67.62 11.99
CA THR D 285 39.18 -67.91 10.62
C THR D 285 40.32 -67.78 9.62
N SER D 286 41.40 -67.08 10.00
CA SER D 286 42.56 -66.93 9.14
C SER D 286 43.74 -66.48 9.99
N VAL D 287 44.93 -66.97 9.64
CA VAL D 287 46.15 -66.64 10.37
C VAL D 287 47.30 -66.60 9.38
N SER D 288 48.24 -65.67 9.60
CA SER D 288 49.36 -65.50 8.69
C SER D 288 50.50 -64.79 9.41
N PHE D 289 51.73 -65.23 9.13
CA PHE D 289 52.91 -64.61 9.69
C PHE D 289 53.32 -63.38 8.89
N SER D 290 54.24 -62.60 9.47
CA SER D 290 54.87 -61.50 8.78
C SER D 290 56.19 -61.98 8.17
N LYS D 291 57.01 -61.04 7.69
CA LYS D 291 58.31 -61.41 7.13
C LYS D 291 59.23 -61.98 8.20
N SER D 292 59.38 -61.27 9.32
CA SER D 292 60.26 -61.74 10.39
C SER D 292 59.64 -62.87 11.19
N GLY D 293 58.30 -62.89 11.30
CA GLY D 293 57.62 -63.87 12.10
C GLY D 293 57.44 -63.50 13.55
N ARG D 294 58.00 -62.37 13.99
CA ARG D 294 57.83 -61.94 15.37
C ARG D 294 56.38 -61.56 15.65
N LEU D 295 55.73 -60.91 14.69
CA LEU D 295 54.34 -60.50 14.84
C LEU D 295 53.46 -61.43 14.02
N LEU D 296 52.44 -62.01 14.68
CA LEU D 296 51.52 -62.94 14.04
C LEU D 296 50.12 -62.36 14.06
N LEU D 297 49.49 -62.32 12.89
CA LEU D 297 48.14 -61.80 12.77
C LEU D 297 47.14 -62.89 13.16
N ALA D 298 45.85 -62.54 13.14
CA ALA D 298 44.81 -63.44 13.63
C ALA D 298 43.53 -63.21 12.84
N GLY D 299 42.49 -63.99 13.19
CA GLY D 299 41.22 -63.96 12.49
C GLY D 299 40.01 -64.00 13.40
N TYR D 300 40.09 -63.35 14.55
CA TYR D 300 39.03 -63.42 15.55
C TYR D 300 37.69 -62.96 14.97
N ASP D 301 36.61 -63.58 15.47
CA ASP D 301 35.27 -63.39 14.93
C ASP D 301 34.47 -62.29 15.62
N ASP D 302 35.15 -61.32 16.25
CA ASP D 302 34.47 -60.18 16.84
C ASP D 302 34.45 -58.96 15.92
N PHE D 303 34.30 -59.19 14.61
CA PHE D 303 34.20 -58.13 13.62
C PHE D 303 35.46 -57.27 13.58
N ASN D 304 36.60 -57.87 13.92
CA ASN D 304 37.87 -57.16 13.93
C ASN D 304 39.01 -58.18 13.85
N CYS D 305 40.20 -57.67 13.53
CA CYS D 305 41.40 -58.48 13.46
C CYS D 305 42.27 -58.23 14.70
N ASN D 306 43.25 -59.10 14.88
CA ASN D 306 44.15 -59.01 16.02
C ASN D 306 45.53 -59.46 15.61
N VAL D 307 46.55 -58.98 16.33
CA VAL D 307 47.93 -59.33 16.09
C VAL D 307 48.56 -59.77 17.41
N TRP D 308 49.34 -60.85 17.36
CA TRP D 308 50.02 -61.39 18.52
C TRP D 308 51.52 -61.42 18.25
N ASP D 309 52.30 -60.98 19.23
CA ASP D 309 53.76 -60.97 19.10
C ASP D 309 54.29 -62.34 19.49
N ALA D 310 54.86 -63.07 18.52
CA ALA D 310 55.39 -64.39 18.80
C ALA D 310 56.70 -64.35 19.58
N LEU D 311 57.31 -63.18 19.74
CA LEU D 311 58.57 -63.06 20.48
C LEU D 311 58.33 -62.86 21.97
N LYS D 312 57.51 -61.89 22.34
CA LYS D 312 57.21 -61.60 23.73
C LYS D 312 55.97 -62.32 24.25
N ALA D 313 55.29 -63.08 23.39
CA ALA D 313 54.08 -63.82 23.76
C ALA D 313 53.03 -62.88 24.36
N ASP D 314 52.86 -61.71 23.75
CA ASP D 314 51.91 -60.72 24.22
C ASP D 314 51.21 -60.09 23.03
N ARG D 315 50.02 -59.56 23.29
CA ARG D 315 49.24 -58.91 22.24
C ARG D 315 49.86 -57.57 21.88
N ALA D 316 50.24 -57.41 20.61
CA ALA D 316 50.86 -56.16 20.18
C ALA D 316 49.84 -55.03 20.06
N GLY D 317 48.66 -55.33 19.53
CA GLY D 317 47.63 -54.31 19.38
C GLY D 317 46.40 -54.91 18.74
N VAL D 318 45.35 -54.09 18.69
CA VAL D 318 44.06 -54.48 18.13
C VAL D 318 43.65 -53.45 17.09
N LEU D 319 43.27 -53.92 15.91
CA LEU D 319 42.81 -53.06 14.83
C LEU D 319 41.41 -53.48 14.41
N ALA D 320 40.56 -52.50 14.16
CA ALA D 320 39.17 -52.76 13.76
C ALA D 320 38.76 -51.87 12.59
N GLY D 321 37.49 -51.95 12.20
CA GLY D 321 37.00 -51.14 11.09
C GLY D 321 36.16 -51.94 10.11
N HIS D 322 35.86 -53.18 10.46
CA HIS D 322 35.08 -54.08 9.60
C HIS D 322 33.67 -54.21 10.18
N ASP D 323 32.67 -53.95 9.35
CA ASP D 323 31.28 -54.11 9.79
C ASP D 323 30.96 -55.56 10.13
N ASN D 324 31.43 -56.49 9.30
CA ASN D 324 31.24 -57.91 9.53
C ASN D 324 32.57 -58.57 9.89
N ARG D 325 32.49 -59.77 10.44
CA ARG D 325 33.68 -60.48 10.88
C ARG D 325 34.53 -60.89 9.68
N VAL D 326 35.85 -60.95 9.90
CA VAL D 326 36.76 -61.30 8.83
C VAL D 326 36.61 -62.79 8.47
N SER D 327 37.01 -63.11 7.24
CA SER D 327 36.95 -64.49 6.77
C SER D 327 38.28 -64.90 6.14
N CYS D 328 39.03 -63.93 5.61
CA CYS D 328 40.29 -64.20 4.96
C CYS D 328 41.33 -63.18 5.40
N LEU D 329 42.60 -63.56 5.28
CA LEU D 329 43.70 -62.71 5.69
C LEU D 329 44.93 -63.07 4.86
N GLY D 330 45.67 -62.04 4.45
CA GLY D 330 46.86 -62.26 3.64
C GLY D 330 47.94 -61.22 3.87
N VAL D 331 49.19 -61.66 3.90
CA VAL D 331 50.35 -60.79 4.05
C VAL D 331 51.17 -60.83 2.77
N THR D 332 51.55 -59.67 2.27
CA THR D 332 52.33 -59.59 1.04
C THR D 332 53.70 -60.23 1.23
N ASP D 333 54.24 -60.75 0.12
CA ASP D 333 55.53 -61.43 0.17
C ASP D 333 56.69 -60.50 0.49
N ASP D 334 56.53 -59.20 0.28
CA ASP D 334 57.54 -58.22 0.68
C ASP D 334 57.11 -57.39 1.88
N GLY D 335 55.98 -57.71 2.49
CA GLY D 335 55.54 -57.01 3.68
C GLY D 335 54.94 -55.65 3.38
N MET D 336 54.75 -54.89 4.46
CA MET D 336 54.21 -53.53 4.43
C MET D 336 52.79 -53.47 3.89
N ALA D 337 52.07 -54.59 3.89
CA ALA D 337 50.70 -54.62 3.41
C ALA D 337 50.03 -55.91 3.89
N VAL D 338 48.91 -55.78 4.59
CA VAL D 338 48.10 -56.92 5.03
C VAL D 338 46.65 -56.65 4.66
N ALA D 339 46.00 -57.64 4.06
CA ALA D 339 44.62 -57.53 3.61
C ALA D 339 43.72 -58.43 4.45
N THR D 340 42.50 -57.97 4.67
CA THR D 340 41.51 -58.69 5.47
C THR D 340 40.28 -58.95 4.61
N GLY D 341 39.94 -60.22 4.44
CA GLY D 341 38.76 -60.61 3.68
C GLY D 341 37.50 -60.70 4.53
N SER D 342 36.96 -59.55 4.91
CA SER D 342 35.79 -59.52 5.77
C SER D 342 34.57 -60.08 5.03
N TRP D 343 33.58 -60.50 5.83
CA TRP D 343 32.33 -60.99 5.24
C TRP D 343 31.60 -59.88 4.50
N ASP D 344 31.70 -58.64 4.98
CA ASP D 344 31.19 -57.51 4.22
C ASP D 344 32.04 -57.31 2.95
N SER D 345 31.45 -56.61 1.98
CA SER D 345 32.10 -56.44 0.69
C SER D 345 33.17 -55.36 0.74
N PHE D 346 34.09 -55.45 1.71
CA PHE D 346 35.15 -54.48 1.89
C PHE D 346 36.47 -55.20 2.10
N LEU D 347 37.50 -54.80 1.35
CA LEU D 347 38.86 -55.25 1.57
C LEU D 347 39.73 -54.04 1.93
N LYS D 348 40.44 -54.14 3.04
CA LYS D 348 41.27 -53.05 3.54
C LYS D 348 42.70 -53.53 3.72
N ILE D 349 43.63 -52.82 3.11
CA ILE D 349 45.06 -53.07 3.30
C ILE D 349 45.54 -52.10 4.38
N TRP D 350 45.78 -52.63 5.57
CA TRP D 350 46.08 -51.80 6.72
C TRP D 350 47.54 -51.38 6.70
N ASN D 351 47.78 -50.08 6.85
CA ASN D 351 49.13 -49.52 6.91
C ASN D 351 49.16 -48.29 7.82
N ILE E 9 40.99 -103.68 7.59
CA ILE E 9 42.21 -103.12 7.02
C ILE E 9 42.52 -101.79 7.69
N ALA E 10 41.51 -101.18 8.31
CA ALA E 10 41.71 -99.91 9.00
C ALA E 10 42.69 -100.06 10.16
N GLN E 11 42.55 -101.13 10.93
CA GLN E 11 43.47 -101.37 12.04
C GLN E 11 44.89 -101.62 11.54
N ALA E 12 45.02 -102.39 10.46
CA ALA E 12 46.34 -102.66 9.90
C ALA E 12 46.99 -101.38 9.37
N ARG E 13 46.20 -100.52 8.71
CA ARG E 13 46.74 -99.26 8.22
C ARG E 13 47.16 -98.35 9.37
N LYS E 14 46.39 -98.34 10.47
CA LYS E 14 46.72 -97.48 11.59
C LYS E 14 48.03 -97.89 12.25
N LEU E 15 48.25 -99.20 12.45
CA LEU E 15 49.45 -99.64 13.14
C LEU E 15 50.70 -99.46 12.27
N VAL E 16 50.58 -99.71 10.96
CA VAL E 16 51.74 -99.53 10.09
C VAL E 16 52.07 -98.06 9.93
N GLU E 17 51.08 -97.17 10.05
CA GLU E 17 51.33 -95.74 9.97
C GLU E 17 51.95 -95.19 11.24
N GLN E 18 51.62 -95.79 12.39
CA GLN E 18 52.08 -95.25 13.67
C GLN E 18 53.59 -95.32 13.82
N LEU E 19 54.22 -96.35 13.26
CA LEU E 19 55.67 -96.51 13.41
C LEU E 19 56.46 -95.41 12.69
N LYS E 20 55.84 -94.74 11.70
CA LYS E 20 56.54 -93.65 11.03
C LYS E 20 56.81 -92.49 11.99
N MET E 21 55.83 -92.13 12.81
CA MET E 21 56.05 -91.07 13.79
C MET E 21 57.07 -91.48 14.83
N GLU E 22 57.02 -92.73 15.28
CA GLU E 22 58.01 -93.22 16.24
C GLU E 22 59.41 -93.19 15.64
N ALA E 23 59.55 -93.61 14.38
CA ALA E 23 60.85 -93.55 13.72
C ALA E 23 61.30 -92.11 13.52
N ASN E 24 60.37 -91.21 13.15
CA ASN E 24 60.72 -89.81 12.96
C ASN E 24 61.01 -89.11 14.28
N ILE E 25 60.61 -89.70 15.41
CA ILE E 25 60.87 -89.08 16.70
C ILE E 25 62.35 -89.12 17.06
N ASP E 26 63.13 -89.95 16.37
CA ASP E 26 64.57 -90.01 16.64
C ASP E 26 65.24 -88.67 16.34
N ARG E 27 64.87 -88.05 15.22
CA ARG E 27 65.39 -86.73 14.86
C ARG E 27 64.59 -85.69 15.63
N ILE E 28 65.03 -85.42 16.86
CA ILE E 28 64.33 -84.53 17.76
C ILE E 28 65.31 -83.49 18.30
N LYS E 29 64.83 -82.26 18.47
CA LYS E 29 65.62 -81.16 19.02
C LYS E 29 65.03 -80.72 20.35
N VAL E 30 65.90 -80.30 21.25
CA VAL E 30 65.50 -79.91 22.60
C VAL E 30 65.38 -78.39 22.73
N SER E 31 66.34 -77.64 22.17
CA SER E 31 66.33 -76.19 22.24
C SER E 31 66.64 -75.50 20.93
N LYS E 32 66.98 -76.25 19.87
CA LYS E 32 67.29 -75.61 18.59
C LYS E 32 66.06 -74.97 17.96
N ALA E 33 64.89 -75.58 18.14
CA ALA E 33 63.67 -75.03 17.54
C ALA E 33 63.34 -73.65 18.10
N ALA E 34 63.45 -73.49 19.42
CA ALA E 34 63.18 -72.19 20.02
C ALA E 34 64.22 -71.15 19.60
N ALA E 35 65.49 -71.55 19.55
CA ALA E 35 66.54 -70.61 19.18
C ALA E 35 66.45 -70.21 17.71
N ASP E 36 66.04 -71.15 16.85
CA ASP E 36 65.98 -70.86 15.42
C ASP E 36 64.97 -69.76 15.12
N LEU E 37 63.79 -69.81 15.75
CA LEU E 37 62.79 -68.78 15.52
C LEU E 37 63.24 -67.44 16.09
N MET E 38 63.85 -67.44 17.27
CA MET E 38 64.33 -66.20 17.86
C MET E 38 65.45 -65.59 17.02
N ALA E 39 66.37 -66.41 16.53
CA ALA E 39 67.45 -65.90 15.70
C ALA E 39 66.93 -65.33 14.38
N TYR E 40 65.96 -66.01 13.77
CA TYR E 40 65.41 -65.53 12.50
C TYR E 40 64.73 -64.18 12.66
N CYS E 41 63.96 -64.00 13.73
CA CYS E 41 63.27 -62.73 13.95
C CYS E 41 64.27 -61.60 14.16
N GLU E 42 65.32 -61.85 14.94
CA GLU E 42 66.32 -60.81 15.19
C GLU E 42 67.12 -60.50 13.92
N ALA E 43 67.51 -61.53 13.18
CA ALA E 43 68.29 -61.30 11.96
C ALA E 43 67.49 -60.57 10.91
N HIS E 44 66.21 -60.92 10.75
CA HIS E 44 65.34 -60.32 9.74
C HIS E 44 64.48 -59.20 10.31
N ALA E 45 64.86 -58.63 11.45
CA ALA E 45 64.08 -57.54 12.03
C ALA E 45 64.09 -56.32 11.13
N LYS E 46 65.25 -55.99 10.55
CA LYS E 46 65.33 -54.82 9.68
C LYS E 46 64.58 -55.05 8.37
N GLU E 47 64.56 -56.28 7.86
CA GLU E 47 63.87 -56.56 6.60
C GLU E 47 62.36 -56.43 6.75
N ASP E 48 61.82 -56.78 7.91
CA ASP E 48 60.38 -56.71 8.11
C ASP E 48 59.95 -55.27 8.29
N PRO E 49 59.03 -54.76 7.45
CA PRO E 49 58.56 -53.38 7.60
C PRO E 49 57.32 -53.21 8.45
N LEU E 50 56.70 -54.31 8.90
CA LEU E 50 55.50 -54.19 9.73
C LEU E 50 55.86 -53.75 11.14
N LEU E 51 56.97 -54.25 11.69
CA LEU E 51 57.33 -53.93 13.07
C LEU E 51 57.86 -52.50 13.19
N THR E 52 58.52 -51.99 12.17
CA THR E 52 59.10 -50.65 12.21
C THR E 52 58.51 -49.81 11.08
N PRO E 53 57.86 -48.68 11.37
CA PRO E 53 57.33 -47.84 10.29
C PRO E 53 58.45 -47.30 9.41
N VAL E 54 58.12 -47.12 8.13
CA VAL E 54 59.10 -46.65 7.15
C VAL E 54 58.54 -45.40 6.46
N PRO E 55 59.39 -44.48 6.02
CA PRO E 55 58.91 -43.28 5.33
C PRO E 55 58.71 -43.46 3.83
N ALA E 56 59.07 -44.61 3.27
CA ALA E 56 58.94 -44.88 1.84
C ALA E 56 57.94 -46.01 1.60
N SER E 57 56.82 -45.99 2.32
CA SER E 57 55.80 -47.01 2.16
C SER E 57 55.19 -46.95 0.77
N GLU E 58 54.96 -48.12 0.18
CA GLU E 58 54.40 -48.21 -1.17
C GLU E 58 52.90 -48.05 -1.21
N ASN E 59 52.24 -47.96 -0.05
CA ASN E 59 50.78 -47.81 0.03
C ASN E 59 50.47 -46.61 0.91
N PRO E 60 50.61 -45.38 0.38
CA PRO E 60 50.36 -44.16 1.15
C PRO E 60 48.89 -43.73 1.09
N ASP F 1 43.54 -68.07 -33.70
CA ASP F 1 44.13 -67.18 -34.70
C ASP F 1 43.54 -65.78 -34.60
N VAL F 2 44.39 -64.77 -34.74
CA VAL F 2 43.99 -63.37 -34.67
C VAL F 2 44.15 -62.77 -36.05
N GLN F 3 43.06 -62.21 -36.58
CA GLN F 3 43.06 -61.58 -37.89
C GLN F 3 42.51 -60.17 -37.76
N LEU F 4 43.20 -59.20 -38.34
CA LEU F 4 42.81 -57.80 -38.32
C LEU F 4 42.88 -57.22 -39.72
N VAL F 5 42.34 -57.96 -40.70
CA VAL F 5 42.33 -57.50 -42.08
C VAL F 5 41.36 -56.33 -42.21
N GLU F 6 41.82 -55.25 -42.81
CA GLU F 6 41.03 -54.05 -42.97
C GLU F 6 40.78 -53.78 -44.45
N SER F 7 39.55 -53.38 -44.77
CA SER F 7 39.18 -53.02 -46.12
C SER F 7 38.73 -51.57 -46.12
N GLY F 8 38.92 -50.90 -47.26
CA GLY F 8 38.65 -49.49 -47.31
C GLY F 8 39.46 -48.72 -48.34
N GLY F 9 40.19 -47.70 -47.87
CA GLY F 9 40.84 -46.70 -48.70
C GLY F 9 41.51 -47.20 -49.97
N GLY F 10 41.25 -46.49 -51.07
CA GLY F 10 41.87 -46.81 -52.33
C GLY F 10 42.17 -45.56 -53.14
N LEU F 11 41.78 -45.57 -54.41
CA LEU F 11 41.94 -44.39 -55.24
C LEU F 11 40.91 -43.33 -54.87
N VAL F 12 41.37 -42.11 -54.64
CA VAL F 12 40.51 -41.00 -54.28
C VAL F 12 40.90 -39.78 -55.10
N GLN F 13 40.12 -38.72 -54.96
CA GLN F 13 40.32 -37.46 -55.65
C GLN F 13 40.18 -36.32 -54.66
N PRO F 14 40.77 -35.16 -54.93
CA PRO F 14 40.63 -34.02 -54.02
C PRO F 14 39.17 -33.63 -53.85
N GLY F 15 38.80 -33.27 -52.62
CA GLY F 15 37.43 -32.96 -52.30
C GLY F 15 36.65 -34.18 -51.85
N GLY F 16 36.49 -35.16 -52.74
CA GLY F 16 35.81 -36.38 -52.38
C GLY F 16 36.59 -37.19 -51.36
N SER F 17 35.86 -37.91 -50.51
CA SER F 17 36.46 -38.74 -49.48
C SER F 17 35.61 -39.99 -49.28
N ARG F 18 36.14 -40.96 -48.55
CA ARG F 18 35.43 -42.21 -48.31
C ARG F 18 36.02 -42.85 -47.06
N LYS F 19 35.29 -43.83 -46.52
CA LYS F 19 35.53 -44.34 -45.18
C LYS F 19 36.34 -45.64 -45.20
N LEU F 20 36.71 -46.09 -43.99
CA LEU F 20 37.47 -47.30 -43.77
C LEU F 20 36.63 -48.30 -42.99
N SER F 21 37.04 -49.57 -43.07
CA SER F 21 36.33 -50.66 -42.38
C SER F 21 37.35 -51.72 -42.00
N CYS F 22 37.70 -51.77 -40.72
CA CYS F 22 38.62 -52.77 -40.20
C CYS F 22 37.80 -53.87 -39.51
N SER F 23 37.99 -55.11 -39.95
CA SER F 23 37.21 -56.24 -39.48
C SER F 23 38.01 -57.03 -38.45
N ALA F 24 37.37 -57.36 -37.33
CA ALA F 24 37.99 -58.13 -36.27
C ALA F 24 37.63 -59.61 -36.40
N SER F 25 38.51 -60.46 -35.87
CA SER F 25 38.30 -61.90 -35.92
C SER F 25 39.20 -62.57 -34.91
N GLY F 26 38.65 -63.49 -34.13
CA GLY F 26 39.43 -64.26 -33.18
C GLY F 26 39.67 -63.59 -31.84
N PHE F 27 39.07 -62.43 -31.58
CA PHE F 27 39.29 -61.73 -30.32
C PHE F 27 38.09 -60.83 -30.04
N ALA F 28 38.00 -60.40 -28.78
CA ALA F 28 36.90 -59.55 -28.33
C ALA F 28 37.22 -58.10 -28.68
N PHE F 29 36.45 -57.54 -29.62
CA PHE F 29 36.68 -56.16 -30.05
C PHE F 29 36.29 -55.16 -28.97
N SER F 30 35.22 -55.46 -28.22
CA SER F 30 34.69 -54.49 -27.26
C SER F 30 35.64 -54.19 -26.12
N SER F 31 36.59 -55.09 -25.82
CA SER F 31 37.51 -54.92 -24.72
C SER F 31 38.88 -54.41 -25.16
N PHE F 32 39.01 -53.97 -26.41
CA PHE F 32 40.29 -53.53 -26.97
C PHE F 32 40.18 -52.11 -27.49
N GLY F 33 41.23 -51.32 -27.24
CA GLY F 33 41.39 -50.05 -27.92
C GLY F 33 42.02 -50.23 -29.29
N MET F 34 41.59 -49.40 -30.23
CA MET F 34 42.00 -49.54 -31.62
C MET F 34 42.65 -48.26 -32.12
N HIS F 35 43.68 -48.42 -32.94
CA HIS F 35 44.44 -47.30 -33.47
C HIS F 35 44.60 -47.44 -34.98
N TRP F 36 44.84 -46.30 -35.64
CA TRP F 36 45.11 -46.24 -37.06
C TRP F 36 46.46 -45.58 -37.28
N VAL F 37 47.23 -46.10 -38.25
CA VAL F 37 48.57 -45.60 -38.53
C VAL F 37 48.73 -45.42 -40.04
N ARG F 38 49.27 -44.28 -40.45
CA ARG F 38 49.65 -44.04 -41.84
C ARG F 38 51.12 -44.37 -42.05
N GLN F 39 51.43 -44.90 -43.23
CA GLN F 39 52.82 -45.10 -43.65
C GLN F 39 52.97 -44.55 -45.06
N ALA F 40 53.69 -43.44 -45.19
CA ALA F 40 53.94 -42.86 -46.50
C ALA F 40 54.90 -43.76 -47.28
N PRO F 41 54.82 -43.75 -48.61
CA PRO F 41 55.72 -44.61 -49.40
C PRO F 41 57.20 -44.32 -49.17
N GLU F 42 57.56 -43.07 -48.90
CA GLU F 42 58.95 -42.68 -48.70
C GLU F 42 59.22 -42.21 -47.28
N LYS F 43 58.24 -42.28 -46.38
CA LYS F 43 58.43 -41.82 -45.01
C LYS F 43 58.08 -42.92 -44.01
N GLY F 44 58.05 -42.57 -42.73
CA GLY F 44 57.79 -43.53 -41.67
C GLY F 44 56.32 -43.59 -41.28
N LEU F 45 56.08 -44.12 -40.08
CA LEU F 45 54.73 -44.29 -39.59
C LEU F 45 54.21 -43.00 -38.97
N GLU F 46 52.89 -42.92 -38.81
CA GLU F 46 52.27 -41.72 -38.27
C GLU F 46 50.93 -42.07 -37.63
N TRP F 47 50.64 -41.41 -36.51
CA TRP F 47 49.38 -41.59 -35.81
C TRP F 47 48.23 -40.98 -36.60
N VAL F 48 47.04 -41.58 -36.47
CA VAL F 48 45.83 -41.06 -37.12
C VAL F 48 44.80 -40.69 -36.07
N ALA F 49 44.31 -41.69 -35.35
CA ALA F 49 43.23 -41.51 -34.39
C ALA F 49 43.19 -42.72 -33.46
N TYR F 50 42.31 -42.67 -32.47
CA TYR F 50 42.20 -43.72 -31.49
C TYR F 50 40.79 -43.77 -30.93
N ILE F 51 40.29 -44.98 -30.71
CA ILE F 51 38.99 -45.22 -30.10
C ILE F 51 39.19 -46.12 -28.90
N SER F 52 38.63 -45.72 -27.76
CA SER F 52 38.78 -46.49 -26.54
C SER F 52 37.71 -47.58 -26.46
N SER F 53 37.78 -48.39 -25.41
CA SER F 53 36.77 -49.43 -25.21
C SER F 53 35.44 -48.80 -24.88
N GLY F 54 34.38 -49.23 -25.58
CA GLY F 54 33.05 -48.72 -25.33
C GLY F 54 32.78 -47.33 -25.87
N SER F 55 33.72 -46.76 -26.64
CA SER F 55 33.59 -45.41 -27.18
C SER F 55 33.34 -44.38 -26.08
N GLY F 56 34.00 -44.57 -24.94
CA GLY F 56 33.85 -43.66 -23.82
C GLY F 56 34.81 -42.50 -23.84
N THR F 57 35.87 -42.61 -24.64
CA THR F 57 36.87 -41.57 -24.75
C THR F 57 37.28 -41.42 -26.21
N ILE F 58 37.41 -40.18 -26.66
CA ILE F 58 37.67 -39.85 -28.06
C ILE F 58 38.92 -39.00 -28.15
N TYR F 59 39.83 -39.37 -29.05
CA TYR F 59 41.04 -38.61 -29.32
C TYR F 59 41.23 -38.46 -30.83
N TYR F 60 41.93 -37.38 -31.21
CA TYR F 60 42.26 -37.14 -32.60
C TYR F 60 43.63 -36.47 -32.66
N ALA F 61 44.28 -36.61 -33.81
CA ALA F 61 45.57 -35.98 -34.02
C ALA F 61 45.40 -34.51 -34.42
N ASP F 62 46.47 -33.74 -34.25
CA ASP F 62 46.43 -32.32 -34.58
C ASP F 62 46.21 -32.10 -36.07
N THR F 63 46.88 -32.91 -36.91
CA THR F 63 46.77 -32.73 -38.35
C THR F 63 45.41 -33.15 -38.89
N VAL F 64 44.62 -33.88 -38.12
CA VAL F 64 43.30 -34.32 -38.58
C VAL F 64 42.25 -33.92 -37.55
N LYS F 65 42.56 -32.92 -36.72
CA LYS F 65 41.62 -32.46 -35.72
C LYS F 65 40.43 -31.77 -36.39
N GLY F 66 39.23 -32.25 -36.10
CA GLY F 66 38.03 -31.69 -36.69
C GLY F 66 37.75 -32.15 -38.11
N ARG F 67 38.57 -33.03 -38.66
CA ARG F 67 38.40 -33.51 -40.02
C ARG F 67 38.07 -35.00 -40.11
N PHE F 68 38.67 -35.82 -39.24
CA PHE F 68 38.45 -37.26 -39.25
C PHE F 68 37.52 -37.64 -38.11
N THR F 69 36.65 -38.61 -38.37
CA THR F 69 35.71 -39.12 -37.39
C THR F 69 35.96 -40.62 -37.19
N ILE F 70 36.02 -41.05 -35.94
CA ILE F 70 36.28 -42.43 -35.58
C ILE F 70 35.05 -43.02 -34.93
N SER F 71 34.72 -44.27 -35.28
CA SER F 71 33.57 -44.95 -34.71
C SER F 71 33.82 -46.45 -34.79
N ARG F 72 33.14 -47.19 -33.91
CA ARG F 72 33.31 -48.64 -33.83
C ARG F 72 31.94 -49.30 -33.72
N ASP F 73 31.87 -50.55 -34.15
CA ASP F 73 30.66 -51.37 -34.08
C ASP F 73 30.97 -52.63 -33.30
N ASP F 74 30.76 -52.58 -31.99
CA ASP F 74 31.02 -53.73 -31.14
C ASP F 74 30.20 -54.96 -31.51
N PRO F 75 28.88 -54.87 -31.73
CA PRO F 75 28.15 -56.07 -32.16
C PRO F 75 28.64 -56.64 -33.47
N LYS F 76 29.05 -55.80 -34.41
CA LYS F 76 29.54 -56.26 -35.71
C LYS F 76 31.04 -56.55 -35.72
N ASN F 77 31.75 -56.21 -34.64
CA ASN F 77 33.19 -56.42 -34.54
C ASN F 77 33.94 -55.79 -35.71
N THR F 78 33.50 -54.59 -36.11
CA THR F 78 34.09 -53.88 -37.23
C THR F 78 34.32 -52.42 -36.82
N LEU F 79 35.42 -51.84 -37.30
CA LEU F 79 35.84 -50.50 -36.94
C LEU F 79 35.77 -49.60 -38.16
N PHE F 80 35.18 -48.41 -38.00
CA PHE F 80 35.01 -47.45 -39.08
C PHE F 80 35.84 -46.21 -38.82
N LEU F 81 36.02 -45.42 -39.87
CA LEU F 81 36.70 -44.12 -39.77
C LEU F 81 36.22 -43.26 -40.91
N GLN F 82 35.48 -42.20 -40.60
CA GLN F 82 34.97 -41.29 -41.61
C GLN F 82 36.05 -40.28 -42.02
N MET F 83 36.06 -39.94 -43.30
CA MET F 83 37.00 -38.97 -43.85
C MET F 83 36.24 -37.91 -44.64
N THR F 84 36.69 -36.66 -44.52
CA THR F 84 36.12 -35.55 -45.26
C THR F 84 37.23 -34.68 -45.81
N SER F 85 37.10 -34.30 -47.08
CA SER F 85 38.04 -33.38 -47.75
C SER F 85 39.47 -33.90 -47.67
N LEU F 86 39.70 -35.04 -48.30
CA LEU F 86 41.04 -35.62 -48.34
C LEU F 86 41.98 -34.73 -49.15
N ARG F 87 43.23 -34.66 -48.70
CA ARG F 87 44.25 -33.85 -49.33
C ARG F 87 45.31 -34.74 -49.97
N SER F 88 46.28 -34.09 -50.64
CA SER F 88 47.37 -34.83 -51.27
C SER F 88 48.27 -35.50 -50.23
N GLU F 89 48.46 -34.86 -49.08
CA GLU F 89 49.30 -35.43 -48.03
C GLU F 89 48.70 -36.68 -47.40
N ASP F 90 47.41 -36.96 -47.63
CA ASP F 90 46.77 -38.14 -47.08
C ASP F 90 47.03 -39.38 -47.91
N THR F 91 47.73 -39.27 -49.04
CA THR F 91 48.03 -40.43 -49.88
C THR F 91 49.09 -41.30 -49.20
N ALA F 92 48.63 -42.33 -48.50
CA ALA F 92 49.53 -43.23 -47.78
C ALA F 92 48.79 -44.53 -47.51
N MET F 93 49.54 -45.53 -47.03
CA MET F 93 48.99 -46.84 -46.74
C MET F 93 48.68 -46.94 -45.26
N TYR F 94 47.46 -47.35 -44.93
CA TYR F 94 46.92 -47.30 -43.58
C TYR F 94 47.17 -48.61 -42.83
N TYR F 95 47.21 -48.51 -41.51
CA TYR F 95 47.37 -49.66 -40.63
C TYR F 95 46.23 -49.72 -39.63
N CYS F 96 45.79 -50.92 -39.30
CA CYS F 96 44.83 -51.17 -38.25
C CYS F 96 45.56 -51.78 -37.05
N VAL F 97 45.39 -51.17 -35.88
CA VAL F 97 46.20 -51.50 -34.71
C VAL F 97 45.28 -51.93 -33.58
N ARG F 98 45.64 -53.03 -32.92
CA ARG F 98 44.94 -53.54 -31.75
C ARG F 98 45.75 -53.23 -30.50
N SER F 99 45.05 -52.85 -29.42
CA SER F 99 45.72 -52.50 -28.18
C SER F 99 44.77 -52.68 -27.02
N ILE F 100 45.35 -52.88 -25.82
CA ILE F 100 44.61 -52.98 -24.58
C ILE F 100 45.42 -52.26 -23.50
N TYR F 101 44.72 -51.80 -22.46
CA TYR F 101 45.33 -50.98 -21.41
C TYR F 101 44.92 -51.51 -20.04
N TYR F 102 45.84 -52.20 -19.38
CA TYR F 102 45.71 -52.58 -17.98
C TYR F 102 47.10 -52.89 -17.45
N TYR F 103 47.18 -53.19 -16.15
CA TYR F 103 48.47 -53.43 -15.52
C TYR F 103 49.09 -54.71 -16.08
N GLY F 104 50.30 -54.61 -16.60
CA GLY F 104 50.97 -55.74 -17.21
C GLY F 104 50.58 -56.04 -18.63
N SER F 105 49.78 -55.19 -19.26
CA SER F 105 49.33 -55.41 -20.62
C SER F 105 50.45 -55.13 -21.62
N SER F 106 50.18 -55.44 -22.88
CA SER F 106 51.13 -55.24 -23.98
C SER F 106 50.42 -54.45 -25.07
N PRO F 107 50.36 -53.13 -24.95
CA PRO F 107 49.71 -52.32 -25.98
C PRO F 107 50.45 -52.40 -27.31
N PHE F 108 49.69 -52.22 -28.39
CA PHE F 108 50.24 -52.23 -29.76
C PHE F 108 50.93 -53.55 -30.07
N ASP F 109 50.35 -54.65 -29.59
CA ASP F 109 50.95 -55.97 -29.78
C ASP F 109 50.51 -56.66 -31.07
N PHE F 110 49.56 -56.10 -31.81
CA PHE F 110 49.11 -56.70 -33.04
C PHE F 110 48.70 -55.61 -34.02
N TRP F 111 49.12 -55.75 -35.28
CA TRP F 111 48.81 -54.79 -36.33
C TRP F 111 48.15 -55.49 -37.50
N GLY F 112 47.24 -54.78 -38.16
CA GLY F 112 46.54 -55.34 -39.29
C GLY F 112 47.40 -55.39 -40.54
N GLN F 113 46.89 -56.10 -41.55
CA GLN F 113 47.63 -56.26 -42.80
C GLN F 113 47.81 -54.91 -43.50
N GLY F 114 46.77 -54.08 -43.52
CA GLY F 114 46.90 -52.73 -44.03
C GLY F 114 46.45 -52.53 -45.46
N THR F 115 45.72 -51.43 -45.70
CA THR F 115 45.25 -51.07 -47.03
C THR F 115 45.92 -49.78 -47.49
N THR F 116 46.02 -49.62 -48.80
CA THR F 116 46.73 -48.49 -49.40
C THR F 116 45.73 -47.46 -49.91
N LEU F 117 45.90 -46.21 -49.49
CA LEU F 117 45.06 -45.10 -49.90
C LEU F 117 45.83 -44.23 -50.88
N THR F 118 45.22 -43.96 -52.03
CA THR F 118 45.86 -43.15 -53.07
C THR F 118 44.99 -41.96 -53.44
N GLY F 135 55.50 -28.31 -31.35
CA GLY F 135 55.44 -27.42 -30.20
C GLY F 135 55.16 -28.15 -28.90
N SER F 136 53.86 -28.23 -28.54
CA SER F 136 53.49 -28.92 -27.31
C SER F 136 53.72 -30.42 -27.40
N ASP F 137 53.61 -30.99 -28.60
CA ASP F 137 53.81 -32.41 -28.77
C ASP F 137 55.28 -32.78 -28.56
N ILE F 138 55.49 -33.97 -28.00
CA ILE F 138 56.84 -34.45 -27.76
C ILE F 138 57.48 -34.86 -29.08
N VAL F 139 58.66 -34.32 -29.35
CA VAL F 139 59.36 -34.60 -30.61
C VAL F 139 60.23 -35.84 -30.43
N MET F 140 60.03 -36.82 -31.30
CA MET F 140 60.81 -38.05 -31.30
C MET F 140 61.83 -37.97 -32.43
N THR F 141 63.11 -38.04 -32.08
CA THR F 141 64.19 -37.87 -33.04
C THR F 141 65.15 -39.05 -32.93
N GLN F 142 65.47 -39.65 -34.09
CA GLN F 142 66.47 -40.71 -34.18
C GLN F 142 67.63 -40.19 -35.03
N ALA F 143 68.80 -40.05 -34.40
CA ALA F 143 69.95 -39.47 -35.09
C ALA F 143 70.47 -40.34 -36.21
N THR F 144 70.20 -41.64 -36.18
CA THR F 144 70.72 -42.58 -37.16
C THR F 144 69.59 -42.99 -38.12
N SER F 145 69.88 -42.92 -39.42
CA SER F 145 68.92 -43.28 -40.45
C SER F 145 69.10 -44.70 -40.97
N SER F 146 70.33 -45.15 -41.14
CA SER F 146 70.60 -46.49 -41.62
C SER F 146 71.91 -46.99 -41.03
N VAL F 147 72.01 -48.32 -40.89
CA VAL F 147 73.21 -48.96 -40.35
C VAL F 147 73.50 -50.23 -41.14
N PRO F 148 74.70 -50.36 -41.73
CA PRO F 148 75.07 -51.63 -42.37
C PRO F 148 75.38 -52.68 -41.32
N VAL F 149 74.85 -53.89 -41.52
CA VAL F 149 74.98 -54.97 -40.55
C VAL F 149 75.44 -56.23 -41.26
N THR F 150 76.00 -57.14 -40.48
CA THR F 150 76.45 -58.45 -40.94
C THR F 150 75.95 -59.51 -39.98
N PRO F 151 75.72 -60.73 -40.48
CA PRO F 151 75.24 -61.80 -39.58
C PRO F 151 76.26 -62.10 -38.48
N GLY F 152 75.74 -62.39 -37.30
CA GLY F 152 76.57 -62.71 -36.15
C GLY F 152 77.17 -61.53 -35.43
N GLU F 153 76.85 -60.30 -35.84
CA GLU F 153 77.39 -59.10 -35.22
C GLU F 153 76.44 -58.56 -34.17
N SER F 154 76.83 -57.45 -33.55
CA SER F 154 76.02 -56.78 -32.54
C SER F 154 75.83 -55.33 -32.95
N VAL F 155 74.58 -54.86 -32.91
CA VAL F 155 74.24 -53.50 -33.30
C VAL F 155 73.38 -52.87 -32.21
N SER F 156 73.62 -51.60 -31.93
CA SER F 156 72.87 -50.84 -30.94
C SER F 156 72.14 -49.69 -31.63
N ILE F 157 70.84 -49.57 -31.37
CA ILE F 157 70.01 -48.52 -31.93
C ILE F 157 69.61 -47.57 -30.81
N SER F 158 69.90 -46.28 -30.99
CA SER F 158 69.64 -45.27 -29.98
C SER F 158 68.43 -44.43 -30.38
N CYS F 159 67.50 -44.26 -29.44
CA CYS F 159 66.31 -43.44 -29.65
C CYS F 159 66.25 -42.39 -28.54
N ARG F 160 65.99 -41.15 -28.92
CA ARG F 160 65.98 -40.04 -27.98
C ARG F 160 64.65 -39.28 -28.10
N SER F 161 64.24 -38.67 -27.00
CA SER F 161 63.00 -37.91 -26.93
C SER F 161 63.27 -36.52 -26.39
N SER F 162 62.43 -35.56 -26.82
CA SER F 162 62.59 -34.18 -26.37
C SER F 162 62.17 -34.00 -24.92
N LYS F 163 61.38 -34.92 -24.37
CA LYS F 163 60.91 -34.84 -23.00
C LYS F 163 61.16 -36.16 -22.29
N SER F 164 61.55 -36.09 -21.02
CA SER F 164 61.78 -37.31 -20.25
C SER F 164 60.50 -38.11 -20.13
N LEU F 165 60.60 -39.42 -20.37
CA LEU F 165 59.45 -40.31 -20.36
C LEU F 165 59.26 -41.02 -19.02
N LEU F 166 60.11 -40.75 -18.03
CA LEU F 166 60.02 -41.41 -16.74
C LEU F 166 58.93 -40.73 -15.91
N HIS F 167 57.85 -41.46 -15.65
CA HIS F 167 56.75 -40.95 -14.85
C HIS F 167 56.99 -41.23 -13.37
N SER F 168 56.19 -40.57 -12.52
CA SER F 168 56.32 -40.74 -11.08
C SER F 168 55.95 -42.15 -10.63
N ASN F 169 55.18 -42.89 -11.44
CA ASN F 169 54.79 -44.24 -11.05
C ASN F 169 55.96 -45.22 -11.07
N GLY F 170 57.07 -44.84 -11.70
CA GLY F 170 58.24 -45.70 -11.78
C GLY F 170 58.41 -46.44 -13.08
N ASN F 171 57.51 -46.27 -14.04
CA ASN F 171 57.59 -46.93 -15.33
C ASN F 171 57.63 -45.90 -16.45
N THR F 172 58.40 -46.21 -17.48
CA THR F 172 58.54 -45.37 -18.66
C THR F 172 57.67 -45.89 -19.79
N TYR F 173 57.50 -45.06 -20.81
CA TYR F 173 56.60 -45.34 -21.93
C TYR F 173 57.42 -45.39 -23.21
N LEU F 174 57.93 -46.57 -23.54
CA LEU F 174 58.70 -46.79 -24.76
C LEU F 174 58.18 -48.03 -25.48
N TYR F 175 58.05 -47.93 -26.80
CA TYR F 175 57.58 -49.04 -27.63
C TYR F 175 58.50 -49.19 -28.84
N TRP F 176 58.73 -50.43 -29.25
CA TRP F 176 59.61 -50.72 -30.37
C TRP F 176 58.89 -51.61 -31.38
N PHE F 177 59.09 -51.30 -32.67
CA PHE F 177 58.53 -52.08 -33.76
C PHE F 177 59.62 -52.36 -34.78
N LEU F 178 59.48 -53.48 -35.48
CA LEU F 178 60.41 -53.87 -36.53
C LEU F 178 59.63 -53.94 -37.84
N GLN F 179 60.09 -53.19 -38.84
CA GLN F 179 59.38 -53.09 -40.12
C GLN F 179 59.89 -54.19 -41.05
N ARG F 180 59.17 -55.31 -41.08
CA ARG F 180 59.45 -56.35 -42.06
C ARG F 180 59.16 -55.82 -43.46
N PRO F 181 59.98 -56.16 -44.46
CA PRO F 181 59.71 -55.68 -45.82
C PRO F 181 58.53 -56.38 -46.47
N GLY F 182 57.42 -55.66 -46.61
CA GLY F 182 56.24 -56.18 -47.28
C GLY F 182 55.10 -56.59 -46.38
N GLN F 183 55.19 -56.37 -45.08
CA GLN F 183 54.09 -56.70 -44.17
C GLN F 183 54.11 -55.72 -42.99
N SER F 184 53.23 -55.96 -42.04
CA SER F 184 53.03 -55.02 -40.95
C SER F 184 54.15 -55.13 -39.91
N PRO F 185 54.45 -54.04 -39.20
CA PRO F 185 55.44 -54.11 -38.11
C PRO F 185 54.92 -54.96 -36.96
N GLN F 186 55.87 -55.49 -36.18
CA GLN F 186 55.57 -56.32 -35.03
C GLN F 186 56.20 -55.72 -33.79
N LEU F 187 55.44 -55.72 -32.68
CA LEU F 187 55.96 -55.22 -31.41
C LEU F 187 57.08 -56.11 -30.91
N LEU F 188 58.16 -55.49 -30.42
CA LEU F 188 59.30 -56.22 -29.88
C LEU F 188 59.48 -55.98 -28.40
N ILE F 189 59.61 -54.73 -27.97
CA ILE F 189 59.78 -54.37 -26.57
C ILE F 189 58.81 -53.25 -26.23
N TYR F 190 58.07 -53.42 -25.14
CA TYR F 190 57.19 -52.40 -24.61
C TYR F 190 57.63 -52.03 -23.21
N ARG F 191 57.52 -50.75 -22.87
CA ARG F 191 57.97 -50.20 -21.58
C ARG F 191 59.46 -50.39 -21.37
N MET F 192 60.21 -50.58 -22.46
CA MET F 192 61.67 -50.53 -22.59
C MET F 192 62.35 -51.64 -21.79
N SER F 193 61.58 -52.41 -21.02
CA SER F 193 62.15 -53.47 -20.19
C SER F 193 61.31 -54.74 -20.19
N ASN F 194 60.27 -54.81 -21.01
CA ASN F 194 59.40 -55.97 -21.10
C ASN F 194 59.35 -56.46 -22.54
N LEU F 195 59.54 -57.76 -22.73
CA LEU F 195 59.52 -58.35 -24.05
C LEU F 195 58.10 -58.75 -24.44
N ALA F 196 57.73 -58.47 -25.68
CA ALA F 196 56.40 -58.80 -26.15
C ALA F 196 56.26 -60.31 -26.34
N SER F 197 55.00 -60.76 -26.33
CA SER F 197 54.72 -62.18 -26.50
C SER F 197 55.15 -62.65 -27.89
N GLY F 198 55.81 -63.80 -27.93
CA GLY F 198 56.32 -64.34 -29.17
C GLY F 198 57.65 -63.79 -29.62
N VAL F 199 58.21 -62.83 -28.89
CA VAL F 199 59.51 -62.24 -29.24
C VAL F 199 60.60 -62.99 -28.49
N PRO F 200 61.68 -63.40 -29.16
CA PRO F 200 62.75 -64.11 -28.47
C PRO F 200 63.42 -63.24 -27.42
N ASP F 201 64.00 -63.90 -26.42
CA ASP F 201 64.66 -63.21 -25.31
C ASP F 201 65.92 -62.45 -25.74
N ARG F 202 66.39 -62.68 -26.97
CA ARG F 202 67.58 -61.98 -27.45
C ARG F 202 67.38 -60.47 -27.44
N PHE F 203 66.21 -60.00 -27.89
CA PHE F 203 65.94 -58.57 -27.94
C PHE F 203 65.88 -57.98 -26.54
N SER F 204 66.50 -56.82 -26.38
CA SER F 204 66.53 -56.14 -25.09
C SER F 204 66.67 -54.64 -25.31
N GLY F 205 66.32 -53.87 -24.28
CA GLY F 205 66.41 -52.43 -24.33
C GLY F 205 66.85 -51.85 -23.01
N SER F 206 67.44 -50.66 -23.09
CA SER F 206 67.93 -49.97 -21.90
C SER F 206 67.89 -48.47 -22.14
N GLY F 207 67.87 -47.72 -21.05
CA GLY F 207 67.85 -46.27 -21.12
C GLY F 207 67.51 -45.67 -19.77
N SER F 208 67.60 -44.35 -19.71
CA SER F 208 67.27 -43.62 -18.49
C SER F 208 66.88 -42.20 -18.87
N GLY F 209 65.60 -41.87 -18.75
CA GLY F 209 65.11 -40.52 -18.98
C GLY F 209 64.91 -40.17 -20.44
N THR F 210 65.99 -39.95 -21.17
CA THR F 210 65.90 -39.58 -22.58
C THR F 210 66.87 -40.32 -23.48
N ALA F 211 67.88 -41.00 -22.95
CA ALA F 211 68.88 -41.71 -23.75
C ALA F 211 68.55 -43.20 -23.71
N PHE F 212 67.67 -43.63 -24.61
CA PHE F 212 67.23 -45.00 -24.70
C PHE F 212 67.97 -45.72 -25.82
N THR F 213 68.37 -46.97 -25.56
CA THR F 213 69.10 -47.76 -26.53
C THR F 213 68.52 -49.18 -26.57
N LEU F 214 68.70 -49.83 -27.71
CA LEU F 214 68.24 -51.20 -27.92
C LEU F 214 69.42 -52.04 -28.38
N THR F 215 69.61 -53.19 -27.75
CA THR F 215 70.77 -54.04 -27.97
C THR F 215 70.34 -55.34 -28.66
N ILE F 216 71.05 -55.70 -29.73
CA ILE F 216 70.81 -56.93 -30.46
C ILE F 216 72.12 -57.69 -30.57
N SER F 217 72.08 -58.99 -30.31
CA SER F 217 73.25 -59.85 -30.41
C SER F 217 72.96 -61.01 -31.36
N ARG F 218 73.99 -61.47 -32.06
CA ARG F 218 73.90 -62.58 -33.00
C ARG F 218 72.87 -62.29 -34.10
N LEU F 219 73.19 -61.26 -34.89
CA LEU F 219 72.32 -60.84 -35.98
C LEU F 219 72.06 -62.00 -36.95
N GLU F 220 70.81 -62.14 -37.37
CA GLU F 220 70.39 -63.16 -38.31
C GLU F 220 69.92 -62.52 -39.61
N ALA F 221 69.62 -63.36 -40.59
CA ALA F 221 69.15 -62.87 -41.88
C ALA F 221 67.76 -62.24 -41.77
N GLU F 222 66.89 -62.80 -40.93
CA GLU F 222 65.54 -62.29 -40.78
C GLU F 222 65.51 -60.98 -39.99
N ASP F 223 66.58 -60.67 -39.26
CA ASP F 223 66.60 -59.48 -38.41
C ASP F 223 66.60 -58.17 -39.19
N VAL F 224 66.80 -58.22 -40.51
CA VAL F 224 66.83 -56.99 -41.30
C VAL F 224 65.45 -56.32 -41.26
N GLY F 225 65.46 -55.01 -41.09
CA GLY F 225 64.22 -54.25 -41.02
C GLY F 225 64.49 -52.83 -40.58
N VAL F 226 63.39 -52.12 -40.30
CA VAL F 226 63.43 -50.74 -39.85
C VAL F 226 62.81 -50.67 -38.46
N TYR F 227 63.50 -50.03 -37.53
CA TYR F 227 63.07 -49.94 -36.15
C TYR F 227 62.47 -48.57 -35.86
N TYR F 228 61.32 -48.56 -35.20
CA TYR F 228 60.63 -47.34 -34.83
C TYR F 228 60.38 -47.32 -33.33
N CYS F 229 60.56 -46.16 -32.71
CA CYS F 229 60.36 -45.98 -31.28
C CYS F 229 59.29 -44.91 -31.05
N MET F 230 58.42 -45.17 -30.08
CA MET F 230 57.34 -44.25 -29.73
C MET F 230 57.44 -43.85 -28.26
N GLN F 231 56.62 -42.87 -27.90
CA GLN F 231 56.43 -42.43 -26.53
C GLN F 231 54.95 -42.39 -26.23
N HIS F 232 54.60 -42.57 -24.95
CA HIS F 232 53.20 -42.60 -24.56
C HIS F 232 52.90 -41.68 -23.37
N LEU F 233 53.91 -41.03 -22.79
CA LEU F 233 53.66 -40.06 -21.73
C LEU F 233 52.83 -38.91 -22.26
N GLU F 234 51.93 -38.39 -21.41
CA GLU F 234 50.86 -37.50 -21.87
C GLU F 234 50.13 -38.21 -23.00
N TYR F 235 49.74 -37.48 -24.05
CA TYR F 235 49.26 -38.23 -25.20
C TYR F 235 49.58 -37.53 -26.52
N PRO F 236 50.86 -37.15 -26.79
CA PRO F 236 51.22 -36.78 -28.16
C PRO F 236 51.83 -37.94 -28.93
N LEU F 237 51.02 -38.92 -29.34
CA LEU F 237 51.56 -40.11 -29.98
C LEU F 237 52.23 -39.78 -31.32
N THR F 238 53.57 -39.84 -31.34
CA THR F 238 54.35 -39.59 -32.54
C THR F 238 55.37 -40.72 -32.71
N PHE F 239 55.69 -41.02 -33.96
CA PHE F 239 56.67 -42.04 -34.28
C PHE F 239 58.04 -41.42 -34.48
N GLY F 240 59.06 -42.28 -34.42
CA GLY F 240 60.43 -41.85 -34.63
C GLY F 240 60.79 -41.75 -36.10
N ALA F 241 62.02 -41.28 -36.34
CA ALA F 241 62.49 -41.15 -37.72
C ALA F 241 62.60 -42.51 -38.40
N GLY F 242 63.08 -43.52 -37.68
CA GLY F 242 63.24 -44.85 -38.23
C GLY F 242 64.66 -45.13 -38.69
N THR F 243 65.25 -46.21 -38.22
CA THR F 243 66.60 -46.59 -38.57
C THR F 243 66.58 -47.88 -39.40
N LYS F 244 67.23 -47.83 -40.55
CA LYS F 244 67.29 -49.00 -41.43
C LYS F 244 68.40 -49.93 -40.99
N LEU F 245 68.06 -51.21 -40.82
CA LEU F 245 69.03 -52.20 -40.37
C LEU F 245 69.25 -53.26 -41.45
C14 HZR G . -5.16 -13.11 -2.73
C11 HZR G . -5.44 -15.83 -2.27
C10 HZR G . -4.29 -15.18 -1.87
C12 HZR G . -6.45 -15.12 -2.89
C13 HZR G . -6.31 -13.76 -3.12
C02 HZR G . -0.87 -22.20 0.46
C03 HZR G . -0.87 -20.69 0.27
C05 HZR G . -2.15 -19.98 -0.02
C07 HZR G . -2.90 -17.56 0.70
C08 HZR G . -3.82 -16.61 -0.06
C09 HZR G . -3.16 -15.96 -1.18
C15 HZR G . -4.14 -13.81 -2.10
C16 HZR G . -2.51 -16.88 -2.09
C17 HZR G . -1.53 -17.81 -1.38
C18 HZR G . -3.42 -20.75 -0.14
C19 HZR G . -3.41 -22.26 0.06
C21 HZR G . -2.14 -24.41 0.54
C22 HZR G . -3.10 -25.03 -0.47
C23 HZR G . -3.34 -26.52 -0.22
C24 HZR G . -4.12 -27.17 -1.36
N06 HZR G . -2.19 -18.53 -0.22
N20 HZR G . -2.13 -22.96 0.36
O01 HZR G . 0.15 -22.76 0.69
CL4 HZR G . 0.66 -19.77 0.40
N GLU H . -25.69 72.63 20.20
CA GLU H . -26.91 72.02 19.73
C GLU H . -27.29 72.61 18.37
O GLU H . -28.40 72.34 17.85
CB GLU H . -28.04 72.30 20.73
CG GLU H . -27.91 73.68 21.37
CD GLU H . -29.00 73.95 22.40
OE1 GLU H . -28.77 73.78 23.62
OE2 GLU H . -30.13 74.36 22.02
OXT GLU H . -26.49 73.37 17.77
C1 CLR I . -18.16 -10.90 8.28
C2 CLR I . -18.80 -9.53 8.51
C3 CLR I . -19.38 -9.41 9.89
C4 CLR I . -18.30 -9.68 10.92
C5 CLR I . -17.64 -11.02 10.70
C6 CLR I . -17.57 -11.92 11.66
C7 CLR I . -16.84 -13.22 11.58
C8 CLR I . -15.93 -13.29 10.36
C9 CLR I . -16.66 -12.74 9.13
C10 CLR I . -17.07 -11.25 9.30
C11 CLR I . -15.84 -12.98 7.84
C12 CLR I . -15.41 -14.43 7.66
C13 CLR I . -14.61 -14.94 8.87
C14 CLR I . -15.51 -14.74 10.10
C15 CLR I . -14.81 -15.52 11.20
C16 CLR I . -14.27 -16.77 10.47
C17 CLR I . -14.35 -16.48 8.94
C18 CLR I . -13.28 -14.17 9.01
C19 CLR I . -15.86 -10.31 9.11
C20 CLR I . -13.19 -17.12 8.17
C21 CLR I . -13.26 -16.90 6.66
C22 CLR I . -13.10 -18.62 8.47
C23 CLR I . -14.25 -19.44 7.92
C24 CLR I . -13.94 -20.92 7.82
C25 CLR I . -13.50 -21.40 6.43
C26 CLR I . -12.20 -20.76 5.99
C27 CLR I . -14.58 -21.17 5.39
O1 CLR I . -19.93 -8.10 10.08
C2 PEF J . -11.62 -44.27 -1.97
C1 PEF J . -11.55 -45.78 -1.59
N PEF J . -12.18 -50.86 -2.80
C3 PEF J . -13.04 -43.66 -1.77
C4 PEF J . -12.20 -49.29 -0.88
C5 PEF J . -11.40 -50.38 -1.65
C10 PEF J . -9.75 -42.71 -1.79
C11 PEF J . -10.17 -41.94 -3.12
C12 PEF J . -8.95 -41.30 -3.82
C13 PEF J . -8.64 -39.87 -3.26
C14 PEF J . -9.55 -38.79 -3.89
C15 PEF J . -9.89 -37.66 -2.89
C16 PEF J . -10.84 -36.59 -3.54
C17 PEF J . -10.58 -36.45 -5.07
C18 PEF J . -10.50 -34.93 -5.52
C19 PEF J . -9.71 -34.08 -4.51
C20 PEF J . -9.70 -32.57 -4.90
C21 PEF J . -10.94 -31.81 -4.37
C22 PEF J . -11.26 -30.57 -5.24
C23 PEF J . -12.70 -30.02 -5.01
C24 PEF J . -12.81 -28.53 -5.45
C25 PEF J . -13.91 -28.30 -6.50
C30 PEF J . -13.88 -41.87 -0.49
C31 PEF J . -13.68 -40.81 0.62
C32 PEF J . -12.99 -39.53 0.10
C33 PEF J . -13.95 -38.58 -0.69
C34 PEF J . -13.39 -37.16 -0.80
C35 PEF J . -14.09 -36.30 -1.88
C36 PEF J . -15.52 -36.83 -2.26
C37 PEF J . -15.81 -36.77 -3.78
C38 PEF J . -14.49 -36.65 -4.66
C39 PEF J . -14.80 -36.63 -6.19
C40 PEF J . -15.81 -35.49 -6.59
C41 PEF J . -15.25 -34.07 -6.32
C42 PEF J . -16.17 -32.96 -6.89
C43 PEF J . -15.40 -31.62 -7.13
C44 PEF J . -16.12 -30.68 -8.14
C45 PEF J . -16.91 -31.47 -9.22
O4 PEF J . -8.67 -42.57 -1.37
O5 PEF J . -14.69 -41.69 -1.34
O2 PEF J . -10.71 -43.56 -1.10
O3 PEF J . -13.12 -43.06 -0.50
O1P PEF J . -11.37 -47.03 2.10
O2P PEF J . -13.32 -47.06 0.59
O3P PEF J . -11.14 -45.91 -0.24
O4P PEF J . -11.33 -48.62 0.02
P PEF J . -11.81 -47.14 0.65
C1 NAG K . -15.54 44.12 24.57
C2 NAG K . -14.07 44.12 24.14
C3 NAG K . -13.20 44.86 25.15
C4 NAG K . -13.57 44.48 26.59
C5 NAG K . -15.07 44.61 26.83
C6 NAG K . -15.42 45.61 27.90
C7 NAG K . -13.69 42.12 22.76
C8 NAG K . -13.14 40.73 22.73
N2 NAG K . -13.58 42.77 23.93
O3 NAG K . -13.34 46.26 24.97
O4 NAG K . -13.17 43.14 26.85
O5 NAG K . -15.71 45.04 25.63
O6 NAG K . -16.78 45.50 28.29
O7 NAG K . -14.20 42.64 21.78
C1 CLR L . -6.85 -17.87 -9.37
C2 CLR L . -7.66 -16.61 -9.06
C3 CLR L . -6.76 -15.44 -8.73
C4 CLR L . -5.60 -15.89 -7.85
C5 CLR L . -5.85 -17.23 -7.20
C6 CLR L . -5.88 -17.37 -5.88
C7 CLR L . -6.24 -18.63 -5.16
C8 CLR L . -6.28 -19.86 -6.06
C9 CLR L . -6.87 -19.50 -7.43
C10 CLR L . -6.06 -18.40 -8.16
C11 CLR L . -7.07 -20.76 -8.30
C12 CLR L . -7.88 -21.85 -7.58
C13 CLR L . -7.25 -22.26 -6.25
C14 CLR L . -7.12 -20.95 -5.42
C15 CLR L . -6.77 -21.44 -4.02
C16 CLR L . -7.60 -22.73 -3.87
C17 CLR L . -8.14 -23.10 -5.27
C18 CLR L . -5.87 -22.90 -6.48
C19 CLR L . -4.68 -18.92 -8.62
C20 CLR L . -8.35 -24.63 -5.42
C21 CLR L . -7.26 -25.46 -4.76
C22 CLR L . -8.54 -25.04 -6.89
C23 CLR L . -8.96 -26.47 -7.11
C24 CLR L . -8.88 -26.90 -8.56
C25 CLR L . -9.66 -26.05 -9.54
C26 CLR L . -11.16 -26.10 -9.27
C27 CLR L . -9.37 -26.45 -10.98
O1 CLR L . -6.25 -14.86 -9.93
C1 CLR M . -13.91 -12.52 15.22
C2 CLR M . -14.03 -11.04 15.59
C3 CLR M . -15.44 -10.67 15.95
C4 CLR M . -15.91 -11.53 17.10
C5 CLR M . -15.78 -13.01 16.80
C6 CLR M . -16.81 -13.82 16.92
C7 CLR M . -16.76 -15.30 16.75
C8 CLR M . -15.33 -15.84 16.67
C9 CLR M . -14.49 -14.92 15.77
C10 CLR M . -14.40 -13.48 16.34
C11 CLR M . -13.11 -15.53 15.47
C12 CLR M . -13.19 -16.96 14.93
C13 CLR M . -13.94 -17.88 15.90
C14 CLR M . -15.34 -17.25 16.09
C15 CLR M . -16.14 -18.34 16.82
C16 CLR M . -15.59 -19.66 16.21
C17 CLR M . -14.35 -19.28 15.36
C18 CLR M . -13.17 -18.02 17.22
C19 CLR M . -13.44 -13.40 17.55
C20 CLR M . -13.32 -20.44 15.30
C21 CLR M . -12.28 -20.27 14.20
C22 CLR M . -14.04 -21.78 15.17
C23 CLR M . -13.18 -23.00 15.44
C24 CLR M . -13.96 -24.29 15.35
C25 CLR M . -13.18 -25.56 15.74
C26 CLR M . -11.95 -25.74 14.85
C27 CLR M . -14.07 -26.79 15.70
O1 CLR M . -15.50 -9.29 16.31
C1 CLR N . -12.35 -14.12 -11.67
C2 CLR N . -12.12 -12.62 -11.49
C3 CLR N . -12.26 -12.21 -10.05
C4 CLR N . -11.30 -13.00 -9.19
C5 CLR N . -11.47 -14.49 -9.37
C6 CLR N . -11.65 -15.28 -8.33
C7 CLR N . -11.72 -16.78 -8.38
C8 CLR N . -11.30 -17.33 -9.74
C9 CLR N . -11.91 -16.48 -10.86
C10 CLR N . -11.42 -15.00 -10.81
C11 CLR N . -11.73 -17.12 -12.24
C12 CLR N . -12.19 -18.58 -12.30
C13 CLR N . -11.46 -19.44 -11.25
C14 CLR N . -11.75 -18.78 -9.89
C15 CLR N . -11.28 -19.80 -8.86
C16 CLR N . -11.53 -21.16 -9.54
C17 CLR N . -12.04 -20.86 -10.97
C18 CLR N . -9.95 -19.48 -11.56
C19 CLR N . -9.97 -14.87 -11.30
C20 CLR N . -11.87 -22.06 -11.93
C21 CLR N . -10.50 -22.71 -11.89
C22 CLR N . -12.28 -21.72 -13.37
C23 CLR N . -12.29 -22.87 -14.33
C24 CLR N . -12.95 -22.54 -15.65
C25 CLR N . -12.35 -21.37 -16.42
C26 CLR N . -13.14 -21.09 -17.69
C27 CLR N . -10.89 -21.61 -16.74
O1 CLR N . -12.01 -10.80 -9.91
N GLU O . -25.40 74.68 -11.73
CA GLU O . -24.08 74.25 -11.27
C GLU O . -23.73 75.00 -10.00
O GLU O . -22.58 74.86 -9.48
CB GLU O . -23.05 74.56 -12.35
CG GLU O . -22.88 76.06 -12.57
CD GLU O . -21.90 76.35 -13.72
OE1 GLU O . -20.67 76.45 -13.48
OE2 GLU O . -22.33 76.49 -14.89
OXT GLU O . -24.56 75.78 -9.46
C1 NAG P . -47.99 79.09 -21.90
C2 NAG P . -48.73 78.07 -21.03
C3 NAG P . -49.97 77.52 -21.76
C4 NAG P . -49.63 77.03 -23.16
C5 NAG P . -48.73 78.02 -23.88
C6 NAG P . -49.25 78.38 -25.26
C7 NAG P . -47.64 76.63 -19.37
C8 NAG P . -46.71 75.48 -19.15
N2 NAG P . -47.86 76.98 -20.65
O3 NAG P . -50.97 78.54 -21.83
O4 NAG P . -48.96 75.77 -23.08
O5 NAG P . -48.68 79.24 -23.13
O6 NAG P . -49.57 77.22 -26.02
O7 NAG P . -48.18 77.22 -18.44
C01 BQI Q . -18.60 -23.24 0.91
C02 BQI Q . -18.11 -23.28 -0.53
C04 BQI Q . -18.17 -22.46 -2.65
C06 BQI Q . -16.77 -24.22 -2.24
C07 BQI Q . -17.18 -24.23 -0.92
C09 BQI Q . -17.79 -20.64 -4.31
C11 BQI Q . -17.02 -19.17 -5.87
C12 BQI Q . -15.81 -19.34 -5.18
C14 BQI Q . -14.46 -18.69 -5.48
C15 BQI Q . -17.16 -18.25 -7.08
C16 BQI Q . -17.69 -18.58 -8.34
C19 BQI Q . -16.79 -16.88 -7.17
N03 BQI Q . -18.59 -22.42 -1.40
N05 BQI Q . -17.28 -23.33 -3.08
N08 BQI Q . -18.71 -21.50 -3.59
N10 BQI Q . -18.07 -19.88 -5.37
N17 BQI Q . -17.62 -17.49 -9.07
N18 BQI Q . -17.08 -16.49 -8.38
S13 BQI Q . -16.15 -20.43 -3.94
C1 CLR R . -20.50 -16.85 14.83
C2 CLR R . -21.39 -15.62 15.10
C3 CLR R . -20.93 -14.43 14.30
C4 CLR R . -20.93 -14.78 12.83
C5 CLR R . -20.08 -15.99 12.54
C6 CLR R . -19.10 -15.94 11.65
C7 CLR R . -18.26 -17.10 11.23
C8 CLR R . -18.82 -18.44 11.71
C9 CLR R . -19.29 -18.31 13.18
C10 CLR R . -20.41 -17.25 13.34
C11 CLR R . -19.67 -19.68 13.76
C12 CLR R . -18.59 -20.74 13.59
C13 CLR R . -18.20 -20.91 12.11
C14 CLR R . -17.74 -19.52 11.63
C15 CLR R . -17.08 -19.78 10.29
C16 CLR R . -16.31 -21.10 10.53
C17 CLR R . -16.91 -21.74 11.81
C18 CLR R . -19.37 -21.45 11.29
C19 CLR R . -21.77 -17.77 12.85
C20 CLR R . -16.98 -23.27 11.72
C21 CLR R . -17.03 -23.98 13.07
C22 CLR R . -15.80 -23.80 10.88
C23 CLR R . -15.96 -25.21 10.34
C24 CLR R . -14.93 -25.56 9.30
C25 CLR R . -15.08 -26.94 8.65
C26 CLR R . -14.08 -27.13 7.52
C27 CLR R . -14.92 -28.05 9.68
O1 CLR R . -21.81 -13.31 14.54
#